data_5TVP
#
_entry.id   5TVP
#
_cell.length_a   106.547
_cell.length_b   113.772
_cell.length_c   125.434
_cell.angle_alpha   90.000
_cell.angle_beta   91.520
_cell.angle_gamma   90.000
#
_symmetry.space_group_name_H-M   'P 1 21 1'
#
loop_
_entity.id
_entity.type
_entity.pdbx_description
1 polymer 'Tyrosyl-DNA phosphodiesterase 2'
2 polymer "DNA (5'-D(P*CP*CP*GP*AP*AP*TP*TP*CP*G)-3')"
3 polymer 'Small ubiquitin-related modifier 2'
4 non-polymer 'PHOSPHATE ION'
5 non-polymer 1,2-ETHANEDIOL
6 non-polymer 'CHLORIDE ION'
7 water water
#
loop_
_entity_poly.entity_id
_entity_poly.type
_entity_poly.pdbx_seq_one_letter_code
_entity_poly.pdbx_strand_id
1 'polypeptide(L)'
;SKGLEDSSTISFITWNIDGLDGCNLPERARGVCSCLALYSPDVVFLQEVIPPYCAYLKKRAASYTIITGNEEGYFTAILL
KKGRVKFKSQEIIPFPNTKMMRNLLCVNVSLGGNEFCLMTSHLESTREHSAERIRQLKTVLGKMQEAPDSTTVIFAGDTN
LRDQEVIKCGGLPDNVFDAWEFLGKPKHCQYTWDTKANNNLRIPAAYKHRFDRIFFRAEEGHLIPQSLDLVGLEKLDCGR
FPSDHWGLLCTLNVVL
;
I,O,E,G,B,A,K,M
2 'polydeoxyribonucleotide' (DC)(DC)(DG)(DA)(DA)(DT)(DT)(DC)(DG) J,P,F,H,C,D,L,N
3 'polypeptide(L)'
;SNVKTENNDHINLKVAGQDGSVVQFKIKRHTPLSKLMKAYCERQGLSMRQIRFRFDGQPINETDTPAQLEMEDEDTIDVF
Q
;
Q
#
loop_
_chem_comp.id
_chem_comp.type
_chem_comp.name
_chem_comp.formula
CL non-polymer 'CHLORIDE ION' 'Cl -1'
DA DNA linking 2'-DEOXYADENOSINE-5'-MONOPHOSPHATE 'C10 H14 N5 O6 P'
DC DNA linking 2'-DEOXYCYTIDINE-5'-MONOPHOSPHATE 'C9 H14 N3 O7 P'
DG DNA linking 2'-DEOXYGUANOSINE-5'-MONOPHOSPHATE 'C10 H14 N5 O7 P'
DT DNA linking THYMIDINE-5'-MONOPHOSPHATE 'C10 H15 N2 O8 P'
EDO non-polymer 1,2-ETHANEDIOL 'C2 H6 O2'
PO4 non-polymer 'PHOSPHATE ION' 'O4 P -3'
#
# COMPACT_ATOMS: atom_id res chain seq x y z
N SER A 7 31.48 -56.16 6.23
CA SER A 7 32.11 -55.66 5.02
C SER A 7 31.44 -54.35 4.56
N SER A 8 31.78 -53.88 3.36
CA SER A 8 31.29 -52.60 2.83
C SER A 8 29.93 -52.77 2.15
N THR A 9 28.97 -53.25 2.94
CA THR A 9 27.66 -53.62 2.45
C THR A 9 26.59 -53.11 3.40
N ILE A 10 25.45 -52.74 2.83
CA ILE A 10 24.31 -52.24 3.58
C ILE A 10 23.06 -52.99 3.13
N SER A 11 22.22 -53.37 4.08
CA SER A 11 20.95 -54.00 3.76
C SER A 11 19.83 -53.19 4.38
N PHE A 12 18.71 -53.10 3.68
CA PHE A 12 17.55 -52.45 4.27
C PHE A 12 16.28 -53.04 3.70
N ILE A 13 15.18 -52.78 4.40
CA ILE A 13 13.85 -53.14 3.97
C ILE A 13 13.01 -51.87 3.95
N THR A 14 12.13 -51.76 2.97
CA THR A 14 11.08 -50.74 3.01
C THR A 14 9.74 -51.47 2.92
N TRP A 15 8.78 -51.03 3.73
CA TRP A 15 7.55 -51.80 3.87
C TRP A 15 6.44 -50.89 4.36
N ASN A 16 5.41 -50.71 3.54
CA ASN A 16 4.15 -50.16 4.04
C ASN A 16 3.45 -51.27 4.80
N ILE A 17 3.32 -51.14 6.12
CA ILE A 17 2.78 -52.21 6.94
C ILE A 17 1.31 -52.02 7.25
N ASP A 18 0.69 -51.01 6.63
CA ASP A 18 -0.77 -50.82 6.65
C ASP A 18 -1.33 -50.81 8.08
N GLY A 19 -0.82 -49.89 8.89
CA GLY A 19 -1.35 -49.69 10.23
C GLY A 19 -2.80 -49.26 10.26
N LEU A 20 -3.33 -48.75 9.14
CA LEU A 20 -4.71 -48.31 9.03
C LEU A 20 -5.69 -49.47 8.83
N ASP A 21 -5.21 -50.67 8.53
CA ASP A 21 -6.05 -51.86 8.52
C ASP A 21 -6.14 -52.39 9.95
N GLY A 22 -7.31 -52.24 10.57
CA GLY A 22 -7.48 -52.64 11.96
C GLY A 22 -7.46 -54.14 12.17
N CYS A 23 -7.83 -54.91 11.15
CA CYS A 23 -7.98 -56.36 11.31
C CYS A 23 -6.65 -57.02 11.62
N ASN A 24 -6.63 -57.81 12.70
CA ASN A 24 -5.51 -58.70 13.01
C ASN A 24 -4.22 -57.92 13.16
N LEU A 25 -4.31 -56.66 13.56
CA LEU A 25 -3.09 -55.85 13.64
C LEU A 25 -2.07 -56.41 14.63
N PRO A 26 -2.47 -56.93 15.80
CA PRO A 26 -1.47 -57.56 16.69
C PRO A 26 -0.78 -58.76 16.06
N GLU A 27 -1.53 -59.71 15.51
CA GLU A 27 -0.93 -60.81 14.74
C GLU A 27 0.04 -60.26 13.70
N ARG A 28 -0.42 -59.29 12.92
CA ARG A 28 0.35 -58.81 11.77
C ARG A 28 1.63 -58.12 12.22
N ALA A 29 1.56 -57.29 13.27
CA ALA A 29 2.77 -56.68 13.81
C ALA A 29 3.75 -57.73 14.31
N ARG A 30 3.25 -58.82 14.90
CA ARG A 30 4.13 -59.94 15.23
C ARG A 30 4.75 -60.52 13.96
N GLY A 31 3.97 -60.65 12.89
CA GLY A 31 4.51 -61.10 11.62
C GLY A 31 5.61 -60.21 11.07
N VAL A 32 5.41 -58.89 11.18
CA VAL A 32 6.42 -57.97 10.65
C VAL A 32 7.72 -58.14 11.43
N CYS A 33 7.64 -58.18 12.76
CA CYS A 33 8.83 -58.30 13.57
C CYS A 33 9.55 -59.62 13.33
N SER A 34 8.80 -60.70 13.09
CA SER A 34 9.45 -61.98 12.85
C SER A 34 10.23 -61.95 11.53
N CYS A 35 9.68 -61.29 10.50
CA CYS A 35 10.44 -61.08 9.26
C CYS A 35 11.69 -60.27 9.51
N LEU A 36 11.54 -59.15 10.21
CA LEU A 36 12.70 -58.29 10.47
C LEU A 36 13.79 -59.05 11.20
N ALA A 37 13.42 -60.07 11.98
CA ALA A 37 14.42 -60.83 12.71
C ALA A 37 15.03 -61.96 11.90
N LEU A 38 14.33 -62.47 10.88
CA LEU A 38 14.95 -63.45 9.99
C LEU A 38 16.01 -62.82 9.11
N TYR A 39 15.74 -61.62 8.58
CA TYR A 39 16.69 -60.96 7.70
C TYR A 39 17.63 -60.02 8.44
N SER A 40 17.16 -59.41 9.53
CA SER A 40 17.96 -58.51 10.34
C SER A 40 18.70 -57.48 9.49
N PRO A 41 17.98 -56.66 8.73
CA PRO A 41 18.64 -55.64 7.92
C PRO A 41 19.21 -54.52 8.80
N ASP A 42 20.12 -53.76 8.19
CA ASP A 42 20.74 -52.63 8.89
C ASP A 42 19.76 -51.48 9.08
N VAL A 43 18.84 -51.30 8.14
CA VAL A 43 17.88 -50.21 8.20
C VAL A 43 16.52 -50.74 7.77
N VAL A 44 15.46 -50.20 8.36
CA VAL A 44 14.09 -50.51 7.96
C VAL A 44 13.34 -49.20 7.79
N PHE A 45 12.73 -49.00 6.62
CA PHE A 45 11.83 -47.88 6.37
C PHE A 45 10.41 -48.40 6.40
N LEU A 46 9.59 -47.87 7.30
CA LEU A 46 8.21 -48.30 7.46
C LEU A 46 7.29 -47.16 7.13
N GLN A 47 6.16 -47.46 6.53
CA GLN A 47 5.14 -46.46 6.24
C GLN A 47 3.81 -46.96 6.75
N GLU A 48 2.92 -46.02 7.09
CA GLU A 48 1.62 -46.31 7.67
C GLU A 48 1.74 -46.98 9.03
N VAL A 49 2.76 -46.59 9.80
CA VAL A 49 2.81 -46.91 11.21
C VAL A 49 1.79 -46.05 11.97
N ILE A 50 1.26 -46.60 13.06
CA ILE A 50 0.40 -45.84 13.97
C ILE A 50 0.97 -45.93 15.38
N PRO A 51 0.43 -45.21 16.36
CA PRO A 51 1.12 -45.05 17.65
C PRO A 51 1.23 -46.34 18.44
N PRO A 52 0.16 -47.17 18.50
CA PRO A 52 0.32 -48.45 19.19
C PRO A 52 1.17 -49.45 18.43
N TYR A 53 1.15 -49.41 17.10
CA TYR A 53 2.07 -50.20 16.30
C TYR A 53 3.51 -49.81 16.58
N CYS A 54 3.76 -48.50 16.71
CA CYS A 54 5.10 -48.01 16.98
C CYS A 54 5.56 -48.44 18.37
N ALA A 55 4.69 -48.30 19.37
CA ALA A 55 5.00 -48.77 20.72
C ALA A 55 5.35 -50.24 20.71
N TYR A 56 4.55 -51.04 20.00
CA TYR A 56 4.85 -52.47 19.86
C TYR A 56 6.24 -52.69 19.33
N LEU A 57 6.63 -51.93 18.31
CA LEU A 57 7.95 -52.09 17.70
C LEU A 57 9.06 -51.78 18.68
N LYS A 58 8.88 -50.77 19.52
CA LYS A 58 9.94 -50.40 20.47
C LYS A 58 10.19 -51.52 21.47
N LYS A 59 9.21 -52.38 21.71
CA LYS A 59 9.42 -53.54 22.58
C LYS A 59 10.03 -54.70 21.80
N ARG A 60 9.28 -55.24 20.83
CA ARG A 60 9.69 -56.46 20.15
C ARG A 60 10.80 -56.27 19.13
N ALA A 61 11.17 -55.04 18.79
CA ALA A 61 12.25 -54.75 17.86
C ALA A 61 13.35 -53.95 18.54
N ALA A 62 13.68 -54.33 19.78
CA ALA A 62 14.57 -53.55 20.62
C ALA A 62 15.99 -53.49 20.07
N SER A 63 16.33 -54.35 19.12
CA SER A 63 17.61 -54.25 18.42
C SER A 63 17.65 -53.09 17.44
N TYR A 64 16.58 -52.28 17.37
CA TYR A 64 16.50 -51.14 16.48
C TYR A 64 16.12 -49.89 17.26
N THR A 65 16.73 -48.78 16.87
CA THR A 65 16.31 -47.45 17.29
C THR A 65 15.25 -46.97 16.31
N ILE A 66 14.11 -46.51 16.83
CA ILE A 66 13.01 -46.07 15.99
C ILE A 66 13.01 -44.54 15.90
N ILE A 67 13.12 -44.03 14.68
CA ILE A 67 13.08 -42.59 14.41
C ILE A 67 11.74 -42.29 13.76
N THR A 68 11.01 -41.32 14.31
CA THR A 68 9.69 -40.96 13.82
C THR A 68 9.59 -39.45 13.70
N GLY A 69 8.43 -39.00 13.21
CA GLY A 69 8.08 -37.59 13.22
C GLY A 69 7.10 -37.24 14.32
N ASN A 70 5.87 -36.90 13.93
CA ASN A 70 4.89 -36.43 14.89
C ASN A 70 4.39 -37.54 15.80
N GLU A 71 4.32 -38.78 15.28
CA GLU A 71 3.68 -39.90 15.97
C GLU A 71 2.20 -39.64 16.20
N GLU A 72 1.59 -38.79 15.35
CA GLU A 72 0.16 -38.57 15.37
C GLU A 72 -0.45 -39.10 14.08
N GLY A 73 -1.68 -39.61 14.18
CA GLY A 73 -2.35 -40.16 13.02
C GLY A 73 -1.60 -41.38 12.55
N TYR A 74 -1.36 -41.47 11.24
CA TYR A 74 -0.48 -42.49 10.70
C TYR A 74 0.71 -41.81 10.06
N PHE A 75 1.88 -42.42 10.23
CA PHE A 75 3.14 -41.78 9.91
C PHE A 75 4.13 -42.84 9.44
N THR A 76 5.33 -42.38 9.11
CA THR A 76 6.40 -43.28 8.72
C THR A 76 7.46 -43.32 9.80
N ALA A 77 8.30 -44.35 9.72
CA ALA A 77 9.36 -44.52 10.69
C ALA A 77 10.56 -45.13 9.98
N ILE A 78 11.72 -44.95 10.60
CA ILE A 78 12.97 -45.51 10.12
C ILE A 78 13.64 -46.17 11.32
N LEU A 79 13.93 -47.46 11.20
CA LEU A 79 14.56 -48.23 12.26
C LEU A 79 16.04 -48.44 11.95
N LEU A 80 16.88 -48.26 12.96
CA LEU A 80 18.34 -48.33 12.81
C LEU A 80 18.89 -49.39 13.74
N LYS A 81 19.57 -50.39 13.18
CA LYS A 81 20.04 -51.52 13.98
C LYS A 81 21.19 -51.08 14.87
N LYS A 82 21.00 -51.21 16.18
CA LYS A 82 22.01 -50.81 17.15
C LYS A 82 23.29 -51.61 16.95
N GLY A 83 24.43 -50.94 17.19
CA GLY A 83 25.72 -51.56 16.98
C GLY A 83 26.11 -51.69 15.52
N ARG A 84 25.42 -50.98 14.64
CA ARG A 84 25.72 -51.04 13.21
C ARG A 84 25.50 -49.67 12.59
N VAL A 85 24.42 -48.98 12.97
CA VAL A 85 24.09 -47.66 12.47
C VAL A 85 24.14 -46.70 13.64
N LYS A 86 24.86 -45.59 13.47
CA LYS A 86 24.96 -44.57 14.50
C LYS A 86 24.11 -43.38 14.08
N PHE A 87 23.10 -43.06 14.90
CA PHE A 87 22.22 -41.96 14.60
C PHE A 87 22.96 -40.63 14.73
N LYS A 88 22.67 -39.71 13.82
CA LYS A 88 23.28 -38.38 13.86
C LYS A 88 22.21 -37.29 14.00
N SER A 89 21.34 -37.15 13.01
CA SER A 89 20.32 -36.12 13.06
C SER A 89 19.07 -36.60 12.32
N GLN A 90 18.00 -35.83 12.44
CA GLN A 90 16.79 -36.08 11.69
C GLN A 90 16.18 -34.74 11.28
N GLU A 91 15.22 -34.81 10.37
CA GLU A 91 14.67 -33.63 9.74
C GLU A 91 13.39 -34.04 9.04
N ILE A 92 12.36 -33.22 9.15
CA ILE A 92 11.09 -33.48 8.49
C ILE A 92 10.84 -32.36 7.51
N ILE A 93 10.73 -32.72 6.24
CA ILE A 93 10.39 -31.79 5.17
C ILE A 93 8.89 -31.91 4.94
N PRO A 94 8.15 -30.80 4.92
CA PRO A 94 6.71 -30.89 4.67
C PRO A 94 6.41 -30.97 3.18
N PHE A 95 5.24 -31.54 2.91
CA PHE A 95 4.60 -31.50 1.60
C PHE A 95 3.49 -30.47 1.68
N PRO A 96 3.76 -29.20 1.40
CA PRO A 96 2.82 -28.14 1.82
C PRO A 96 1.39 -28.35 1.35
N ASN A 97 1.18 -28.97 0.20
CA ASN A 97 -0.16 -29.12 -0.38
C ASN A 97 -0.76 -30.50 -0.16
N THR A 98 -0.17 -31.32 0.71
CA THR A 98 -0.75 -32.63 0.97
C THR A 98 -2.08 -32.48 1.70
N LYS A 99 -3.05 -33.31 1.29
CA LYS A 99 -4.31 -33.45 2.00
C LYS A 99 -4.38 -34.75 2.77
N MET A 100 -3.23 -35.42 2.97
CA MET A 100 -3.17 -36.71 3.64
C MET A 100 -2.03 -36.75 4.65
N MET A 101 -1.61 -35.60 5.16
CA MET A 101 -0.64 -35.53 6.25
C MET A 101 0.66 -36.23 5.89
N ARG A 102 1.03 -36.21 4.62
CA ARG A 102 2.26 -36.84 4.17
C ARG A 102 3.42 -35.85 4.27
N ASN A 103 4.62 -36.40 4.44
CA ASN A 103 5.82 -35.60 4.55
C ASN A 103 7.01 -36.49 4.24
N LEU A 104 8.19 -35.89 4.28
CA LEU A 104 9.44 -36.57 3.93
C LEU A 104 10.32 -36.65 5.16
N LEU A 105 10.50 -37.86 5.68
CA LEU A 105 11.36 -38.09 6.84
C LEU A 105 12.78 -38.38 6.37
N CYS A 106 13.75 -37.66 6.93
CA CYS A 106 15.16 -37.82 6.58
C CYS A 106 15.96 -38.08 7.85
N VAL A 107 16.88 -39.03 7.76
CA VAL A 107 17.72 -39.40 8.90
C VAL A 107 19.15 -39.54 8.42
N ASN A 108 20.05 -38.75 9.00
CA ASN A 108 21.48 -38.86 8.69
C ASN A 108 22.14 -39.81 9.69
N VAL A 109 22.91 -40.76 9.17
CA VAL A 109 23.52 -41.79 9.99
C VAL A 109 24.94 -42.07 9.51
N SER A 110 25.70 -42.73 10.38
CA SER A 110 27.00 -43.29 10.04
C SER A 110 26.88 -44.80 10.07
N LEU A 111 27.33 -45.46 9.01
CA LEU A 111 27.24 -46.90 8.89
C LEU A 111 28.49 -47.41 8.21
N GLY A 112 29.20 -48.33 8.85
CA GLY A 112 30.42 -48.87 8.30
C GLY A 112 31.41 -47.80 7.89
N GLY A 113 31.36 -46.66 8.57
CA GLY A 113 32.30 -45.58 8.34
C GLY A 113 31.89 -44.57 7.30
N ASN A 114 30.82 -44.83 6.55
CA ASN A 114 30.34 -43.91 5.53
C ASN A 114 29.10 -43.16 6.01
N GLU A 115 28.92 -41.94 5.49
CA GLU A 115 27.77 -41.12 5.82
C GLU A 115 26.62 -41.43 4.88
N PHE A 116 25.45 -41.66 5.46
CA PHE A 116 24.23 -41.91 4.71
C PHE A 116 23.17 -40.88 5.07
N CYS A 117 22.39 -40.47 4.07
CA CYS A 117 21.15 -39.73 4.29
C CYS A 117 20.01 -40.64 3.86
N LEU A 118 19.38 -41.29 4.84
CA LEU A 118 18.26 -42.19 4.60
C LEU A 118 16.95 -41.41 4.61
N MET A 119 16.12 -41.64 3.59
CA MET A 119 14.88 -40.89 3.42
C MET A 119 13.74 -41.87 3.19
N THR A 120 12.57 -41.53 3.72
CA THR A 120 11.37 -42.30 3.41
C THR A 120 10.18 -41.36 3.41
N SER A 121 9.10 -41.83 2.82
CA SER A 121 7.87 -41.06 2.72
C SER A 121 6.79 -41.99 2.20
N HIS A 122 5.55 -41.55 2.34
CA HIS A 122 4.40 -42.26 1.79
C HIS A 122 3.64 -41.25 0.93
N LEU A 123 3.92 -41.24 -0.37
CA LEU A 123 3.38 -40.18 -1.23
C LEU A 123 1.86 -40.30 -1.36
N GLU A 124 1.23 -39.16 -1.64
CA GLU A 124 -0.21 -39.07 -1.81
C GLU A 124 -0.76 -40.28 -2.56
N SER A 125 -1.92 -40.77 -2.12
CA SER A 125 -2.46 -42.02 -2.62
C SER A 125 -3.57 -41.79 -3.64
N THR A 126 -3.96 -42.90 -4.29
CA THR A 126 -5.06 -42.97 -5.24
C THR A 126 -4.70 -42.30 -6.57
N ARG A 127 -5.37 -42.73 -7.64
CA ARG A 127 -5.09 -42.19 -8.97
C ARG A 127 -5.57 -40.74 -9.09
N GLU A 128 -6.62 -40.36 -8.35
CA GLU A 128 -7.19 -39.03 -8.47
C GLU A 128 -6.19 -37.95 -8.06
N HIS A 129 -5.27 -38.26 -7.16
CA HIS A 129 -4.32 -37.28 -6.63
C HIS A 129 -2.98 -37.35 -7.33
N SER A 130 -2.98 -37.69 -8.63
CA SER A 130 -1.75 -37.81 -9.40
C SER A 130 -0.91 -36.52 -9.34
N ALA A 131 -1.56 -35.37 -9.36
CA ALA A 131 -0.81 -34.12 -9.45
C ALA A 131 0.00 -33.85 -8.19
N GLU A 132 -0.64 -33.96 -7.02
CA GLU A 132 0.09 -33.79 -5.76
C GLU A 132 1.17 -34.85 -5.60
N ARG A 133 0.91 -36.09 -6.01
CA ARG A 133 1.95 -37.12 -5.96
C ARG A 133 3.19 -36.71 -6.75
N ILE A 134 2.99 -36.27 -8.00
CA ILE A 134 4.14 -35.84 -8.80
C ILE A 134 4.85 -34.66 -8.15
N ARG A 135 4.09 -33.70 -7.59
CA ARG A 135 4.71 -32.57 -6.90
C ARG A 135 5.55 -33.05 -5.72
N GLN A 136 5.04 -34.02 -4.95
CA GLN A 136 5.81 -34.57 -3.84
C GLN A 136 7.06 -35.28 -4.34
N LEU A 137 6.95 -36.02 -5.46
CA LEU A 137 8.12 -36.67 -6.04
C LEU A 137 9.21 -35.66 -6.38
N LYS A 138 8.85 -34.53 -6.98
CA LYS A 138 9.82 -33.49 -7.28
C LYS A 138 10.53 -32.99 -6.02
N THR A 139 9.78 -32.80 -4.93
CA THR A 139 10.41 -32.42 -3.68
C THR A 139 11.37 -33.51 -3.18
N VAL A 140 11.00 -34.78 -3.30
CA VAL A 140 11.88 -35.84 -2.85
C VAL A 140 13.17 -35.84 -3.67
N LEU A 141 13.05 -35.83 -5.01
CA LEU A 141 14.23 -35.78 -5.86
C LEU A 141 15.02 -34.50 -5.59
N GLY A 142 14.33 -33.38 -5.39
CA GLY A 142 14.96 -32.17 -4.93
C GLY A 142 15.89 -32.39 -3.77
N LYS A 143 15.38 -32.92 -2.65
CA LYS A 143 16.19 -33.06 -1.44
C LYS A 143 17.28 -34.09 -1.59
N MET A 144 17.14 -35.06 -2.48
CA MET A 144 18.25 -35.97 -2.78
C MET A 144 19.39 -35.22 -3.46
N GLN A 145 19.05 -34.28 -4.35
CA GLN A 145 20.08 -33.53 -5.06
C GLN A 145 20.87 -32.61 -4.11
N GLU A 146 20.19 -32.02 -3.11
CA GLU A 146 20.81 -30.98 -2.33
C GLU A 146 21.64 -31.51 -1.15
N ALA A 147 21.63 -32.81 -0.91
CA ALA A 147 22.41 -33.35 0.19
C ALA A 147 23.91 -33.31 -0.14
N PRO A 148 24.77 -33.16 0.87
CA PRO A 148 26.21 -33.07 0.62
C PRO A 148 26.70 -34.17 -0.33
N ASP A 149 27.72 -33.84 -1.11
CA ASP A 149 28.20 -34.78 -2.13
C ASP A 149 28.90 -35.98 -1.51
N SER A 150 29.52 -35.82 -0.35
CA SER A 150 30.21 -36.92 0.29
C SER A 150 29.25 -37.87 1.00
N THR A 151 27.95 -37.61 0.94
CA THR A 151 26.96 -38.44 1.61
C THR A 151 26.25 -39.32 0.58
N THR A 152 26.04 -40.58 0.94
CA THR A 152 25.23 -41.49 0.15
C THR A 152 23.77 -41.28 0.51
N VAL A 153 22.93 -41.04 -0.51
CA VAL A 153 21.53 -40.70 -0.28
C VAL A 153 20.67 -41.85 -0.80
N ILE A 154 19.88 -42.44 0.08
CA ILE A 154 19.00 -43.55 -0.25
C ILE A 154 17.59 -43.19 0.16
N PHE A 155 16.69 -43.11 -0.81
CA PHE A 155 15.27 -42.97 -0.52
C PHE A 155 14.59 -44.32 -0.71
N ALA A 156 13.69 -44.64 0.21
CA ALA A 156 12.94 -45.88 0.11
C ALA A 156 11.59 -45.66 0.77
N GLY A 157 10.52 -45.82 0.01
CA GLY A 157 9.20 -45.58 0.54
C GLY A 157 8.12 -46.01 -0.43
N ASP A 158 6.88 -45.69 -0.06
CA ASP A 158 5.69 -46.02 -0.85
C ASP A 158 5.35 -44.80 -1.72
N THR A 159 5.78 -44.84 -2.98
CA THR A 159 5.61 -43.73 -3.90
C THR A 159 4.22 -43.66 -4.53
N ASN A 160 3.48 -44.75 -4.51
CA ASN A 160 2.16 -44.83 -5.14
C ASN A 160 2.19 -44.44 -6.61
N LEU A 161 3.36 -44.55 -7.24
CA LEU A 161 3.54 -44.06 -8.60
C LEU A 161 2.99 -45.07 -9.59
N ARG A 162 2.28 -44.55 -10.60
CA ARG A 162 1.76 -45.37 -11.68
C ARG A 162 2.66 -45.25 -12.90
N ASP A 163 2.33 -46.07 -13.89
CA ASP A 163 2.96 -45.97 -15.19
C ASP A 163 2.69 -44.58 -15.75
N GLN A 164 3.75 -43.96 -16.29
CA GLN A 164 3.67 -42.69 -17.01
C GLN A 164 3.83 -41.50 -16.07
N GLU A 165 3.57 -41.70 -14.77
CA GLU A 165 3.64 -40.57 -13.84
C GLU A 165 5.07 -40.08 -13.64
N VAL A 166 6.06 -40.97 -13.75
CA VAL A 166 7.44 -40.56 -13.59
C VAL A 166 7.91 -39.78 -14.80
N ILE A 167 7.42 -40.15 -15.99
CA ILE A 167 7.78 -39.42 -17.20
C ILE A 167 7.13 -38.04 -17.20
N LYS A 168 5.80 -38.01 -17.07
CA LYS A 168 5.07 -36.75 -16.93
C LYS A 168 5.69 -35.81 -15.90
N CYS A 169 6.49 -36.34 -14.99
CA CYS A 169 7.25 -35.53 -14.05
C CYS A 169 8.58 -35.05 -14.61
N GLY A 170 9.03 -35.61 -15.73
CA GLY A 170 10.32 -35.28 -16.30
C GLY A 170 11.39 -36.34 -16.13
N GLY A 171 11.04 -37.54 -15.66
CA GLY A 171 11.99 -38.61 -15.47
C GLY A 171 13.00 -38.32 -14.36
N LEU A 172 13.78 -39.33 -14.00
CA LEU A 172 14.73 -39.18 -12.92
C LEU A 172 15.94 -38.35 -13.35
N PRO A 173 16.55 -37.61 -12.42
CA PRO A 173 17.83 -36.95 -12.72
C PRO A 173 18.87 -37.97 -13.14
N ASP A 174 20.00 -37.45 -13.65
CA ASP A 174 21.02 -38.33 -14.20
C ASP A 174 21.78 -39.07 -13.11
N ASN A 175 21.89 -38.51 -11.91
CA ASN A 175 22.64 -39.14 -10.84
C ASN A 175 21.74 -39.85 -9.82
N VAL A 176 20.44 -39.99 -10.10
CA VAL A 176 19.51 -40.72 -9.24
C VAL A 176 19.02 -41.95 -9.98
N PHE A 177 19.26 -43.13 -9.40
CA PHE A 177 18.88 -44.39 -10.00
C PHE A 177 17.79 -45.08 -9.18
N ASP A 178 16.89 -45.78 -9.88
CA ASP A 178 15.91 -46.65 -9.26
C ASP A 178 16.51 -48.05 -9.18
N ALA A 179 16.57 -48.60 -7.95
CA ALA A 179 17.32 -49.84 -7.72
C ALA A 179 16.77 -50.99 -8.54
N TRP A 180 15.44 -51.03 -8.73
CA TRP A 180 14.85 -52.11 -9.50
C TRP A 180 15.19 -51.99 -10.98
N GLU A 181 15.23 -50.76 -11.50
CA GLU A 181 15.68 -50.53 -12.86
C GLU A 181 17.16 -50.87 -13.03
N PHE A 182 18.00 -50.41 -12.10
CA PHE A 182 19.43 -50.70 -12.18
C PHE A 182 19.70 -52.19 -12.34
N LEU A 183 18.94 -53.03 -11.62
CA LEU A 183 19.13 -54.48 -11.61
C LEU A 183 18.54 -55.18 -12.82
N GLY A 184 18.04 -54.44 -13.81
CA GLY A 184 17.50 -55.04 -15.01
C GLY A 184 16.02 -55.28 -15.00
N LYS A 185 15.27 -54.60 -14.13
CA LYS A 185 13.83 -54.79 -13.99
C LYS A 185 13.49 -56.26 -13.79
N PRO A 186 14.10 -56.93 -12.81
CA PRO A 186 13.77 -58.34 -12.57
C PRO A 186 12.30 -58.49 -12.22
N LYS A 187 11.66 -59.49 -12.85
CA LYS A 187 10.24 -59.72 -12.63
C LYS A 187 9.92 -60.37 -11.28
N HIS A 188 10.92 -60.93 -10.58
CA HIS A 188 10.62 -61.66 -9.37
C HIS A 188 10.16 -60.75 -8.24
N CYS A 189 10.42 -59.45 -8.37
CA CYS A 189 10.05 -58.48 -7.35
C CYS A 189 9.55 -57.19 -7.99
N GLN A 190 8.78 -57.32 -9.07
CA GLN A 190 8.30 -56.14 -9.79
C GLN A 190 7.13 -55.49 -9.06
N TYR A 191 6.14 -56.27 -8.66
CA TYR A 191 4.93 -55.76 -8.05
C TYR A 191 5.01 -55.89 -6.54
N THR A 192 4.87 -54.76 -5.85
CA THR A 192 4.85 -54.73 -4.39
C THR A 192 3.44 -54.61 -3.83
N TRP A 193 2.44 -54.52 -4.70
CA TRP A 193 1.04 -54.42 -4.27
C TRP A 193 0.24 -55.16 -5.33
N ASP A 194 -0.32 -56.31 -4.98
CA ASP A 194 -0.85 -57.27 -5.95
C ASP A 194 -2.09 -57.93 -5.34
N THR A 195 -3.26 -57.47 -5.76
CA THR A 195 -4.51 -57.98 -5.19
C THR A 195 -4.85 -59.38 -5.69
N LYS A 196 -4.06 -59.92 -6.62
CA LYS A 196 -4.22 -61.31 -7.01
C LYS A 196 -3.45 -62.22 -6.07
N ALA A 197 -2.22 -61.83 -5.70
CA ALA A 197 -1.37 -62.64 -4.84
C ALA A 197 -1.53 -62.31 -3.37
N ASN A 198 -2.12 -61.16 -3.05
CA ASN A 198 -2.30 -60.70 -1.67
C ASN A 198 -3.77 -60.31 -1.50
N ASN A 199 -4.46 -60.97 -0.59
CA ASN A 199 -5.91 -60.85 -0.49
C ASN A 199 -6.35 -60.08 0.76
N ASN A 200 -5.45 -59.34 1.40
CA ASN A 200 -5.78 -58.67 2.67
C ASN A 200 -6.92 -57.66 2.49
N LEU A 201 -6.89 -56.89 1.40
CA LEU A 201 -7.90 -55.87 1.20
C LEU A 201 -9.22 -56.43 0.70
N ARG A 202 -9.24 -57.69 0.27
CA ARG A 202 -10.48 -58.35 -0.13
C ARG A 202 -11.06 -57.69 -1.38
N ILE A 203 -10.17 -57.25 -2.27
CA ILE A 203 -10.55 -56.61 -3.53
C ILE A 203 -10.80 -57.70 -4.56
N PRO A 204 -12.00 -57.78 -5.15
CA PRO A 204 -12.27 -58.90 -6.08
C PRO A 204 -11.35 -58.88 -7.28
N ALA A 205 -11.16 -57.72 -7.90
CA ALA A 205 -10.44 -57.61 -9.15
C ALA A 205 -8.93 -57.73 -8.93
N ALA A 206 -8.23 -58.06 -10.02
CA ALA A 206 -6.78 -58.21 -10.00
C ALA A 206 -6.12 -56.90 -10.43
N TYR A 207 -5.32 -56.31 -9.53
CA TYR A 207 -4.54 -55.10 -9.78
C TYR A 207 -3.11 -55.34 -9.31
N LYS A 208 -2.13 -54.85 -10.08
CA LYS A 208 -0.72 -55.03 -9.76
C LYS A 208 0.02 -53.72 -9.99
N HIS A 209 0.81 -53.28 -9.00
CA HIS A 209 1.55 -52.04 -9.15
C HIS A 209 2.88 -52.10 -8.40
N ARG A 210 3.90 -51.47 -8.98
CA ARG A 210 5.17 -51.23 -8.31
C ARG A 210 5.10 -49.88 -7.57
N PHE A 211 4.34 -49.90 -6.47
CA PHE A 211 4.15 -48.73 -5.62
C PHE A 211 5.35 -48.44 -4.73
N ASP A 212 6.17 -49.43 -4.43
CA ASP A 212 7.24 -49.28 -3.46
C ASP A 212 8.56 -49.29 -4.21
N ARG A 213 9.37 -48.26 -3.97
CA ARG A 213 10.53 -48.02 -4.82
C ARG A 213 11.71 -47.56 -3.98
N ILE A 214 12.90 -47.87 -4.47
CA ILE A 214 14.15 -47.46 -3.87
C ILE A 214 14.88 -46.57 -4.87
N PHE A 215 15.17 -45.34 -4.47
CA PHE A 215 16.02 -44.42 -5.21
C PHE A 215 17.32 -44.25 -4.46
N PHE A 216 18.42 -44.12 -5.19
CA PHE A 216 19.68 -43.77 -4.55
C PHE A 216 20.47 -42.84 -5.46
N ARG A 217 21.16 -41.89 -4.84
CA ARG A 217 22.13 -41.04 -5.51
C ARG A 217 23.50 -41.43 -5.01
N ALA A 218 24.37 -41.85 -5.93
CA ALA A 218 25.72 -42.21 -5.56
C ALA A 218 26.63 -41.92 -6.74
N GLU A 219 27.90 -41.62 -6.44
CA GLU A 219 28.87 -41.27 -7.47
C GLU A 219 29.15 -42.45 -8.35
N GLU A 220 29.65 -42.19 -9.55
CA GLU A 220 29.83 -43.26 -10.50
C GLU A 220 30.60 -44.41 -9.90
N GLY A 221 29.93 -45.55 -9.90
CA GLY A 221 30.47 -46.79 -9.38
C GLY A 221 30.62 -46.82 -7.88
N HIS A 222 30.06 -45.87 -7.13
CA HIS A 222 30.27 -45.97 -5.69
C HIS A 222 29.20 -46.80 -4.99
N LEU A 223 28.07 -47.08 -5.64
CA LEU A 223 26.98 -47.77 -4.96
C LEU A 223 26.27 -48.67 -5.97
N ILE A 224 26.38 -49.98 -5.77
CA ILE A 224 25.91 -50.98 -6.72
C ILE A 224 24.88 -51.89 -6.07
N PRO A 225 23.62 -51.87 -6.49
CA PRO A 225 22.65 -52.84 -5.98
C PRO A 225 23.10 -54.27 -6.27
N GLN A 226 23.07 -55.08 -5.22
CA GLN A 226 23.39 -56.51 -5.29
C GLN A 226 22.14 -57.37 -5.44
N SER A 227 21.11 -57.09 -4.66
CA SER A 227 19.94 -57.94 -4.66
C SER A 227 18.74 -57.12 -4.27
N LEU A 228 17.57 -57.64 -4.64
CA LEU A 228 16.31 -57.01 -4.31
C LEU A 228 15.27 -58.12 -4.31
N ASP A 229 14.61 -58.31 -3.17
CA ASP A 229 13.69 -59.42 -3.00
C ASP A 229 12.45 -58.94 -2.27
N LEU A 230 11.35 -59.65 -2.49
CA LEU A 230 10.13 -59.37 -1.75
C LEU A 230 10.19 -60.03 -0.38
N VAL A 231 9.49 -59.44 0.58
CA VAL A 231 9.35 -60.01 1.93
C VAL A 231 7.94 -59.82 2.43
N GLY A 232 7.58 -60.60 3.45
CA GLY A 232 6.22 -60.65 3.93
C GLY A 232 5.36 -61.60 3.15
N LEU A 233 5.97 -62.54 2.42
CA LEU A 233 5.28 -63.46 1.54
C LEU A 233 4.58 -64.60 2.28
N GLU A 234 4.87 -64.81 3.55
CA GLU A 234 4.30 -65.93 4.27
C GLU A 234 2.99 -65.54 4.94
N LYS A 235 1.91 -66.18 4.53
CA LYS A 235 0.62 -65.90 5.12
C LYS A 235 0.63 -66.38 6.58
N LEU A 236 -0.03 -65.62 7.44
CA LEU A 236 0.07 -65.83 8.88
C LEU A 236 -0.98 -66.84 9.36
N ASP A 237 -0.83 -67.25 10.63
CA ASP A 237 -1.77 -68.19 11.22
C ASP A 237 -3.21 -67.71 11.06
N CYS A 238 -3.44 -66.42 11.25
CA CYS A 238 -4.79 -65.84 11.14
C CYS A 238 -5.36 -65.87 9.72
N GLY A 239 -4.56 -66.23 8.71
CA GLY A 239 -5.07 -66.36 7.36
C GLY A 239 -4.82 -65.15 6.48
N ARG A 240 -4.12 -64.14 6.97
CA ARG A 240 -3.82 -62.95 6.19
C ARG A 240 -2.32 -62.71 6.20
N PHE A 241 -1.90 -61.74 5.40
CA PHE A 241 -0.50 -61.37 5.29
C PHE A 241 -0.15 -60.24 6.25
N PRO A 242 1.12 -60.11 6.62
CA PRO A 242 1.48 -58.98 7.48
C PRO A 242 0.91 -57.67 6.96
N SER A 243 0.96 -57.46 5.65
CA SER A 243 0.42 -56.26 5.03
C SER A 243 -0.15 -56.58 3.65
N ASP A 244 -0.92 -55.63 3.10
CA ASP A 244 -1.35 -55.69 1.71
C ASP A 244 -0.24 -55.35 0.73
N HIS A 245 0.87 -54.80 1.22
CA HIS A 245 2.08 -54.62 0.46
C HIS A 245 3.06 -55.75 0.79
N TRP A 246 3.82 -56.17 -0.21
CA TRP A 246 5.06 -56.88 0.06
C TRP A 246 6.11 -55.88 0.44
N GLY A 247 6.98 -56.24 1.35
CA GLY A 247 8.16 -55.44 1.58
C GLY A 247 9.23 -55.69 0.53
N LEU A 248 10.24 -54.82 0.52
CA LEU A 248 11.40 -54.97 -0.35
C LEU A 248 12.63 -55.11 0.52
N LEU A 249 13.43 -56.13 0.25
CA LEU A 249 14.71 -56.33 0.92
C LEU A 249 15.81 -56.05 -0.10
N CYS A 250 16.74 -55.17 0.26
CA CYS A 250 17.76 -54.72 -0.67
C CYS A 250 19.10 -54.73 0.02
N THR A 251 20.11 -55.23 -0.70
CA THR A 251 21.48 -55.14 -0.27
C THR A 251 22.24 -54.37 -1.33
N LEU A 252 23.02 -53.38 -0.91
CA LEU A 252 23.88 -52.61 -1.78
C LEU A 252 25.33 -52.73 -1.31
N ASN A 253 26.26 -52.79 -2.27
CA ASN A 253 27.67 -52.73 -1.96
C ASN A 253 28.13 -51.29 -2.06
N VAL A 254 29.02 -50.88 -1.16
CA VAL A 254 29.61 -49.56 -1.19
C VAL A 254 31.09 -49.72 -1.50
N VAL A 255 31.57 -48.99 -2.50
CA VAL A 255 32.97 -49.05 -2.90
C VAL A 255 33.78 -47.99 -2.16
N SER C 7 20.03 38.61 1.34
CA SER C 7 19.51 37.98 2.55
C SER C 7 19.44 36.45 2.36
N SER C 8 18.73 35.78 3.28
CA SER C 8 18.49 34.34 3.20
C SER C 8 17.27 34.02 2.35
N THR C 9 17.01 34.79 1.31
CA THR C 9 15.80 34.67 0.50
C THR C 9 16.16 34.12 -0.87
N ILE C 10 15.32 33.24 -1.41
CA ILE C 10 15.51 32.69 -2.74
C ILE C 10 14.28 33.00 -3.59
N SER C 11 14.51 33.16 -4.89
CA SER C 11 13.47 33.59 -5.82
C SER C 11 13.50 32.71 -7.06
N PHE C 12 12.32 32.33 -7.55
CA PHE C 12 12.31 31.58 -8.79
C PHE C 12 11.05 31.91 -9.60
N ILE C 13 11.12 31.52 -10.88
CA ILE C 13 10.00 31.64 -11.81
C ILE C 13 9.73 30.25 -12.37
N THR C 14 8.47 29.90 -12.53
CA THR C 14 8.07 28.77 -13.36
C THR C 14 7.20 29.30 -14.48
N TRP C 15 7.39 28.75 -15.68
CA TRP C 15 6.76 29.32 -16.87
C TRP C 15 6.73 28.29 -17.99
N ASN C 16 5.53 27.92 -18.42
CA ASN C 16 5.35 27.20 -19.68
C ASN C 16 5.42 28.23 -20.80
N ILE C 17 6.48 28.19 -21.60
CA ILE C 17 6.70 29.25 -22.59
C ILE C 17 6.18 28.86 -23.96
N ASP C 18 5.64 27.65 -24.12
CA ASP C 18 4.84 27.28 -25.30
C ASP C 18 5.65 27.35 -26.59
N GLY C 19 6.71 26.54 -26.65
CA GLY C 19 7.48 26.47 -27.87
C GLY C 19 6.76 25.77 -29.01
N LEU C 20 5.68 25.05 -28.70
CA LEU C 20 4.87 24.40 -29.74
C LEU C 20 4.00 25.38 -30.50
N ASP C 21 4.04 26.65 -30.16
CA ASP C 21 3.37 27.71 -30.93
C ASP C 21 4.45 28.43 -31.72
N GLY C 22 4.43 28.27 -33.04
CA GLY C 22 5.47 28.83 -33.88
C GLY C 22 5.31 30.27 -34.27
N CYS C 23 4.14 30.86 -34.02
CA CYS C 23 3.92 32.25 -34.38
C CYS C 23 4.69 33.17 -33.47
N ASN C 24 5.54 34.01 -34.06
CA ASN C 24 6.27 35.04 -33.33
C ASN C 24 7.15 34.44 -32.25
N LEU C 25 7.58 33.21 -32.45
CA LEU C 25 8.37 32.55 -31.41
C LEU C 25 9.62 33.34 -31.05
N PRO C 26 10.40 33.89 -32.00
CA PRO C 26 11.60 34.63 -31.59
C PRO C 26 11.29 35.88 -30.79
N GLU C 27 10.27 36.63 -31.17
CA GLU C 27 9.90 37.80 -30.39
C GLU C 27 9.43 37.40 -28.99
N ARG C 28 8.64 36.33 -28.92
CA ARG C 28 8.17 35.84 -27.63
C ARG C 28 9.32 35.33 -26.78
N ALA C 29 10.32 34.69 -27.39
CA ALA C 29 11.51 34.31 -26.64
C ALA C 29 12.26 35.53 -26.15
N ARG C 30 12.20 36.64 -26.90
CA ARG C 30 12.85 37.86 -26.44
C ARG C 30 12.12 38.42 -25.22
N GLY C 31 10.79 38.29 -25.21
CA GLY C 31 10.02 38.72 -24.04
C GLY C 31 10.37 37.96 -22.78
N VAL C 32 10.46 36.62 -22.89
CA VAL C 32 10.80 35.80 -21.72
C VAL C 32 12.17 36.20 -21.16
N CYS C 33 13.14 36.41 -22.04
CA CYS C 33 14.48 36.77 -21.57
C CYS C 33 14.49 38.16 -20.95
N SER C 34 13.60 39.04 -21.39
CA SER C 34 13.54 40.37 -20.78
C SER C 34 12.96 40.29 -19.38
N CYS C 35 11.90 39.51 -19.18
CA CYS C 35 11.39 39.27 -17.83
C CYS C 35 12.46 38.64 -16.95
N LEU C 36 13.15 37.61 -17.45
CA LEU C 36 14.21 37.01 -16.64
C LEU C 36 15.30 38.02 -16.34
N ALA C 37 15.54 38.96 -17.24
CA ALA C 37 16.48 40.02 -16.98
C ALA C 37 16.00 40.94 -15.85
N LEU C 38 14.73 41.37 -15.93
CA LEU C 38 14.24 42.40 -15.02
C LEU C 38 14.10 41.88 -13.59
N TYR C 39 13.55 40.68 -13.43
CA TYR C 39 13.39 40.11 -12.10
C TYR C 39 14.64 39.37 -11.62
N SER C 40 15.45 38.85 -12.53
CA SER C 40 16.72 38.22 -12.18
C SER C 40 16.57 37.20 -11.05
N PRO C 41 15.65 36.24 -11.19
CA PRO C 41 15.47 35.24 -10.14
C PRO C 41 16.63 34.26 -10.05
N ASP C 42 16.71 33.57 -8.91
CA ASP C 42 17.80 32.61 -8.70
C ASP C 42 17.59 31.33 -9.50
N VAL C 43 16.35 30.98 -9.82
CA VAL C 43 16.06 29.75 -10.56
C VAL C 43 14.87 30.00 -11.48
N VAL C 44 14.90 29.38 -12.68
CA VAL C 44 13.79 29.45 -13.63
C VAL C 44 13.45 28.03 -14.07
N PHE C 45 12.21 27.62 -13.86
CA PHE C 45 11.68 26.37 -14.39
C PHE C 45 10.87 26.66 -15.65
N LEU C 46 11.18 25.96 -16.74
CA LEU C 46 10.53 26.20 -18.03
C LEU C 46 9.93 24.91 -18.56
N GLN C 47 8.82 25.05 -19.27
CA GLN C 47 8.13 23.93 -19.89
C GLN C 47 7.82 24.26 -21.35
N GLU C 48 7.71 23.21 -22.16
CA GLU C 48 7.51 23.35 -23.60
C GLU C 48 8.64 24.14 -24.24
N VAL C 49 9.87 23.80 -23.86
CA VAL C 49 11.07 24.31 -24.51
C VAL C 49 11.39 23.43 -25.72
N ILE C 50 11.95 24.05 -26.76
CA ILE C 50 12.41 23.32 -27.93
C ILE C 50 13.86 23.71 -28.20
N PRO C 51 14.58 22.92 -29.00
CA PRO C 51 16.03 23.13 -29.17
C PRO C 51 16.38 24.54 -29.62
N PRO C 52 15.68 25.10 -30.61
CA PRO C 52 16.00 26.49 -31.01
C PRO C 52 15.69 27.52 -29.93
N TYR C 53 14.56 27.36 -29.23
CA TYR C 53 14.29 28.19 -28.08
C TYR C 53 15.41 28.07 -27.06
N CYS C 54 15.91 26.86 -26.83
CA CYS C 54 16.96 26.63 -25.86
C CYS C 54 18.28 27.26 -26.29
N ALA C 55 18.54 27.33 -27.60
CA ALA C 55 19.75 28.00 -28.08
C ALA C 55 19.63 29.51 -27.91
N TYR C 56 18.44 30.06 -28.13
CA TYR C 56 18.21 31.48 -27.90
C TYR C 56 18.43 31.83 -26.43
N LEU C 57 18.05 30.93 -25.52
CA LEU C 57 18.27 31.18 -24.10
C LEU C 57 19.75 31.22 -23.77
N LYS C 58 20.56 30.39 -24.43
CA LYS C 58 22.00 30.39 -24.16
C LYS C 58 22.66 31.67 -24.62
N LYS C 59 22.03 32.43 -25.53
CA LYS C 59 22.58 33.72 -25.92
C LYS C 59 22.05 34.85 -25.06
N ARG C 60 20.74 34.91 -24.87
CA ARG C 60 20.13 36.05 -24.18
C ARG C 60 20.00 35.87 -22.68
N ALA C 61 20.07 34.64 -22.16
CA ALA C 61 20.01 34.39 -20.72
C ALA C 61 21.34 33.82 -20.22
N ALA C 62 22.44 34.39 -20.72
CA ALA C 62 23.77 33.84 -20.45
C ALA C 62 24.12 33.85 -18.96
N SER C 63 23.39 34.60 -18.14
CA SER C 63 23.66 34.55 -16.71
C SER C 63 23.16 33.27 -16.05
N TYR C 64 22.50 32.40 -16.81
CA TYR C 64 21.93 31.16 -16.29
C TYR C 64 22.59 29.96 -16.94
N THR C 65 22.77 28.91 -16.13
CA THR C 65 23.15 27.59 -16.61
C THR C 65 21.89 26.78 -16.89
N ILE C 66 21.84 26.15 -18.05
CA ILE C 66 20.65 25.42 -18.49
C ILE C 66 20.84 23.93 -18.24
N ILE C 67 19.93 23.33 -17.48
CA ILE C 67 19.81 21.88 -17.33
C ILE C 67 18.57 21.45 -18.11
N THR C 68 18.73 20.43 -18.96
CA THR C 68 17.65 20.00 -19.84
C THR C 68 17.31 18.53 -19.64
N GLY C 69 16.14 18.15 -20.13
CA GLY C 69 15.72 16.76 -20.15
C GLY C 69 16.14 16.04 -21.42
N ASN C 70 15.19 15.83 -22.33
CA ASN C 70 15.45 14.97 -23.48
C ASN C 70 16.35 15.65 -24.51
N GLU C 71 16.16 16.95 -24.72
CA GLU C 71 16.88 17.77 -25.70
C GLU C 71 16.32 17.57 -27.11
N GLU C 72 15.34 16.69 -27.31
CA GLU C 72 14.65 16.56 -28.57
C GLU C 72 13.15 16.79 -28.36
N GLY C 73 12.46 17.04 -29.46
CA GLY C 73 11.02 17.28 -29.36
C GLY C 73 10.76 18.54 -28.58
N TYR C 74 9.89 18.45 -27.58
CA TYR C 74 9.69 19.53 -26.62
C TYR C 74 9.86 18.97 -25.22
N PHE C 75 10.45 19.79 -24.34
CA PHE C 75 10.99 19.30 -23.09
C PHE C 75 10.97 20.43 -22.06
N THR C 76 11.37 20.10 -20.84
CA THR C 76 11.47 21.08 -19.77
C THR C 76 12.92 21.45 -19.53
N ALA C 77 13.12 22.49 -18.73
CA ALA C 77 14.45 22.96 -18.40
C ALA C 77 14.42 23.62 -17.03
N ILE C 78 15.59 23.64 -16.40
CA ILE C 78 15.81 24.38 -15.17
C ILE C 78 17.03 25.27 -15.38
N LEU C 79 16.86 26.57 -15.17
CA LEU C 79 17.93 27.55 -15.33
C LEU C 79 18.43 27.97 -13.96
N LEU C 80 19.74 27.94 -13.77
CA LEU C 80 20.36 28.20 -12.48
C LEU C 80 21.22 29.45 -12.59
N LYS C 81 20.94 30.43 -11.74
CA LYS C 81 21.66 31.70 -11.77
C LYS C 81 23.13 31.49 -11.46
N LYS C 82 24.00 31.97 -12.34
CA LYS C 82 25.44 31.84 -12.14
C LYS C 82 25.91 32.82 -11.07
N GLY C 83 26.83 32.35 -10.23
CA GLY C 83 27.33 33.16 -9.14
C GLY C 83 26.45 33.18 -7.92
N ARG C 84 25.42 32.34 -7.88
CA ARG C 84 24.45 32.34 -6.79
C ARG C 84 24.04 30.91 -6.45
N VAL C 85 23.85 30.09 -7.47
CA VAL C 85 23.46 28.69 -7.31
C VAL C 85 24.62 27.83 -7.77
N LYS C 86 24.88 26.76 -7.03
CA LYS C 86 25.98 25.83 -7.31
C LYS C 86 25.38 24.48 -7.68
N PHE C 87 25.55 24.09 -8.93
CA PHE C 87 25.00 22.82 -9.39
C PHE C 87 25.79 21.66 -8.78
N LYS C 88 25.08 20.56 -8.52
CA LYS C 88 25.70 19.40 -7.90
C LYS C 88 25.33 18.10 -8.61
N SER C 89 24.05 17.74 -8.59
CA SER C 89 23.58 16.49 -9.16
C SER C 89 22.39 16.74 -10.08
N GLN C 90 22.10 15.75 -10.93
CA GLN C 90 20.99 15.83 -11.87
C GLN C 90 20.41 14.43 -12.08
N GLU C 91 19.11 14.38 -12.38
CA GLU C 91 18.42 13.11 -12.56
C GLU C 91 17.15 13.36 -13.36
N ILE C 92 16.75 12.36 -14.14
CA ILE C 92 15.52 12.43 -14.92
C ILE C 92 14.71 11.18 -14.60
N ILE C 93 13.57 11.36 -13.95
CA ILE C 93 12.68 10.26 -13.60
C ILE C 93 11.64 10.14 -14.72
N PRO C 94 11.50 8.98 -15.36
CA PRO C 94 10.54 8.84 -16.45
C PRO C 94 9.12 8.52 -15.98
N PHE C 95 8.17 8.86 -16.86
CA PHE C 95 6.77 8.50 -16.70
C PHE C 95 6.47 7.32 -17.62
N PRO C 96 6.46 6.08 -17.12
CA PRO C 96 6.43 4.92 -18.03
C PRO C 96 5.20 4.86 -18.92
N ASN C 97 4.07 5.39 -18.47
CA ASN C 97 2.82 5.30 -19.22
C ASN C 97 2.46 6.58 -19.94
N THR C 98 3.39 7.51 -20.08
CA THR C 98 3.08 8.74 -20.80
C THR C 98 2.95 8.45 -22.29
N LYS C 99 2.13 9.27 -22.94
CA LYS C 99 2.01 9.27 -24.39
C LYS C 99 2.26 10.66 -24.98
N MET C 100 2.83 11.58 -24.19
CA MET C 100 3.21 12.91 -24.66
C MET C 100 4.65 13.23 -24.28
N MET C 101 5.46 12.21 -24.00
CA MET C 101 6.91 12.37 -23.82
C MET C 101 7.25 13.24 -22.62
N ARG C 102 6.50 13.08 -21.55
CA ARG C 102 6.73 13.85 -20.33
C ARG C 102 7.56 13.04 -19.34
N ASN C 103 8.36 13.75 -18.56
CA ASN C 103 9.16 13.14 -17.50
C ASN C 103 9.28 14.14 -16.36
N LEU C 104 10.08 13.79 -15.36
CA LEU C 104 10.25 14.59 -14.15
C LEU C 104 11.73 14.94 -14.04
N LEU C 105 12.07 16.20 -14.27
CA LEU C 105 13.45 16.64 -14.24
C LEU C 105 13.80 17.10 -12.84
N CYS C 106 14.90 16.57 -12.30
CA CYS C 106 15.34 16.88 -10.95
C CYS C 106 16.75 17.43 -10.99
N VAL C 107 17.04 18.38 -10.11
CA VAL C 107 18.34 19.03 -10.08
C VAL C 107 18.66 19.34 -8.62
N ASN C 108 19.75 18.77 -8.10
CA ASN C 108 20.21 19.08 -6.76
C ASN C 108 21.25 20.20 -6.83
N VAL C 109 21.02 21.25 -6.05
CA VAL C 109 21.87 22.43 -6.07
C VAL C 109 22.13 22.88 -4.64
N SER C 110 23.13 23.74 -4.50
CA SER C 110 23.39 24.46 -3.26
C SER C 110 23.14 25.93 -3.54
N LEU C 111 22.41 26.59 -2.63
CA LEU C 111 22.04 27.98 -2.81
C LEU C 111 22.12 28.69 -1.47
N GLY C 112 23.00 29.69 -1.37
CA GLY C 112 23.16 30.40 -0.12
C GLY C 112 23.60 29.52 1.02
N GLY C 113 24.35 28.45 0.74
CA GLY C 113 24.84 27.55 1.75
C GLY C 113 23.93 26.40 2.11
N ASN C 114 22.69 26.38 1.61
CA ASN C 114 21.75 25.32 1.89
C ASN C 114 21.55 24.45 0.65
N GLU C 115 21.08 23.22 0.87
CA GLU C 115 20.93 22.24 -0.20
C GLU C 115 19.47 22.14 -0.62
N PHE C 116 19.24 22.16 -1.94
CA PHE C 116 17.90 22.11 -2.52
C PHE C 116 17.81 20.97 -3.52
N CYS C 117 16.60 20.41 -3.66
CA CYS C 117 16.28 19.48 -4.73
C CYS C 117 15.16 20.10 -5.57
N LEU C 118 15.54 20.78 -6.65
CA LEU C 118 14.59 21.44 -7.53
C LEU C 118 14.04 20.47 -8.57
N MET C 119 12.72 20.41 -8.68
CA MET C 119 12.06 19.50 -9.61
C MET C 119 11.11 20.29 -10.49
N THR C 120 10.89 19.78 -11.70
CA THR C 120 9.90 20.35 -12.59
C THR C 120 9.38 19.26 -13.50
N SER C 121 8.33 19.59 -14.24
CA SER C 121 7.64 18.61 -15.08
C SER C 121 6.44 19.31 -15.70
N HIS C 122 5.93 18.72 -16.78
CA HIS C 122 4.82 19.25 -17.55
C HIS C 122 3.85 18.09 -17.72
N LEU C 123 2.89 17.99 -16.82
CA LEU C 123 2.10 16.77 -16.70
C LEU C 123 1.14 16.61 -17.88
N GLU C 124 0.78 15.35 -18.16
CA GLU C 124 -0.07 15.00 -19.28
C GLU C 124 -1.18 16.04 -19.46
N SER C 125 -1.41 16.43 -20.70
CA SER C 125 -2.24 17.59 -21.02
C SER C 125 -3.66 17.19 -21.37
N THR C 126 -4.53 18.20 -21.36
CA THR C 126 -5.94 18.09 -21.75
C THR C 126 -6.78 17.35 -20.72
N ARG C 127 -8.08 17.60 -20.76
CA ARG C 127 -9.00 16.95 -19.83
C ARG C 127 -9.03 15.44 -20.06
N GLU C 128 -9.05 15.01 -21.32
CA GLU C 128 -9.21 13.60 -21.65
C GLU C 128 -8.26 12.72 -20.87
N HIS C 129 -7.04 13.21 -20.62
CA HIS C 129 -5.97 12.44 -20.00
C HIS C 129 -5.90 12.69 -18.50
N SER C 130 -7.05 12.83 -17.85
CA SER C 130 -7.05 13.05 -16.40
C SER C 130 -6.36 11.90 -15.67
N ALA C 131 -6.56 10.67 -16.13
CA ALA C 131 -6.07 9.51 -15.39
C ALA C 131 -4.54 9.48 -15.38
N GLU C 132 -3.91 9.65 -16.55
CA GLU C 132 -2.45 9.61 -16.60
C GLU C 132 -1.82 10.81 -15.89
N ARG C 133 -2.50 11.96 -15.92
CA ARG C 133 -2.01 13.13 -15.19
C ARG C 133 -1.98 12.84 -13.69
N ILE C 134 -3.02 12.19 -13.16
CA ILE C 134 -3.07 11.89 -11.74
C ILE C 134 -2.00 10.86 -11.36
N ARG C 135 -1.79 9.86 -12.22
CA ARG C 135 -0.71 8.91 -11.95
C ARG C 135 0.64 9.61 -11.90
N GLN C 136 0.87 10.56 -12.81
CA GLN C 136 2.12 11.31 -12.79
C GLN C 136 2.24 12.17 -11.54
N LEU C 137 1.14 12.78 -11.09
CA LEU C 137 1.17 13.56 -9.85
C LEU C 137 1.64 12.70 -8.69
N LYS C 138 1.08 11.50 -8.55
CA LYS C 138 1.51 10.60 -7.48
C LYS C 138 3.01 10.33 -7.56
N THR C 139 3.52 10.06 -8.76
CA THR C 139 4.95 9.84 -8.92
C THR C 139 5.76 11.03 -8.40
N VAL C 140 5.35 12.24 -8.76
CA VAL C 140 6.07 13.45 -8.33
C VAL C 140 6.08 13.55 -6.81
N LEU C 141 4.89 13.50 -6.20
CA LEU C 141 4.80 13.61 -4.75
C LEU C 141 5.58 12.49 -4.07
N GLY C 142 5.64 11.32 -4.70
CA GLY C 142 6.44 10.24 -4.15
C GLY C 142 7.91 10.60 -4.11
N LYS C 143 8.42 11.17 -5.21
CA LYS C 143 9.84 11.53 -5.28
C LYS C 143 10.18 12.63 -4.29
N MET C 144 9.27 13.60 -4.12
CA MET C 144 9.54 14.71 -3.20
C MET C 144 9.86 14.19 -1.80
N GLN C 145 9.14 13.17 -1.35
CA GLN C 145 9.34 12.61 -0.01
C GLN C 145 10.59 11.75 0.09
N GLU C 146 11.16 11.30 -1.02
CA GLU C 146 12.33 10.41 -1.01
C GLU C 146 13.62 11.22 -1.16
N ALA C 147 13.92 12.02 -0.14
CA ALA C 147 15.09 12.89 -0.17
C ALA C 147 15.47 13.21 1.27
N PRO C 148 16.73 13.56 1.52
CA PRO C 148 17.16 13.82 2.89
C PRO C 148 16.39 14.96 3.51
N ASP C 149 16.01 14.77 4.78
CA ASP C 149 15.28 15.81 5.51
C ASP C 149 16.03 17.12 5.51
N SER C 150 17.37 17.06 5.45
CA SER C 150 18.18 18.27 5.43
C SER C 150 18.09 19.03 4.12
N THR C 151 17.41 18.48 3.11
CA THR C 151 17.33 19.11 1.79
C THR C 151 15.91 19.62 1.57
N THR C 152 15.82 20.90 1.19
CA THR C 152 14.55 21.52 0.86
C THR C 152 14.14 21.11 -0.55
N VAL C 153 12.93 20.59 -0.70
CA VAL C 153 12.41 20.10 -1.98
C VAL C 153 11.39 21.10 -2.50
N ILE C 154 11.60 21.59 -3.72
CA ILE C 154 10.68 22.51 -4.37
C ILE C 154 10.33 21.96 -5.76
N PHE C 155 9.06 21.66 -5.96
CA PHE C 155 8.53 21.35 -7.29
C PHE C 155 7.76 22.55 -7.81
N ALA C 156 7.96 22.87 -9.08
CA ALA C 156 7.25 23.96 -9.74
C ALA C 156 7.16 23.61 -11.22
N GLY C 157 5.95 23.60 -11.76
CA GLY C 157 5.78 23.16 -13.13
C GLY C 157 4.35 23.28 -13.60
N ASP C 158 4.12 22.81 -14.81
CA ASP C 158 2.81 22.87 -15.45
C ASP C 158 2.11 21.54 -15.20
N THR C 159 1.20 21.55 -14.24
CA THR C 159 0.51 20.35 -13.77
C THR C 159 -0.74 20.04 -14.56
N ASN C 160 -1.33 21.04 -15.21
CA ASN C 160 -2.57 20.87 -15.97
C ASN C 160 -3.70 20.33 -15.10
N LEU C 161 -3.57 20.48 -13.79
CA LEU C 161 -4.56 19.94 -12.88
C LEU C 161 -5.82 20.78 -12.86
N ARG C 162 -6.96 20.11 -12.72
CA ARG C 162 -8.20 20.74 -12.30
C ARG C 162 -8.41 20.49 -10.80
N ASP C 163 -9.23 21.34 -10.19
CA ASP C 163 -9.39 21.28 -8.74
C ASP C 163 -9.93 19.93 -8.29
N GLN C 164 -10.89 19.38 -9.04
CA GLN C 164 -11.44 18.09 -8.67
C GLN C 164 -10.38 17.00 -8.60
N GLU C 165 -9.34 17.11 -9.44
CA GLU C 165 -8.44 15.97 -9.64
C GLU C 165 -7.53 15.74 -8.45
N VAL C 166 -7.11 16.81 -7.77
CA VAL C 166 -6.20 16.63 -6.63
C VAL C 166 -6.91 15.92 -5.50
N ILE C 167 -8.16 16.29 -5.24
CA ILE C 167 -8.89 15.70 -4.12
C ILE C 167 -9.18 14.22 -4.39
N LYS C 168 -9.68 13.90 -5.59
CA LYS C 168 -10.01 12.52 -5.89
C LYS C 168 -8.79 11.63 -6.02
N CYS C 169 -7.58 12.17 -5.85
CA CYS C 169 -6.37 11.36 -5.81
C CYS C 169 -5.80 11.28 -4.39
N GLY C 170 -6.41 11.94 -3.42
CA GLY C 170 -6.01 11.83 -2.03
C GLY C 170 -5.48 13.12 -1.40
N GLY C 171 -5.36 14.21 -2.14
CA GLY C 171 -4.78 15.43 -1.62
C GLY C 171 -3.27 15.33 -1.50
N LEU C 172 -2.68 16.44 -1.08
CA LEU C 172 -1.23 16.44 -0.94
C LEU C 172 -0.84 15.81 0.40
N PRO C 173 0.33 15.17 0.47
CA PRO C 173 0.80 14.67 1.76
C PRO C 173 0.85 15.79 2.78
N ASP C 174 0.58 15.44 4.04
CA ASP C 174 0.50 16.42 5.10
C ASP C 174 1.80 17.22 5.28
N ASN C 175 2.90 16.81 4.63
CA ASN C 175 4.17 17.49 4.76
C ASN C 175 4.56 18.30 3.52
N VAL C 176 3.75 18.27 2.46
CA VAL C 176 4.04 18.97 1.21
C VAL C 176 2.95 20.01 0.98
N PHE C 177 3.37 21.26 0.81
CA PHE C 177 2.44 22.38 0.73
C PHE C 177 2.40 22.98 -0.68
N ASP C 178 1.24 23.54 -1.01
CA ASP C 178 1.05 24.30 -2.24
C ASP C 178 1.26 25.78 -1.94
N ALA C 179 2.29 26.37 -2.56
CA ALA C 179 2.66 27.75 -2.24
C ALA C 179 1.49 28.70 -2.35
N TRP C 180 0.69 28.56 -3.41
CA TRP C 180 -0.48 29.41 -3.57
C TRP C 180 -1.43 29.25 -2.39
N GLU C 181 -1.75 28.00 -2.04
CA GLU C 181 -2.65 27.72 -0.93
C GLU C 181 -2.07 28.25 0.39
N PHE C 182 -0.78 28.01 0.62
CA PHE C 182 -0.12 28.47 1.84
C PHE C 182 -0.31 29.97 2.06
N LEU C 183 -0.22 30.76 0.99
CA LEU C 183 -0.37 32.21 1.04
C LEU C 183 -1.82 32.67 1.12
N GLY C 184 -2.78 31.76 1.07
CA GLY C 184 -4.17 32.13 1.28
C GLY C 184 -5.01 32.21 0.03
N LYS C 185 -4.63 31.50 -1.03
CA LYS C 185 -5.37 31.50 -2.29
C LYS C 185 -5.62 32.93 -2.79
N PRO C 186 -4.60 33.78 -2.83
CA PRO C 186 -4.80 35.15 -3.28
C PRO C 186 -5.30 35.20 -4.71
N LYS C 187 -6.29 36.05 -4.94
CA LYS C 187 -6.94 36.12 -6.25
C LYS C 187 -6.02 36.66 -7.34
N HIS C 188 -4.98 37.42 -6.99
CA HIS C 188 -4.23 38.15 -8.02
C HIS C 188 -3.34 37.24 -8.85
N CYS C 189 -3.07 36.02 -8.38
CA CYS C 189 -2.29 35.06 -9.16
C CYS C 189 -2.96 33.70 -9.15
N GLN C 190 -4.30 33.69 -9.14
CA GLN C 190 -5.02 32.42 -9.08
C GLN C 190 -4.91 31.66 -10.40
N TYR C 191 -5.15 32.34 -11.51
CA TYR C 191 -5.21 31.69 -12.81
C TYR C 191 -3.94 31.97 -13.60
N THR C 192 -3.21 30.92 -13.93
CA THR C 192 -2.01 31.02 -14.75
C THR C 192 -2.31 30.81 -16.23
N TRP C 193 -3.56 30.51 -16.58
CA TRP C 193 -3.94 30.22 -17.96
C TRP C 193 -5.34 30.76 -18.15
N ASP C 194 -5.47 31.87 -18.85
CA ASP C 194 -6.69 32.67 -18.85
C ASP C 194 -6.92 33.16 -20.27
N THR C 195 -7.91 32.58 -20.95
CA THR C 195 -8.14 32.95 -22.35
C THR C 195 -8.91 34.25 -22.49
N LYS C 196 -9.44 34.78 -21.39
CA LYS C 196 -10.07 36.10 -21.43
C LYS C 196 -9.03 37.20 -21.33
N ALA C 197 -8.04 37.03 -20.45
CA ALA C 197 -6.97 38.01 -20.30
C ALA C 197 -5.79 37.76 -21.22
N ASN C 198 -5.67 36.56 -21.80
CA ASN C 198 -4.56 36.20 -22.66
C ASN C 198 -5.12 35.57 -23.93
N ASN C 199 -4.84 36.20 -25.07
CA ASN C 199 -5.49 35.82 -26.33
C ASN C 199 -4.53 35.18 -27.34
N ASN C 200 -3.43 34.59 -26.87
CA ASN C 200 -2.45 33.99 -27.77
C ASN C 200 -3.05 32.84 -28.60
N LEU C 201 -3.84 31.98 -27.98
CA LEU C 201 -4.43 30.86 -28.71
C LEU C 201 -5.66 31.27 -29.52
N ARG C 202 -6.12 32.51 -29.40
CA ARG C 202 -7.25 33.01 -30.17
C ARG C 202 -8.52 32.20 -29.88
N ILE C 203 -8.66 31.78 -28.63
CA ILE C 203 -9.84 31.01 -28.20
C ILE C 203 -10.97 32.00 -27.94
N PRO C 204 -12.10 31.91 -28.65
CA PRO C 204 -13.16 32.90 -28.45
C PRO C 204 -13.75 32.88 -27.06
N ALA C 205 -14.03 31.69 -26.52
CA ALA C 205 -14.62 31.58 -25.20
C ALA C 205 -13.59 31.92 -24.13
N ALA C 206 -14.07 32.01 -22.89
CA ALA C 206 -13.24 32.39 -21.75
C ALA C 206 -13.08 31.20 -20.83
N TYR C 207 -11.83 30.73 -20.67
CA TYR C 207 -11.50 29.65 -19.75
C TYR C 207 -10.39 30.12 -18.83
N LYS C 208 -10.43 29.68 -17.57
CA LYS C 208 -9.46 30.11 -16.57
C LYS C 208 -9.07 28.92 -15.72
N HIS C 209 -7.76 28.69 -15.58
CA HIS C 209 -7.27 27.54 -14.83
C HIS C 209 -5.96 27.86 -14.16
N ARG C 210 -5.74 27.21 -13.01
CA ARG C 210 -4.49 27.29 -12.27
C ARG C 210 -3.70 26.03 -12.58
N PHE C 211 -3.11 26.00 -13.77
CA PHE C 211 -2.32 24.85 -14.22
C PHE C 211 -0.91 24.84 -13.64
N ASP C 212 -0.39 26.00 -13.26
CA ASP C 212 1.00 26.13 -12.87
C ASP C 212 1.06 26.32 -11.36
N ARG C 213 1.71 25.39 -10.68
CA ARG C 213 1.64 25.29 -9.24
C ARG C 213 3.03 25.00 -8.68
N ILE C 214 3.23 25.41 -7.43
CA ILE C 214 4.49 25.21 -6.72
C ILE C 214 4.20 24.32 -5.52
N PHE C 215 5.00 23.28 -5.35
CA PHE C 215 4.92 22.42 -4.18
C PHE C 215 6.26 22.49 -3.47
N PHE C 216 6.23 22.59 -2.14
CA PHE C 216 7.46 22.51 -1.37
C PHE C 216 7.29 21.59 -0.17
N ARG C 217 8.32 20.78 0.09
CA ARG C 217 8.34 19.87 1.23
C ARG C 217 9.10 20.53 2.36
N ALA C 218 8.40 20.74 3.48
CA ALA C 218 8.80 21.69 4.51
C ALA C 218 9.37 20.97 5.72
N GLU C 219 10.46 21.52 6.25
CA GLU C 219 10.92 21.23 7.61
C GLU C 219 10.32 22.34 8.47
N GLU C 220 9.13 22.07 9.02
CA GLU C 220 8.21 23.09 9.53
C GLU C 220 8.93 24.33 10.07
N GLY C 221 8.68 25.48 9.45
CA GLY C 221 9.26 26.74 9.85
C GLY C 221 10.49 27.14 9.06
N HIS C 222 11.15 26.19 8.39
CA HIS C 222 12.38 26.51 7.67
C HIS C 222 12.12 27.23 6.36
N LEU C 223 11.00 26.95 5.70
CA LEU C 223 10.72 27.51 4.37
C LEU C 223 9.34 28.15 4.39
N ILE C 224 9.29 29.46 4.19
CA ILE C 224 8.06 30.23 4.29
C ILE C 224 7.86 31.09 3.05
N PRO C 225 6.86 30.81 2.20
CA PRO C 225 6.61 31.69 1.06
C PRO C 225 6.37 33.13 1.51
N GLN C 226 6.91 34.07 0.72
CA GLN C 226 6.75 35.50 0.95
C GLN C 226 5.83 36.15 -0.07
N SER C 227 6.02 35.87 -1.35
CA SER C 227 5.20 36.52 -2.37
C SER C 227 5.07 35.62 -3.58
N LEU C 228 3.95 35.79 -4.29
CA LEU C 228 3.68 35.04 -5.50
C LEU C 228 3.00 35.99 -6.48
N ASP C 229 3.56 36.12 -7.68
CA ASP C 229 3.06 37.10 -8.64
C ASP C 229 3.13 36.56 -10.06
N LEU C 230 2.15 36.98 -10.87
CA LEU C 230 2.17 36.70 -12.30
C LEU C 230 3.24 37.50 -13.02
N VAL C 231 3.89 36.88 -14.00
CA VAL C 231 4.86 37.52 -14.87
C VAL C 231 4.48 37.23 -16.31
N GLY C 232 5.07 37.99 -17.24
CA GLY C 232 4.73 37.88 -18.64
C GLY C 232 3.45 38.57 -18.99
N LEU C 233 3.08 39.61 -18.23
CA LEU C 233 1.81 40.28 -18.43
C LEU C 233 1.85 41.32 -19.53
N GLU C 234 3.03 41.77 -19.94
CA GLU C 234 3.16 42.84 -20.91
C GLU C 234 3.07 42.27 -22.33
N LYS C 235 2.11 42.78 -23.09
CA LYS C 235 1.93 42.38 -24.49
C LYS C 235 3.07 42.94 -25.33
N LEU C 236 3.57 42.14 -26.26
CA LEU C 236 4.75 42.53 -27.02
C LEU C 236 4.38 43.37 -28.24
N ASP C 237 5.41 43.92 -28.90
CA ASP C 237 5.17 44.79 -30.05
C ASP C 237 4.28 44.10 -31.08
N CYS C 238 4.47 42.79 -31.27
CA CYS C 238 3.71 42.03 -32.25
C CYS C 238 2.27 41.78 -31.86
N GLY C 239 1.82 42.29 -30.71
CA GLY C 239 0.44 42.15 -30.30
C GLY C 239 0.09 40.86 -29.60
N ARG C 240 1.09 40.12 -29.11
CA ARG C 240 0.84 38.88 -28.39
C ARG C 240 1.66 38.86 -27.12
N PHE C 241 1.33 37.92 -26.25
CA PHE C 241 2.06 37.71 -25.02
C PHE C 241 3.15 36.65 -25.24
N PRO C 242 4.19 36.67 -24.41
CA PRO C 242 5.23 35.64 -24.53
C PRO C 242 4.71 34.23 -24.59
N SER C 243 3.63 33.95 -23.86
CA SER C 243 3.07 32.62 -23.80
C SER C 243 1.58 32.72 -23.49
N ASP C 244 0.85 31.67 -23.82
CA ASP C 244 -0.55 31.59 -23.40
C ASP C 244 -0.68 31.38 -21.91
N HIS C 245 0.41 31.00 -21.24
CA HIS C 245 0.47 30.96 -19.79
C HIS C 245 1.11 32.23 -19.26
N TRP C 246 0.66 32.65 -18.08
CA TRP C 246 1.47 33.51 -17.25
C TRP C 246 2.51 32.66 -16.53
N GLY C 247 3.64 33.26 -16.20
CA GLY C 247 4.57 32.63 -15.29
C GLY C 247 4.29 33.01 -13.84
N LEU C 248 4.75 32.17 -12.92
CA LEU C 248 4.67 32.46 -11.49
C LEU C 248 6.03 32.88 -10.98
N LEU C 249 6.07 34.01 -10.28
CA LEU C 249 7.28 34.47 -9.63
C LEU C 249 7.08 34.32 -8.13
N CYS C 250 8.00 33.59 -7.49
CA CYS C 250 7.85 33.20 -6.10
C CYS C 250 9.12 33.53 -5.35
N THR C 251 8.97 34.19 -4.20
CA THR C 251 10.07 34.42 -3.27
C THR C 251 9.76 33.74 -1.95
N LEU C 252 10.78 33.12 -1.36
CA LEU C 252 10.66 32.37 -0.13
C LEU C 252 11.80 32.73 0.81
N ASN C 253 11.50 32.71 2.10
CA ASN C 253 12.51 32.90 3.12
C ASN C 253 12.94 31.56 3.68
N VAL C 254 14.22 31.46 3.99
CA VAL C 254 14.78 30.32 4.68
C VAL C 254 15.29 30.81 6.03
N VAL C 255 14.94 30.10 7.09
CA VAL C 255 15.42 30.42 8.43
C VAL C 255 16.40 29.33 8.87
N GLU E 6 6.85 -21.76 18.21
CA GLU E 6 7.39 -21.76 16.85
C GLU E 6 8.39 -20.60 16.70
N ASN E 7 9.51 -20.88 16.03
CA ASN E 7 10.61 -19.92 15.97
C ASN E 7 10.44 -18.97 14.79
N ASN E 8 11.18 -17.87 14.85
CA ASN E 8 11.20 -16.87 13.77
C ASN E 8 12.57 -16.85 13.11
N ASP E 9 13.10 -18.03 12.81
CA ASP E 9 14.38 -18.16 12.13
C ASP E 9 14.32 -17.62 10.71
N HIS E 10 15.47 -17.21 10.19
CA HIS E 10 15.52 -16.79 8.80
C HIS E 10 15.87 -17.99 7.92
N ILE E 11 15.31 -17.96 6.70
CA ILE E 11 15.50 -19.03 5.73
C ILE E 11 15.76 -18.40 4.36
N ASN E 12 16.44 -19.15 3.51
CA ASN E 12 16.72 -18.74 2.14
C ASN E 12 15.54 -19.10 1.26
N LEU E 13 15.06 -18.14 0.48
CA LEU E 13 14.03 -18.39 -0.52
C LEU E 13 14.54 -17.94 -1.88
N LYS E 14 14.43 -18.82 -2.86
CA LYS E 14 14.77 -18.50 -4.24
C LYS E 14 13.54 -17.96 -4.96
N VAL E 15 13.74 -16.97 -5.81
CA VAL E 15 12.69 -16.41 -6.65
C VAL E 15 13.13 -16.57 -8.10
N ALA E 16 12.51 -17.50 -8.80
CA ALA E 16 12.83 -17.77 -10.20
C ALA E 16 11.84 -17.01 -11.10
N GLY E 17 12.39 -16.29 -12.09
CA GLY E 17 11.58 -15.55 -13.02
C GLY E 17 11.40 -16.27 -14.36
N GLN E 18 10.42 -15.78 -15.12
CA GLN E 18 10.13 -16.39 -16.42
C GLN E 18 11.37 -16.43 -17.31
N ASP E 19 12.29 -15.49 -17.14
CA ASP E 19 13.46 -15.37 -18.00
C ASP E 19 14.55 -16.39 -17.70
N GLY E 20 14.46 -17.10 -16.59
CA GLY E 20 15.51 -18.00 -16.16
C GLY E 20 16.41 -17.45 -15.06
N SER E 21 16.04 -16.33 -14.44
CA SER E 21 16.84 -15.70 -13.39
C SER E 21 16.33 -16.12 -12.03
N VAL E 22 17.25 -16.55 -11.16
CA VAL E 22 16.94 -16.98 -9.81
C VAL E 22 17.67 -16.05 -8.85
N VAL E 23 16.91 -15.44 -7.94
CA VAL E 23 17.44 -14.50 -6.94
C VAL E 23 17.15 -15.08 -5.56
N GLN E 24 18.17 -15.19 -4.73
CA GLN E 24 18.03 -15.75 -3.39
C GLN E 24 17.99 -14.63 -2.36
N PHE E 25 16.95 -14.65 -1.52
CA PHE E 25 16.84 -13.76 -0.36
C PHE E 25 16.86 -14.58 0.91
N LYS E 26 17.20 -13.92 2.02
CA LYS E 26 16.99 -14.44 3.36
C LYS E 26 15.85 -13.67 4.01
N ILE E 27 14.92 -14.39 4.65
CA ILE E 27 13.72 -13.80 5.22
C ILE E 27 13.36 -14.54 6.50
N LYS E 28 12.77 -13.81 7.45
CA LYS E 28 12.34 -14.45 8.69
C LYS E 28 11.08 -15.28 8.45
N ARG E 29 10.91 -16.32 9.27
CA ARG E 29 9.84 -17.29 9.04
C ARG E 29 8.46 -16.65 9.08
N HIS E 30 8.27 -15.67 9.96
CA HIS E 30 6.96 -15.05 10.16
C HIS E 30 6.86 -13.69 9.53
N THR E 31 7.86 -13.26 8.76
CA THR E 31 7.76 -12.02 8.04
C THR E 31 6.73 -12.16 6.93
N PRO E 32 5.75 -11.26 6.82
CA PRO E 32 4.85 -11.31 5.67
C PRO E 32 5.63 -11.22 4.37
N LEU E 33 5.24 -12.06 3.41
CA LEU E 33 5.98 -12.17 2.16
C LEU E 33 5.93 -10.91 1.33
N SER E 34 5.10 -9.93 1.70
CA SER E 34 5.14 -8.63 1.04
C SER E 34 6.54 -8.07 1.03
N LYS E 35 7.26 -8.19 2.15
CA LYS E 35 8.60 -7.62 2.24
C LYS E 35 9.52 -8.22 1.17
N LEU E 36 9.39 -9.53 0.93
CA LEU E 36 10.15 -10.17 -0.15
C LEU E 36 9.64 -9.74 -1.52
N MET E 37 8.31 -9.68 -1.68
CA MET E 37 7.74 -9.21 -2.93
C MET E 37 8.19 -7.78 -3.23
N LYS E 38 8.17 -6.91 -2.21
CA LYS E 38 8.58 -5.52 -2.40
C LYS E 38 10.08 -5.43 -2.69
N ALA E 39 10.89 -6.20 -1.96
CA ALA E 39 12.34 -6.16 -2.20
C ALA E 39 12.69 -6.73 -3.56
N TYR E 40 11.98 -7.76 -4.01
CA TYR E 40 12.23 -8.29 -5.34
C TYR E 40 11.93 -7.24 -6.40
N CYS E 41 10.82 -6.52 -6.25
CA CYS E 41 10.45 -5.50 -7.24
C CYS E 41 11.47 -4.38 -7.29
N GLU E 42 11.93 -3.91 -6.13
CA GLU E 42 12.93 -2.84 -6.10
C GLU E 42 14.22 -3.28 -6.78
N ARG E 43 14.63 -4.52 -6.57
CA ARG E 43 15.93 -4.97 -7.08
C ARG E 43 15.90 -5.20 -8.59
N GLN E 44 14.78 -5.65 -9.12
CA GLN E 44 14.66 -5.97 -10.54
C GLN E 44 14.08 -4.82 -11.36
N GLY E 45 13.55 -3.80 -10.70
CA GLY E 45 12.93 -2.68 -11.39
C GLY E 45 11.52 -2.94 -11.86
N LEU E 46 10.76 -3.76 -11.13
CA LEU E 46 9.41 -4.14 -11.52
C LEU E 46 8.39 -3.48 -10.61
N SER E 47 7.13 -3.65 -10.96
CA SER E 47 6.00 -3.09 -10.22
C SER E 47 5.13 -4.21 -9.67
N MET E 48 4.64 -4.02 -8.44
CA MET E 48 3.75 -5.01 -7.84
C MET E 48 2.54 -5.29 -8.72
N ARG E 49 2.10 -4.30 -9.50
CA ARG E 49 0.99 -4.50 -10.41
C ARG E 49 1.29 -5.57 -11.45
N GLN E 50 2.47 -5.47 -12.08
CA GLN E 50 2.73 -6.27 -13.28
C GLN E 50 2.92 -7.75 -12.98
N ILE E 51 3.42 -8.10 -11.81
CA ILE E 51 3.83 -9.47 -11.53
C ILE E 51 2.93 -10.10 -10.48
N ARG E 52 2.99 -11.43 -10.40
CA ARG E 52 2.29 -12.21 -9.39
C ARG E 52 3.20 -13.34 -8.94
N PHE E 53 2.98 -13.84 -7.72
CA PHE E 53 3.85 -14.83 -7.12
C PHE E 53 3.10 -16.13 -6.83
N ARG E 54 3.80 -17.26 -6.97
CA ARG E 54 3.23 -18.59 -6.79
C ARG E 54 4.26 -19.50 -6.11
N PHE E 55 3.77 -20.46 -5.32
CA PHE E 55 4.64 -21.42 -4.64
C PHE E 55 3.97 -22.78 -4.61
N ASP E 56 4.66 -23.80 -5.12
CA ASP E 56 4.15 -25.18 -5.14
C ASP E 56 2.82 -25.28 -5.88
N GLY E 57 2.59 -24.37 -6.83
CA GLY E 57 1.38 -24.40 -7.61
C GLY E 57 0.22 -23.62 -7.04
N GLN E 58 0.46 -22.74 -6.07
CA GLN E 58 -0.60 -22.01 -5.39
C GLN E 58 -0.31 -20.51 -5.40
N PRO E 59 -1.34 -19.67 -5.41
CA PRO E 59 -1.10 -18.23 -5.33
C PRO E 59 -0.64 -17.80 -3.95
N ILE E 60 0.31 -16.86 -3.91
CA ILE E 60 0.80 -16.29 -2.66
C ILE E 60 0.19 -14.90 -2.49
N ASN E 61 -0.37 -14.66 -1.31
CA ASN E 61 -0.86 -13.35 -0.93
C ASN E 61 0.22 -12.58 -0.18
N GLU E 62 0.07 -11.25 -0.17
CA GLU E 62 1.06 -10.42 0.52
C GLU E 62 1.04 -10.63 2.02
N THR E 63 -0.07 -11.10 2.59
CA THR E 63 -0.14 -11.39 4.01
C THR E 63 0.46 -12.75 4.35
N ASP E 64 0.50 -13.68 3.40
CA ASP E 64 1.09 -14.99 3.63
C ASP E 64 2.51 -14.87 4.18
N THR E 65 2.81 -15.67 5.19
CA THR E 65 4.18 -15.86 5.63
C THR E 65 4.69 -17.21 5.14
N PRO E 66 6.02 -17.40 5.07
CA PRO E 66 6.53 -18.73 4.75
C PRO E 66 6.11 -19.79 5.78
N ALA E 67 6.00 -19.41 7.06
CA ALA E 67 5.51 -20.36 8.06
C ALA E 67 4.09 -20.80 7.75
N GLN E 68 3.20 -19.85 7.46
CA GLN E 68 1.84 -20.19 7.06
C GLN E 68 1.84 -21.08 5.83
N LEU E 69 2.77 -20.86 4.92
CA LEU E 69 2.84 -21.59 3.66
C LEU E 69 3.70 -22.84 3.76
N GLU E 70 4.17 -23.19 4.95
CA GLU E 70 5.00 -24.38 5.13
C GLU E 70 6.21 -24.36 4.21
N MET E 71 6.77 -23.17 4.01
CA MET E 71 8.03 -23.05 3.28
C MET E 71 9.19 -23.52 4.15
N GLU E 72 10.28 -23.90 3.48
CA GLU E 72 11.48 -24.37 4.15
C GLU E 72 12.68 -23.76 3.46
N ASP E 73 13.83 -23.84 4.14
CA ASP E 73 15.07 -23.30 3.60
C ASP E 73 15.31 -23.81 2.18
N GLU E 74 15.64 -22.87 1.29
CA GLU E 74 16.03 -23.12 -0.11
C GLU E 74 14.85 -23.46 -1.02
N ASP E 75 13.63 -23.21 -0.58
CA ASP E 75 12.48 -23.37 -1.46
C ASP E 75 12.47 -22.27 -2.52
N THR E 76 11.75 -22.54 -3.60
CA THR E 76 11.66 -21.63 -4.72
C THR E 76 10.27 -21.03 -4.82
N ILE E 77 10.23 -19.77 -5.24
CA ILE E 77 8.99 -19.06 -5.56
C ILE E 77 9.03 -18.72 -7.05
N ASP E 78 7.93 -18.98 -7.74
CA ASP E 78 7.81 -18.69 -9.17
C ASP E 78 7.03 -17.39 -9.35
N VAL E 79 7.63 -16.44 -10.08
CA VAL E 79 7.01 -15.14 -10.33
C VAL E 79 6.67 -15.06 -11.82
N PHE E 80 5.43 -14.63 -12.12
CA PHE E 80 4.95 -14.51 -13.48
C PHE E 80 4.41 -13.10 -13.71
N GLN E 81 3.76 -12.88 -14.86
CA GLN E 81 3.18 -11.58 -15.19
C GLN E 81 1.66 -11.60 -15.03
N SER F 7 -61.93 -21.74 -19.48
CA SER F 7 -61.59 -20.69 -20.42
C SER F 7 -60.59 -21.19 -21.46
N SER F 8 -60.13 -20.28 -22.33
CA SER F 8 -59.18 -20.60 -23.37
C SER F 8 -57.73 -20.48 -22.91
N THR F 9 -57.51 -20.34 -21.61
CA THR F 9 -56.17 -20.27 -21.02
C THR F 9 -55.98 -21.45 -20.08
N ILE F 10 -54.76 -22.02 -20.09
CA ILE F 10 -54.40 -23.09 -19.16
C ILE F 10 -53.10 -22.73 -18.48
N SER F 11 -52.95 -23.18 -17.24
CA SER F 11 -51.77 -22.92 -16.44
C SER F 11 -51.31 -24.21 -15.78
N PHE F 12 -49.99 -24.34 -15.61
CA PHE F 12 -49.50 -25.50 -14.87
C PHE F 12 -48.20 -25.13 -14.17
N ILE F 13 -47.83 -25.98 -13.22
CA ILE F 13 -46.56 -25.89 -12.51
C ILE F 13 -45.83 -27.21 -12.70
N THR F 14 -44.53 -27.13 -12.96
CA THR F 14 -43.67 -28.30 -12.90
C THR F 14 -42.56 -28.01 -11.91
N TRP F 15 -42.28 -28.99 -11.05
CA TRP F 15 -41.48 -28.76 -9.85
C TRP F 15 -40.92 -30.08 -9.34
N ASN F 16 -39.60 -30.18 -9.22
CA ASN F 16 -38.98 -31.25 -8.46
C ASN F 16 -38.94 -30.83 -7.00
N ILE F 17 -39.70 -31.53 -6.15
CA ILE F 17 -39.86 -31.09 -4.76
C ILE F 17 -38.92 -31.79 -3.80
N ASP F 18 -38.05 -32.67 -4.30
CA ASP F 18 -36.90 -33.17 -3.54
C ASP F 18 -37.32 -33.93 -2.28
N GLY F 19 -38.17 -34.94 -2.50
CA GLY F 19 -38.57 -35.82 -1.41
C GLY F 19 -37.43 -36.61 -0.81
N LEU F 20 -36.32 -36.75 -1.52
CA LEU F 20 -35.18 -37.49 -1.00
C LEU F 20 -34.39 -36.69 0.03
N ASP F 21 -34.74 -35.43 0.25
CA ASP F 21 -34.19 -34.64 1.35
C ASP F 21 -35.17 -34.72 2.50
N GLY F 22 -34.82 -35.48 3.53
CA GLY F 22 -35.70 -35.70 4.66
C GLY F 22 -35.82 -34.56 5.65
N CYS F 23 -34.92 -33.58 5.57
CA CYS F 23 -34.92 -32.48 6.52
C CYS F 23 -36.06 -31.51 6.24
N ASN F 24 -36.81 -31.19 7.28
CA ASN F 24 -37.89 -30.21 7.22
C ASN F 24 -38.92 -30.58 6.16
N LEU F 25 -39.05 -31.87 5.88
CA LEU F 25 -39.95 -32.27 4.82
C LEU F 25 -41.38 -31.85 5.07
N PRO F 26 -41.94 -32.04 6.27
CA PRO F 26 -43.33 -31.60 6.50
C PRO F 26 -43.52 -30.11 6.26
N GLU F 27 -42.60 -29.29 6.76
CA GLU F 27 -42.68 -27.85 6.53
C GLU F 27 -42.52 -27.53 5.05
N ARG F 28 -41.63 -28.22 4.35
CA ARG F 28 -41.46 -27.96 2.93
C ARG F 28 -42.67 -28.39 2.12
N ALA F 29 -43.27 -29.53 2.47
CA ALA F 29 -44.49 -29.92 1.78
C ALA F 29 -45.58 -28.88 1.96
N ARG F 30 -45.73 -28.35 3.19
CA ARG F 30 -46.67 -27.26 3.41
C ARG F 30 -46.33 -26.06 2.54
N GLY F 31 -45.05 -25.73 2.44
CA GLY F 31 -44.64 -24.64 1.59
C GLY F 31 -45.05 -24.84 0.14
N VAL F 32 -44.89 -26.06 -0.37
CA VAL F 32 -45.31 -26.36 -1.74
C VAL F 32 -46.80 -26.17 -1.89
N CYS F 33 -47.58 -26.70 -0.95
CA CYS F 33 -49.03 -26.54 -1.03
C CYS F 33 -49.45 -25.09 -0.91
N SER F 34 -48.64 -24.24 -0.27
CA SER F 34 -48.94 -22.82 -0.27
C SER F 34 -48.87 -22.24 -1.68
N CYS F 35 -47.77 -22.49 -2.39
CA CYS F 35 -47.68 -22.05 -3.77
C CYS F 35 -48.83 -22.60 -4.61
N LEU F 36 -49.21 -23.85 -4.40
CA LEU F 36 -50.32 -24.40 -5.18
C LEU F 36 -51.61 -23.66 -4.89
N ALA F 37 -51.85 -23.31 -3.63
CA ALA F 37 -53.05 -22.56 -3.28
C ALA F 37 -52.98 -21.13 -3.80
N LEU F 38 -51.77 -20.56 -3.79
CA LEU F 38 -51.56 -19.18 -4.23
C LEU F 38 -51.83 -19.02 -5.72
N TYR F 39 -51.37 -19.95 -6.56
CA TYR F 39 -51.48 -19.83 -8.00
C TYR F 39 -52.58 -20.69 -8.63
N SER F 40 -52.97 -21.77 -7.97
CA SER F 40 -54.11 -22.58 -8.40
C SER F 40 -54.02 -22.98 -9.88
N PRO F 41 -52.92 -23.57 -10.29
CA PRO F 41 -52.80 -24.01 -11.67
C PRO F 41 -53.73 -25.17 -11.99
N ASP F 42 -53.96 -25.37 -13.30
CA ASP F 42 -54.84 -26.46 -13.74
C ASP F 42 -54.15 -27.80 -13.59
N VAL F 43 -52.83 -27.83 -13.73
CA VAL F 43 -52.06 -29.07 -13.70
C VAL F 43 -50.76 -28.82 -12.93
N VAL F 44 -50.31 -29.85 -12.22
CA VAL F 44 -49.01 -29.81 -11.57
C VAL F 44 -48.26 -31.07 -11.95
N PHE F 45 -47.00 -30.90 -12.36
CA PHE F 45 -46.07 -32.00 -12.57
C PHE F 45 -45.07 -31.97 -11.44
N LEU F 46 -45.03 -33.02 -10.64
CA LEU F 46 -44.09 -33.13 -9.54
C LEU F 46 -43.12 -34.27 -9.81
N GLN F 47 -41.86 -34.05 -9.42
CA GLN F 47 -40.85 -35.10 -9.45
C GLN F 47 -40.25 -35.25 -8.06
N GLU F 48 -39.75 -36.46 -7.78
CA GLU F 48 -39.12 -36.79 -6.49
C GLU F 48 -40.13 -36.79 -5.35
N VAL F 49 -41.33 -37.28 -5.64
CA VAL F 49 -42.36 -37.46 -4.63
C VAL F 49 -42.08 -38.76 -3.88
N ILE F 50 -42.31 -38.76 -2.57
CA ILE F 50 -42.26 -40.02 -1.82
C ILE F 50 -43.65 -40.31 -1.28
N PRO F 51 -43.91 -41.51 -0.77
CA PRO F 51 -45.30 -41.85 -0.38
C PRO F 51 -45.84 -40.93 0.70
N PRO F 52 -45.03 -40.59 1.73
CA PRO F 52 -45.51 -39.61 2.73
C PRO F 52 -45.82 -38.25 2.14
N TYR F 53 -44.93 -37.73 1.30
CA TYR F 53 -45.18 -36.46 0.63
C TYR F 53 -46.46 -36.53 -0.17
N CYS F 54 -46.75 -37.71 -0.72
CA CYS F 54 -47.92 -37.88 -1.54
C CYS F 54 -49.19 -37.83 -0.70
N ALA F 55 -49.11 -38.31 0.54
CA ALA F 55 -50.25 -38.25 1.45
C ALA F 55 -50.47 -36.84 1.99
N TYR F 56 -49.38 -36.10 2.22
CA TYR F 56 -49.51 -34.70 2.59
C TYR F 56 -50.27 -33.91 1.53
N LEU F 57 -50.11 -34.26 0.25
CA LEU F 57 -50.81 -33.54 -0.81
C LEU F 57 -52.30 -33.85 -0.82
N LYS F 58 -52.69 -35.08 -0.47
CA LYS F 58 -54.10 -35.44 -0.48
C LYS F 58 -54.88 -34.74 0.63
N LYS F 59 -54.20 -34.11 1.59
CA LYS F 59 -54.83 -33.39 2.67
C LYS F 59 -54.83 -31.88 2.45
N ARG F 60 -53.70 -31.30 2.09
CA ARG F 60 -53.59 -29.85 1.93
C ARG F 60 -53.65 -29.38 0.47
N ALA F 61 -53.85 -30.30 -0.48
CA ALA F 61 -54.11 -29.96 -1.88
C ALA F 61 -55.27 -30.78 -2.39
N ALA F 62 -56.31 -30.90 -1.57
CA ALA F 62 -57.41 -31.81 -1.85
C ALA F 62 -58.17 -31.47 -3.13
N SER F 63 -57.98 -30.27 -3.69
CA SER F 63 -58.69 -29.90 -4.92
C SER F 63 -58.07 -30.51 -6.17
N TYR F 64 -57.02 -31.32 -6.02
CA TYR F 64 -56.36 -31.97 -7.13
C TYR F 64 -56.51 -33.48 -7.02
N THR F 65 -56.56 -34.13 -8.19
CA THR F 65 -56.48 -35.57 -8.30
C THR F 65 -55.04 -35.96 -8.62
N ILE F 66 -54.50 -36.89 -7.84
CA ILE F 66 -53.10 -37.29 -7.96
C ILE F 66 -53.01 -38.54 -8.82
N ILE F 67 -52.27 -38.44 -9.92
CA ILE F 67 -51.91 -39.59 -10.76
C ILE F 67 -50.41 -39.78 -10.60
N THR F 68 -50.00 -41.00 -10.24
CA THR F 68 -48.61 -41.28 -9.89
C THR F 68 -48.02 -42.37 -10.76
N GLY F 69 -46.71 -42.25 -10.98
CA GLY F 69 -45.90 -43.16 -11.76
C GLY F 69 -45.32 -44.31 -10.96
N ASN F 70 -45.71 -44.45 -9.69
CA ASN F 70 -45.28 -45.50 -8.79
C ASN F 70 -45.84 -45.19 -7.42
N GLU F 71 -45.69 -46.08 -6.45
CA GLU F 71 -46.00 -45.68 -5.07
C GLU F 71 -44.98 -46.24 -4.08
N GLU F 72 -43.77 -46.52 -4.54
CA GLU F 72 -42.67 -46.92 -3.67
C GLU F 72 -41.44 -46.13 -4.10
N GLY F 73 -40.44 -46.11 -3.22
CA GLY F 73 -39.26 -45.33 -3.52
C GLY F 73 -39.62 -43.88 -3.77
N TYR F 74 -38.99 -43.27 -4.77
CA TYR F 74 -39.33 -41.92 -5.19
C TYR F 74 -39.82 -41.95 -6.63
N PHE F 75 -40.73 -41.04 -6.93
CA PHE F 75 -41.49 -41.11 -8.18
C PHE F 75 -42.07 -39.74 -8.50
N THR F 76 -42.60 -39.64 -9.73
CA THR F 76 -43.25 -38.44 -10.23
C THR F 76 -44.75 -38.56 -10.07
N ALA F 77 -45.42 -37.42 -10.21
CA ALA F 77 -46.87 -37.38 -10.12
C ALA F 77 -47.40 -36.22 -10.94
N ILE F 78 -48.63 -36.37 -11.42
CA ILE F 78 -49.32 -35.33 -12.15
C ILE F 78 -50.64 -35.08 -11.44
N LEU F 79 -50.79 -33.87 -10.90
CA LEU F 79 -52.02 -33.46 -10.24
C LEU F 79 -52.94 -32.76 -11.22
N LEU F 80 -54.23 -33.12 -11.18
CA LEU F 80 -55.24 -32.58 -12.08
C LEU F 80 -56.28 -31.84 -11.27
N LYS F 81 -56.48 -30.57 -11.59
CA LYS F 81 -57.44 -29.72 -10.87
C LYS F 81 -58.87 -30.23 -11.07
N LYS F 82 -59.51 -30.62 -9.97
CA LYS F 82 -60.89 -31.08 -10.03
C LYS F 82 -61.81 -29.94 -10.45
N GLY F 83 -62.80 -30.26 -11.29
CA GLY F 83 -63.72 -29.26 -11.77
C GLY F 83 -63.20 -28.44 -12.93
N ARG F 84 -62.09 -28.84 -13.53
CA ARG F 84 -61.43 -28.04 -14.55
C ARG F 84 -60.70 -28.98 -15.52
N VAL F 85 -60.15 -30.08 -14.99
CA VAL F 85 -59.55 -31.13 -15.80
C VAL F 85 -60.29 -32.44 -15.49
N LYS F 86 -60.60 -33.19 -16.54
CA LYS F 86 -61.19 -34.51 -16.39
C LYS F 86 -60.24 -35.56 -16.95
N PHE F 87 -59.98 -36.57 -16.13
CA PHE F 87 -59.05 -37.65 -16.44
C PHE F 87 -59.68 -38.61 -17.44
N LYS F 88 -58.83 -39.21 -18.28
CA LYS F 88 -59.31 -40.19 -19.25
C LYS F 88 -58.54 -41.50 -19.11
N SER F 89 -57.22 -41.42 -19.03
CA SER F 89 -56.40 -42.63 -18.96
C SER F 89 -54.98 -42.24 -18.60
N GLN F 90 -54.21 -43.25 -18.20
CA GLN F 90 -52.80 -43.07 -17.91
C GLN F 90 -52.01 -44.26 -18.46
N GLU F 91 -50.70 -44.11 -18.46
CA GLU F 91 -49.77 -45.08 -19.03
C GLU F 91 -48.38 -44.74 -18.55
N ILE F 92 -47.55 -45.74 -18.32
CA ILE F 92 -46.21 -45.53 -17.77
C ILE F 92 -45.23 -46.22 -18.71
N ILE F 93 -44.50 -45.42 -19.48
CA ILE F 93 -43.50 -45.96 -20.40
C ILE F 93 -42.23 -46.16 -19.58
N PRO F 94 -41.71 -47.38 -19.49
CA PRO F 94 -40.49 -47.59 -18.72
C PRO F 94 -39.26 -47.10 -19.47
N PHE F 95 -38.21 -46.85 -18.69
CA PHE F 95 -36.89 -46.62 -19.22
C PHE F 95 -36.07 -47.88 -19.00
N PRO F 96 -35.99 -48.78 -19.99
CA PRO F 96 -35.43 -50.12 -19.71
C PRO F 96 -34.04 -50.10 -19.10
N ASN F 97 -33.28 -49.01 -19.28
CA ASN F 97 -31.90 -48.97 -18.85
C ASN F 97 -31.66 -48.00 -17.70
N THR F 98 -32.71 -47.47 -17.09
CA THR F 98 -32.51 -46.61 -15.94
C THR F 98 -31.94 -47.43 -14.80
N LYS F 99 -31.00 -46.83 -14.08
CA LYS F 99 -30.50 -47.37 -12.83
C LYS F 99 -31.02 -46.59 -11.63
N MET F 100 -31.99 -45.69 -11.85
CA MET F 100 -32.53 -44.83 -10.81
C MET F 100 -34.06 -44.90 -10.79
N MET F 101 -34.64 -45.93 -11.38
CA MET F 101 -36.08 -46.19 -11.32
C MET F 101 -36.87 -45.12 -12.05
N ARG F 102 -36.25 -44.45 -13.02
CA ARG F 102 -36.93 -43.42 -13.76
C ARG F 102 -37.80 -44.02 -14.85
N ASN F 103 -38.86 -43.30 -15.20
CA ASN F 103 -39.78 -43.73 -16.25
C ASN F 103 -40.47 -42.50 -16.80
N LEU F 104 -41.47 -42.73 -17.66
CA LEU F 104 -42.20 -41.66 -18.31
C LEU F 104 -43.67 -41.85 -17.97
N LEU F 105 -44.25 -40.88 -17.29
CA LEU F 105 -45.66 -40.93 -16.92
C LEU F 105 -46.47 -40.15 -17.95
N CYS F 106 -47.50 -40.80 -18.51
CA CYS F 106 -48.38 -40.18 -19.48
C CYS F 106 -49.81 -40.26 -19.00
N VAL F 107 -50.51 -39.13 -19.07
CA VAL F 107 -51.88 -39.01 -18.56
C VAL F 107 -52.69 -38.25 -19.60
N ASN F 108 -53.71 -38.90 -20.14
CA ASN F 108 -54.58 -38.26 -21.13
C ASN F 108 -55.78 -37.67 -20.42
N VAL F 109 -56.08 -36.40 -20.72
CA VAL F 109 -57.14 -35.67 -20.04
C VAL F 109 -57.89 -34.81 -21.05
N SER F 110 -59.00 -34.25 -20.59
CA SER F 110 -59.71 -33.20 -21.31
C SER F 110 -59.72 -31.95 -20.44
N LEU F 111 -59.46 -30.81 -21.07
CA LEU F 111 -59.30 -29.55 -20.34
C LEU F 111 -59.82 -28.43 -21.22
N GLY F 112 -60.80 -27.68 -20.72
CA GLY F 112 -61.38 -26.61 -21.50
C GLY F 112 -61.91 -27.08 -22.84
N GLY F 113 -62.38 -28.33 -22.91
CA GLY F 113 -62.94 -28.87 -24.12
C GLY F 113 -61.94 -29.47 -25.08
N ASN F 114 -60.64 -29.37 -24.82
CA ASN F 114 -59.62 -29.89 -25.72
C ASN F 114 -58.92 -31.09 -25.11
N GLU F 115 -58.43 -31.97 -25.97
CA GLU F 115 -57.72 -33.17 -25.53
C GLU F 115 -56.25 -32.83 -25.27
N PHE F 116 -55.68 -33.47 -24.26
CA PHE F 116 -54.29 -33.23 -23.88
C PHE F 116 -53.64 -34.53 -23.41
N CYS F 117 -52.40 -34.74 -23.82
CA CYS F 117 -51.57 -35.83 -23.31
C CYS F 117 -50.47 -35.21 -22.45
N LEU F 118 -50.60 -35.37 -21.13
CA LEU F 118 -49.70 -34.76 -20.17
C LEU F 118 -48.63 -35.76 -19.75
N MET F 119 -47.37 -35.35 -19.86
CA MET F 119 -46.25 -36.24 -19.60
C MET F 119 -45.26 -35.57 -18.66
N THR F 120 -44.68 -36.37 -17.76
CA THR F 120 -43.63 -35.89 -16.90
C THR F 120 -42.63 -37.01 -16.69
N SER F 121 -41.43 -36.63 -16.27
CA SER F 121 -40.37 -37.60 -16.06
C SER F 121 -39.25 -36.91 -15.31
N HIS F 122 -38.42 -37.72 -14.67
CA HIS F 122 -37.25 -37.25 -13.97
C HIS F 122 -36.07 -38.01 -14.60
N LEU F 123 -35.51 -37.44 -15.67
CA LEU F 123 -34.47 -38.13 -16.41
C LEU F 123 -33.25 -38.35 -15.53
N GLU F 124 -32.45 -39.36 -15.91
CA GLU F 124 -31.31 -39.80 -15.12
C GLU F 124 -30.43 -38.63 -14.72
N SER F 125 -29.90 -38.68 -13.50
CA SER F 125 -29.23 -37.56 -12.86
C SER F 125 -27.72 -37.68 -12.95
N THR F 126 -27.07 -36.53 -12.72
CA THR F 126 -25.62 -36.38 -12.57
C THR F 126 -24.91 -36.35 -13.91
N ARG F 127 -23.70 -35.80 -13.89
CA ARG F 127 -22.89 -35.71 -15.11
C ARG F 127 -22.57 -37.09 -15.66
N GLU F 128 -22.14 -37.99 -14.78
CA GLU F 128 -21.65 -39.32 -15.16
C GLU F 128 -22.69 -40.18 -15.87
N HIS F 129 -23.96 -39.80 -15.85
CA HIS F 129 -25.00 -40.58 -16.52
C HIS F 129 -25.53 -39.82 -17.74
N SER F 130 -24.65 -39.09 -18.42
CA SER F 130 -25.05 -38.33 -19.60
C SER F 130 -25.61 -39.24 -20.69
N ALA F 131 -25.04 -40.43 -20.86
CA ALA F 131 -25.43 -41.28 -21.98
C ALA F 131 -26.85 -41.82 -21.81
N GLU F 132 -27.19 -42.28 -20.60
CA GLU F 132 -28.54 -42.75 -20.35
C GLU F 132 -29.55 -41.61 -20.38
N ARG F 133 -29.15 -40.44 -19.86
CA ARG F 133 -30.04 -39.27 -19.90
C ARG F 133 -30.41 -38.91 -21.34
N ILE F 134 -29.44 -38.95 -22.25
CA ILE F 134 -29.72 -38.69 -23.66
C ILE F 134 -30.64 -39.75 -24.24
N ARG F 135 -30.39 -41.03 -23.93
CA ARG F 135 -31.29 -42.09 -24.39
C ARG F 135 -32.72 -41.82 -23.93
N GLN F 136 -32.90 -41.49 -22.65
CA GLN F 136 -34.23 -41.26 -22.12
C GLN F 136 -34.90 -40.06 -22.80
N LEU F 137 -34.12 -39.00 -23.07
CA LEU F 137 -34.66 -37.86 -23.82
C LEU F 137 -35.18 -38.28 -25.18
N LYS F 138 -34.46 -39.16 -25.87
CA LYS F 138 -34.95 -39.63 -27.16
C LYS F 138 -36.25 -40.41 -27.00
N THR F 139 -36.34 -41.25 -25.97
CA THR F 139 -37.60 -41.97 -25.75
C THR F 139 -38.75 -41.01 -25.48
N VAL F 140 -38.51 -39.94 -24.70
CA VAL F 140 -39.58 -38.99 -24.42
C VAL F 140 -40.02 -38.29 -25.70
N LEU F 141 -39.05 -37.72 -26.43
CA LEU F 141 -39.40 -37.01 -27.68
C LEU F 141 -40.04 -37.96 -28.69
N GLY F 142 -39.59 -39.22 -28.73
CA GLY F 142 -40.23 -40.18 -29.62
C GLY F 142 -41.69 -40.40 -29.28
N LYS F 143 -41.99 -40.57 -27.99
CA LYS F 143 -43.38 -40.78 -27.60
C LYS F 143 -44.22 -39.52 -27.80
N MET F 144 -43.62 -38.33 -27.69
CA MET F 144 -44.35 -37.11 -27.98
C MET F 144 -44.83 -37.09 -29.43
N GLN F 145 -43.98 -37.55 -30.35
CA GLN F 145 -44.34 -37.58 -31.76
C GLN F 145 -45.31 -38.72 -32.09
N GLU F 146 -45.20 -39.84 -31.38
CA GLU F 146 -46.07 -40.99 -31.65
C GLU F 146 -47.46 -40.83 -31.06
N ALA F 147 -47.65 -39.90 -30.12
CA ALA F 147 -48.94 -39.70 -29.50
C ALA F 147 -49.99 -39.33 -30.55
N PRO F 148 -51.26 -39.67 -30.32
CA PRO F 148 -52.29 -39.50 -31.34
C PRO F 148 -52.24 -38.13 -32.00
N ASP F 149 -52.47 -38.12 -33.31
CA ASP F 149 -52.44 -36.87 -34.06
C ASP F 149 -53.44 -35.85 -33.49
N SER F 150 -54.55 -36.33 -32.94
CA SER F 150 -55.62 -35.43 -32.49
C SER F 150 -55.33 -34.75 -31.16
N THR F 151 -54.26 -35.14 -30.46
CA THR F 151 -54.00 -34.62 -29.12
C THR F 151 -52.95 -33.51 -29.15
N THR F 152 -53.04 -32.62 -28.16
CA THR F 152 -51.96 -31.71 -27.83
C THR F 152 -51.13 -32.34 -26.72
N VAL F 153 -49.80 -32.33 -26.87
CA VAL F 153 -48.91 -32.98 -25.92
C VAL F 153 -48.12 -31.92 -25.17
N ILE F 154 -48.07 -32.06 -23.85
CA ILE F 154 -47.24 -31.22 -23.00
C ILE F 154 -46.36 -32.12 -22.15
N PHE F 155 -45.04 -31.97 -22.29
CA PHE F 155 -44.09 -32.57 -21.38
C PHE F 155 -43.47 -31.51 -20.47
N ALA F 156 -43.47 -31.78 -19.18
CA ALA F 156 -42.85 -30.89 -18.20
C ALA F 156 -42.21 -31.77 -17.14
N GLY F 157 -40.94 -31.54 -16.85
CA GLY F 157 -40.24 -32.42 -15.94
C GLY F 157 -38.83 -31.94 -15.67
N ASP F 158 -38.17 -32.69 -14.80
CA ASP F 158 -36.77 -32.42 -14.46
C ASP F 158 -35.90 -33.21 -15.44
N THR F 159 -35.37 -32.52 -16.44
CA THR F 159 -34.59 -33.16 -17.50
C THR F 159 -33.14 -33.41 -17.11
N ASN F 160 -32.59 -32.66 -16.16
CA ASN F 160 -31.19 -32.77 -15.79
C ASN F 160 -30.26 -32.49 -16.97
N LEU F 161 -30.77 -31.86 -18.03
CA LEU F 161 -30.01 -31.64 -19.25
C LEU F 161 -28.99 -30.52 -19.14
N ARG F 162 -27.85 -30.74 -19.76
CA ARG F 162 -26.92 -29.68 -20.13
C ARG F 162 -27.13 -29.30 -21.60
N ASP F 163 -26.88 -28.02 -21.90
CA ASP F 163 -27.12 -27.54 -23.27
C ASP F 163 -26.36 -28.38 -24.30
N GLN F 164 -25.12 -28.77 -23.98
CA GLN F 164 -24.31 -29.57 -24.88
C GLN F 164 -25.00 -30.87 -25.26
N GLU F 165 -25.74 -31.47 -24.33
CA GLU F 165 -26.31 -32.80 -24.55
C GLU F 165 -27.50 -32.75 -25.49
N VAL F 166 -28.20 -31.62 -25.56
CA VAL F 166 -29.28 -31.50 -26.53
C VAL F 166 -28.72 -31.36 -27.94
N ILE F 167 -27.58 -30.69 -28.08
CA ILE F 167 -26.93 -30.64 -29.39
C ILE F 167 -26.44 -32.02 -29.78
N LYS F 168 -25.77 -32.71 -28.86
CA LYS F 168 -25.27 -34.05 -29.14
C LYS F 168 -26.39 -34.99 -29.53
N CYS F 169 -27.59 -34.68 -29.11
CA CYS F 169 -28.76 -35.53 -29.33
C CYS F 169 -29.49 -35.20 -30.63
N GLY F 170 -29.12 -34.12 -31.31
CA GLY F 170 -29.74 -33.73 -32.57
C GLY F 170 -30.64 -32.51 -32.48
N GLY F 171 -30.78 -31.92 -31.31
CA GLY F 171 -31.70 -30.81 -31.14
C GLY F 171 -33.14 -31.26 -31.11
N LEU F 172 -34.02 -30.39 -30.61
CA LEU F 172 -35.44 -30.73 -30.55
C LEU F 172 -35.98 -30.94 -31.97
N PRO F 173 -36.89 -31.91 -32.17
CA PRO F 173 -37.56 -32.03 -33.47
C PRO F 173 -38.18 -30.71 -33.89
N ASP F 174 -38.52 -30.60 -35.17
CA ASP F 174 -39.09 -29.35 -35.65
C ASP F 174 -40.49 -29.11 -35.11
N ASN F 175 -41.20 -30.16 -34.69
CA ASN F 175 -42.57 -30.03 -34.19
C ASN F 175 -42.68 -30.10 -32.68
N VAL F 176 -41.56 -30.04 -31.96
CA VAL F 176 -41.57 -30.02 -30.50
C VAL F 176 -40.86 -28.76 -30.04
N PHE F 177 -41.54 -27.99 -29.20
CA PHE F 177 -41.08 -26.67 -28.78
C PHE F 177 -40.74 -26.64 -27.30
N ASP F 178 -39.67 -25.93 -26.97
CA ASP F 178 -39.31 -25.61 -25.61
C ASP F 178 -39.95 -24.27 -25.25
N ALA F 179 -40.82 -24.27 -24.24
CA ALA F 179 -41.60 -23.06 -23.95
C ALA F 179 -40.72 -21.88 -23.60
N TRP F 180 -39.67 -22.11 -22.80
CA TRP F 180 -38.74 -21.04 -22.47
C TRP F 180 -38.11 -20.45 -23.74
N GLU F 181 -37.68 -21.32 -24.65
CA GLU F 181 -37.14 -20.88 -25.94
C GLU F 181 -38.19 -20.10 -26.72
N PHE F 182 -39.40 -20.65 -26.83
CA PHE F 182 -40.48 -19.98 -27.53
C PHE F 182 -40.67 -18.55 -27.02
N LEU F 183 -40.55 -18.34 -25.71
CA LEU F 183 -40.77 -17.04 -25.10
C LEU F 183 -39.58 -16.10 -25.22
N GLY F 184 -38.53 -16.48 -25.93
CA GLY F 184 -37.36 -15.63 -26.06
C GLY F 184 -36.25 -15.87 -25.05
N LYS F 185 -36.19 -17.05 -24.44
CA LYS F 185 -35.15 -17.39 -23.49
C LYS F 185 -34.99 -16.29 -22.42
N PRO F 186 -36.09 -15.88 -21.78
CA PRO F 186 -36.01 -14.78 -20.81
C PRO F 186 -35.16 -15.13 -19.61
N LYS F 187 -34.34 -14.16 -19.17
CA LYS F 187 -33.38 -14.42 -18.11
C LYS F 187 -34.05 -14.78 -16.80
N HIS F 188 -35.15 -14.11 -16.45
CA HIS F 188 -35.65 -14.21 -15.08
C HIS F 188 -36.01 -15.63 -14.67
N CYS F 189 -36.21 -16.55 -15.61
CA CYS F 189 -36.54 -17.92 -15.23
C CYS F 189 -35.67 -18.94 -15.96
N GLN F 190 -34.44 -18.54 -16.32
CA GLN F 190 -33.56 -19.48 -17.02
C GLN F 190 -33.15 -20.62 -16.10
N TYR F 191 -32.55 -20.28 -14.97
CA TYR F 191 -31.94 -21.28 -14.09
C TYR F 191 -32.98 -21.71 -13.06
N THR F 192 -33.37 -22.98 -13.13
CA THR F 192 -34.32 -23.57 -12.21
C THR F 192 -33.63 -24.30 -11.06
N TRP F 193 -32.31 -24.41 -11.11
CA TRP F 193 -31.52 -25.06 -10.08
C TRP F 193 -30.24 -24.24 -9.92
N ASP F 194 -30.11 -23.54 -8.78
CA ASP F 194 -29.11 -22.47 -8.62
C ASP F 194 -28.60 -22.50 -7.19
N THR F 195 -27.35 -22.90 -7.00
CA THR F 195 -26.82 -23.07 -5.65
C THR F 195 -26.35 -21.78 -5.04
N LYS F 196 -26.36 -20.68 -5.78
CA LYS F 196 -26.01 -19.40 -5.19
C LYS F 196 -27.22 -18.75 -4.53
N ALA F 197 -28.37 -18.83 -5.19
CA ALA F 197 -29.64 -18.31 -4.70
C ALA F 197 -30.40 -19.31 -3.84
N ASN F 198 -29.94 -20.57 -3.79
CA ASN F 198 -30.66 -21.62 -3.08
C ASN F 198 -29.66 -22.44 -2.30
N ASN F 199 -29.94 -22.64 -1.02
CA ASN F 199 -28.97 -23.20 -0.09
C ASN F 199 -29.39 -24.55 0.49
N ASN F 200 -30.47 -25.16 0.00
CA ASN F 200 -31.00 -26.36 0.62
C ASN F 200 -29.96 -27.48 0.67
N LEU F 201 -29.14 -27.59 -0.38
CA LEU F 201 -28.19 -28.69 -0.45
C LEU F 201 -26.86 -28.38 0.23
N ARG F 202 -26.62 -27.14 0.64
CA ARG F 202 -25.42 -26.75 1.39
C ARG F 202 -24.18 -26.87 0.54
N ILE F 203 -24.32 -26.60 -0.75
CA ILE F 203 -23.20 -26.64 -1.69
C ILE F 203 -22.48 -25.30 -1.63
N PRO F 204 -21.20 -25.28 -1.26
CA PRO F 204 -20.51 -23.98 -1.14
C PRO F 204 -20.37 -23.27 -2.47
N ALA F 205 -20.18 -24.02 -3.55
CA ALA F 205 -19.90 -23.40 -4.83
C ALA F 205 -21.19 -22.99 -5.51
N ALA F 206 -21.06 -22.05 -6.44
CA ALA F 206 -22.19 -21.53 -7.18
C ALA F 206 -22.31 -22.29 -8.49
N TYR F 207 -23.45 -22.95 -8.68
CA TYR F 207 -23.74 -23.67 -9.90
C TYR F 207 -25.18 -23.34 -10.28
N LYS F 208 -25.44 -23.17 -11.57
CA LYS F 208 -26.79 -22.92 -12.03
C LYS F 208 -27.00 -23.62 -13.36
N HIS F 209 -28.23 -24.09 -13.55
CA HIS F 209 -28.58 -24.95 -14.66
C HIS F 209 -30.07 -24.78 -14.91
N ARG F 210 -30.45 -25.02 -16.15
CA ARG F 210 -31.86 -25.02 -16.54
C ARG F 210 -32.30 -26.47 -16.68
N PHE F 211 -32.34 -27.15 -15.52
CA PHE F 211 -32.68 -28.57 -15.49
C PHE F 211 -34.14 -28.83 -15.79
N ASP F 212 -35.02 -27.89 -15.46
CA ASP F 212 -36.46 -28.13 -15.55
C ASP F 212 -36.99 -27.46 -16.81
N ARG F 213 -37.64 -28.24 -17.67
CA ARG F 213 -38.02 -27.77 -19.00
C ARG F 213 -39.44 -28.21 -19.34
N ILE F 214 -40.06 -27.43 -20.23
CA ILE F 214 -41.40 -27.68 -20.75
C ILE F 214 -41.29 -27.85 -22.27
N PHE F 215 -41.77 -28.98 -22.78
CA PHE F 215 -41.85 -29.27 -24.21
C PHE F 215 -43.31 -29.44 -24.59
N PHE F 216 -43.71 -28.97 -25.77
CA PHE F 216 -45.07 -29.23 -26.21
C PHE F 216 -45.10 -29.53 -27.71
N ARG F 217 -46.18 -30.20 -28.13
CA ARG F 217 -46.44 -30.50 -29.53
C ARG F 217 -47.89 -30.15 -29.81
N ALA F 218 -48.11 -29.19 -30.72
CA ALA F 218 -49.46 -28.72 -31.02
C ALA F 218 -49.58 -28.39 -32.50
N GLU F 219 -50.82 -28.32 -32.97
CA GLU F 219 -51.08 -27.78 -34.30
C GLU F 219 -50.61 -26.33 -34.34
N GLU F 220 -50.08 -25.92 -35.50
CA GLU F 220 -49.57 -24.56 -35.68
C GLU F 220 -50.50 -23.53 -35.05
N GLY F 221 -49.97 -22.78 -34.10
CA GLY F 221 -50.69 -21.67 -33.52
C GLY F 221 -51.76 -22.05 -32.53
N HIS F 222 -51.89 -23.34 -32.18
CA HIS F 222 -52.96 -23.77 -31.29
C HIS F 222 -52.57 -23.70 -29.83
N LEU F 223 -51.28 -23.75 -29.51
CA LEU F 223 -50.82 -23.66 -28.13
C LEU F 223 -49.72 -22.61 -28.08
N ILE F 224 -49.96 -21.52 -27.37
CA ILE F 224 -49.09 -20.36 -27.39
C ILE F 224 -48.69 -19.99 -25.97
N PRO F 225 -47.46 -20.28 -25.54
CA PRO F 225 -47.02 -19.84 -24.21
C PRO F 225 -47.19 -18.33 -24.03
N GLN F 226 -47.64 -17.94 -22.85
CA GLN F 226 -47.78 -16.54 -22.47
C GLN F 226 -46.74 -16.08 -21.47
N SER F 227 -46.30 -16.95 -20.56
CA SER F 227 -45.40 -16.51 -19.51
C SER F 227 -44.76 -17.72 -18.85
N LEU F 228 -43.63 -17.45 -18.20
CA LEU F 228 -42.90 -18.44 -17.44
C LEU F 228 -42.31 -17.72 -16.24
N ASP F 229 -42.56 -18.24 -15.03
CA ASP F 229 -42.03 -17.64 -13.81
C ASP F 229 -41.54 -18.72 -12.86
N LEU F 230 -40.53 -18.36 -12.07
CA LEU F 230 -40.09 -19.19 -10.97
C LEU F 230 -41.11 -19.14 -9.84
N VAL F 231 -41.25 -20.27 -9.14
CA VAL F 231 -42.05 -20.34 -7.93
C VAL F 231 -41.25 -21.08 -6.87
N GLY F 232 -41.70 -20.97 -5.62
CA GLY F 232 -40.96 -21.54 -4.52
C GLY F 232 -39.78 -20.69 -4.10
N LEU F 233 -39.87 -19.38 -4.31
CA LEU F 233 -38.78 -18.46 -4.03
C LEU F 233 -38.78 -17.97 -2.60
N GLU F 234 -39.88 -18.13 -1.88
CA GLU F 234 -39.99 -17.63 -0.51
C GLU F 234 -39.42 -18.67 0.45
N LYS F 235 -38.35 -18.29 1.12
CA LYS F 235 -37.75 -19.13 2.16
C LYS F 235 -38.76 -19.35 3.27
N LEU F 236 -38.73 -20.55 3.85
CA LEU F 236 -39.72 -20.94 4.85
C LEU F 236 -39.27 -20.52 6.25
N ASP F 237 -40.11 -20.81 7.25
CA ASP F 237 -39.79 -20.41 8.63
C ASP F 237 -38.52 -21.09 9.13
N CYS F 238 -38.19 -22.25 8.58
CA CYS F 238 -37.01 -23.01 8.98
C CYS F 238 -35.74 -22.57 8.28
N GLY F 239 -35.78 -21.49 7.49
CA GLY F 239 -34.59 -21.01 6.81
C GLY F 239 -34.21 -21.73 5.54
N ARG F 240 -35.08 -22.60 5.01
CA ARG F 240 -34.82 -23.32 3.78
C ARG F 240 -36.00 -23.17 2.84
N PHE F 241 -35.76 -23.36 1.55
CA PHE F 241 -36.83 -23.28 0.56
C PHE F 241 -37.59 -24.59 0.48
N PRO F 242 -38.72 -24.60 -0.22
CA PRO F 242 -39.43 -25.88 -0.39
C PRO F 242 -38.57 -26.94 -1.04
N SER F 243 -37.79 -26.59 -2.06
CA SER F 243 -36.91 -27.54 -2.73
C SER F 243 -35.59 -26.88 -3.06
N ASP F 244 -34.63 -27.71 -3.49
CA ASP F 244 -33.39 -27.23 -4.08
C ASP F 244 -33.59 -26.75 -5.51
N HIS F 245 -34.71 -27.10 -6.13
CA HIS F 245 -35.13 -26.56 -7.40
C HIS F 245 -36.16 -25.47 -7.18
N TRP F 246 -36.18 -24.49 -8.08
CA TRP F 246 -37.35 -23.66 -8.24
C TRP F 246 -38.35 -24.39 -9.13
N GLY F 247 -39.63 -24.14 -8.88
CA GLY F 247 -40.66 -24.57 -9.79
C GLY F 247 -40.83 -23.60 -10.96
N LEU F 248 -41.47 -24.09 -12.03
CA LEU F 248 -41.81 -23.29 -13.19
C LEU F 248 -43.32 -23.18 -13.27
N LEU F 249 -43.81 -21.95 -13.40
CA LEU F 249 -45.23 -21.68 -13.55
C LEU F 249 -45.45 -21.12 -14.95
N CYS F 250 -46.26 -21.81 -15.73
CA CYS F 250 -46.47 -21.51 -17.14
C CYS F 250 -47.96 -21.33 -17.39
N THR F 251 -48.31 -20.30 -18.13
CA THR F 251 -49.66 -20.11 -18.64
C THR F 251 -49.59 -20.07 -20.16
N LEU F 252 -50.57 -20.69 -20.82
CA LEU F 252 -50.57 -20.84 -22.26
C LEU F 252 -51.99 -20.58 -22.74
N ASN F 253 -52.10 -19.96 -23.92
CA ASN F 253 -53.38 -19.79 -24.57
C ASN F 253 -53.64 -20.96 -25.50
N VAL F 254 -54.89 -21.42 -25.52
CA VAL F 254 -55.38 -22.42 -26.46
C VAL F 254 -56.36 -21.74 -27.40
N VAL F 255 -56.07 -21.75 -28.70
CA VAL F 255 -56.95 -21.16 -29.70
C VAL F 255 -57.69 -22.27 -30.42
N LEU F 256 -58.86 -21.94 -30.94
CA LEU F 256 -59.78 -22.90 -31.53
C LEU F 256 -60.45 -23.69 -30.41
N SER H 7 -42.92 -20.51 -48.20
CA SER H 7 -43.57 -20.97 -46.98
C SER H 7 -43.78 -19.80 -46.01
N SER H 8 -44.22 -20.12 -44.79
CA SER H 8 -44.42 -19.13 -43.74
C SER H 8 -43.10 -18.69 -43.09
N THR H 9 -41.98 -18.99 -43.73
CA THR H 9 -40.66 -18.52 -43.31
C THR H 9 -40.28 -17.30 -44.14
N ILE H 10 -39.65 -16.33 -43.50
CA ILE H 10 -39.12 -15.15 -44.18
C ILE H 10 -37.67 -14.99 -43.77
N SER H 11 -36.88 -14.45 -44.67
CA SER H 11 -35.46 -14.23 -44.42
C SER H 11 -35.11 -12.82 -44.86
N PHE H 12 -34.29 -12.13 -44.06
CA PHE H 12 -33.81 -10.83 -44.49
C PHE H 12 -32.36 -10.65 -44.05
N ILE H 13 -31.70 -9.69 -44.69
CA ILE H 13 -30.36 -9.26 -44.36
C ILE H 13 -30.43 -7.77 -44.01
N THR H 14 -29.73 -7.36 -42.96
CA THR H 14 -29.47 -5.96 -42.70
C THR H 14 -27.96 -5.75 -42.70
N TRP H 15 -27.53 -4.70 -43.41
CA TRP H 15 -26.10 -4.56 -43.69
C TRP H 15 -25.79 -3.10 -43.99
N ASN H 16 -24.89 -2.53 -43.21
CA ASN H 16 -24.26 -1.25 -43.53
C ASN H 16 -23.12 -1.55 -44.50
N ILE H 17 -23.29 -1.16 -45.77
CA ILE H 17 -22.31 -1.51 -46.80
C ILE H 17 -21.24 -0.44 -46.99
N ASP H 18 -21.27 0.60 -46.18
CA ASP H 18 -20.20 1.61 -46.11
C ASP H 18 -19.87 2.21 -47.47
N GLY H 19 -20.90 2.71 -48.15
CA GLY H 19 -20.69 3.46 -49.38
C GLY H 19 -19.77 4.65 -49.23
N LEU H 20 -19.64 5.18 -48.01
CA LEU H 20 -18.80 6.35 -47.77
C LEU H 20 -17.32 6.03 -47.75
N ASP H 21 -16.94 4.77 -47.95
CA ASP H 21 -15.55 4.38 -48.12
C ASP H 21 -15.32 4.23 -49.63
N GLY H 22 -14.57 5.18 -50.20
CA GLY H 22 -14.37 5.20 -51.63
C GLY H 22 -13.43 4.13 -52.15
N CYS H 23 -12.71 3.44 -51.27
CA CYS H 23 -11.72 2.46 -51.70
C CYS H 23 -12.40 1.16 -52.13
N ASN H 24 -12.04 0.70 -53.33
CA ASN H 24 -12.47 -0.59 -53.84
C ASN H 24 -13.98 -0.70 -53.93
N LEU H 25 -14.67 0.41 -54.12
CA LEU H 25 -16.12 0.38 -54.00
C LEU H 25 -16.78 -0.49 -55.06
N PRO H 26 -16.34 -0.51 -56.32
CA PRO H 26 -16.96 -1.45 -57.27
C PRO H 26 -16.75 -2.91 -56.89
N GLU H 27 -15.53 -3.30 -56.53
CA GLU H 27 -15.30 -4.68 -56.13
C GLU H 27 -16.10 -5.03 -54.89
N ARG H 28 -16.17 -4.11 -53.92
CA ARG H 28 -16.92 -4.38 -52.71
C ARG H 28 -18.42 -4.46 -52.99
N ALA H 29 -18.90 -3.69 -53.96
CA ALA H 29 -20.31 -3.77 -54.33
C ALA H 29 -20.62 -5.08 -55.04
N ARG H 30 -19.65 -5.62 -55.78
CA ARG H 30 -19.85 -6.94 -56.37
C ARG H 30 -19.89 -8.00 -55.27
N GLY H 31 -19.08 -7.84 -54.24
CA GLY H 31 -19.14 -8.74 -53.09
C GLY H 31 -20.49 -8.72 -52.37
N VAL H 32 -21.06 -7.54 -52.19
CA VAL H 32 -22.37 -7.45 -51.54
C VAL H 32 -23.41 -8.17 -52.39
N CYS H 33 -23.44 -7.87 -53.69
CA CYS H 33 -24.41 -8.51 -54.58
C CYS H 33 -24.17 -10.01 -54.69
N SER H 34 -22.92 -10.44 -54.54
CA SER H 34 -22.65 -11.87 -54.50
C SER H 34 -23.43 -12.52 -53.35
N CYS H 35 -23.29 -11.96 -52.14
CA CYS H 35 -24.01 -12.52 -50.98
C CYS H 35 -25.51 -12.55 -51.23
N LEU H 36 -26.08 -11.44 -51.71
CA LEU H 36 -27.53 -11.39 -51.94
C LEU H 36 -27.96 -12.45 -52.94
N ALA H 37 -27.09 -12.81 -53.88
CA ALA H 37 -27.44 -13.85 -54.84
C ALA H 37 -27.39 -15.23 -54.20
N LEU H 38 -26.38 -15.49 -53.36
CA LEU H 38 -26.21 -16.80 -52.78
C LEU H 38 -27.27 -17.08 -51.71
N TYR H 39 -27.56 -16.10 -50.85
CA TYR H 39 -28.57 -16.28 -49.82
C TYR H 39 -29.99 -15.98 -50.32
N SER H 40 -30.13 -15.02 -51.23
CA SER H 40 -31.42 -14.67 -51.82
C SER H 40 -32.52 -14.45 -50.78
N PRO H 41 -32.32 -13.54 -49.84
CA PRO H 41 -33.36 -13.28 -48.84
C PRO H 41 -34.55 -12.50 -49.40
N ASP H 42 -35.65 -12.54 -48.64
CA ASP H 42 -36.87 -11.86 -49.06
C ASP H 42 -36.72 -10.35 -49.03
N VAL H 43 -36.04 -9.83 -48.01
CA VAL H 43 -35.88 -8.39 -47.80
C VAL H 43 -34.40 -8.14 -47.51
N VAL H 44 -33.90 -6.98 -47.95
CA VAL H 44 -32.56 -6.53 -47.62
C VAL H 44 -32.65 -5.10 -47.09
N PHE H 45 -32.17 -4.87 -45.86
CA PHE H 45 -32.01 -3.54 -45.29
C PHE H 45 -30.56 -3.10 -45.46
N LEU H 46 -30.36 -1.98 -46.16
CA LEU H 46 -29.03 -1.47 -46.42
C LEU H 46 -28.86 -0.09 -45.80
N GLN H 47 -27.65 0.21 -45.36
CA GLN H 47 -27.32 1.54 -44.87
C GLN H 47 -26.04 2.04 -45.52
N GLU H 48 -25.93 3.36 -45.61
CA GLU H 48 -24.80 4.02 -46.25
C GLU H 48 -24.71 3.68 -47.74
N VAL H 49 -25.85 3.62 -48.39
CA VAL H 49 -25.91 3.55 -49.85
C VAL H 49 -25.67 4.92 -50.44
N ILE H 50 -25.02 4.96 -51.60
CA ILE H 50 -24.79 6.22 -52.32
C ILE H 50 -25.32 6.07 -53.74
N PRO H 51 -25.54 7.18 -54.44
CA PRO H 51 -26.22 7.13 -55.75
C PRO H 51 -25.59 6.13 -56.70
N PRO H 52 -24.26 6.10 -56.86
CA PRO H 52 -23.69 5.07 -57.73
C PRO H 52 -23.92 3.65 -57.23
N TYR H 53 -23.77 3.40 -55.93
CA TYR H 53 -24.08 2.08 -55.37
C TYR H 53 -25.49 1.67 -55.71
N CYS H 54 -26.42 2.61 -55.59
CA CYS H 54 -27.81 2.34 -55.88
C CYS H 54 -28.01 1.93 -57.33
N ALA H 55 -27.18 2.46 -58.24
CA ALA H 55 -27.30 2.12 -59.66
C ALA H 55 -26.72 0.74 -59.94
N TYR H 56 -25.60 0.41 -59.29
CA TYR H 56 -25.06 -0.94 -59.37
C TYR H 56 -26.07 -1.97 -58.90
N LEU H 57 -26.86 -1.64 -57.88
CA LEU H 57 -27.83 -2.62 -57.37
C LEU H 57 -28.95 -2.85 -58.36
N LYS H 58 -29.39 -1.81 -59.08
CA LYS H 58 -30.42 -2.00 -60.10
C LYS H 58 -29.93 -2.92 -61.21
N LYS H 59 -28.65 -2.88 -61.53
CA LYS H 59 -28.11 -3.71 -62.59
C LYS H 59 -27.87 -5.14 -62.11
N ARG H 60 -27.09 -5.30 -61.04
CA ARG H 60 -26.64 -6.63 -60.62
C ARG H 60 -27.39 -7.17 -59.40
N ALA H 61 -28.55 -6.59 -59.07
CA ALA H 61 -29.47 -7.14 -58.07
C ALA H 61 -30.90 -6.98 -58.54
N ALA H 62 -31.12 -7.19 -59.85
CA ALA H 62 -32.37 -6.78 -60.50
C ALA H 62 -33.59 -7.48 -59.93
N SER H 63 -33.41 -8.62 -59.26
CA SER H 63 -34.53 -9.32 -58.63
C SER H 63 -35.14 -8.56 -57.47
N TYR H 64 -34.53 -7.46 -57.02
CA TYR H 64 -35.05 -6.68 -55.91
C TYR H 64 -35.56 -5.33 -56.39
N THR H 65 -36.77 -4.99 -55.96
CA THR H 65 -37.23 -3.62 -56.01
C THR H 65 -36.59 -2.81 -54.89
N ILE H 66 -36.09 -1.62 -55.23
CA ILE H 66 -35.37 -0.76 -54.29
C ILE H 66 -36.30 0.34 -53.79
N ILE H 67 -36.32 0.55 -52.48
CA ILE H 67 -36.97 1.70 -51.87
C ILE H 67 -35.90 2.48 -51.12
N THR H 68 -35.78 3.78 -51.40
CA THR H 68 -34.68 4.58 -50.88
C THR H 68 -35.19 5.69 -49.97
N GLY H 69 -34.52 5.83 -48.82
CA GLY H 69 -34.74 6.84 -47.80
C GLY H 69 -34.13 8.20 -48.10
N ASN H 70 -33.59 8.37 -49.31
CA ASN H 70 -33.13 9.64 -49.84
C ASN H 70 -32.60 9.34 -51.24
N GLU H 71 -32.33 10.40 -51.98
CA GLU H 71 -31.86 10.28 -53.36
C GLU H 71 -30.40 10.68 -53.50
N GLU H 72 -29.88 11.52 -52.61
CA GLU H 72 -28.53 12.04 -52.69
C GLU H 72 -27.90 12.02 -51.32
N GLY H 73 -26.59 12.30 -51.30
CA GLY H 73 -25.81 12.08 -50.09
C GLY H 73 -25.73 10.59 -49.84
N TYR H 74 -25.64 10.19 -48.58
CA TYR H 74 -25.72 8.79 -48.25
C TYR H 74 -27.04 8.51 -47.54
N PHE H 75 -27.57 7.31 -47.77
CA PHE H 75 -28.92 7.02 -47.34
C PHE H 75 -29.07 5.51 -47.15
N THR H 76 -30.20 5.14 -46.55
CA THR H 76 -30.57 3.75 -46.44
C THR H 76 -31.48 3.36 -47.60
N ALA H 77 -31.66 2.05 -47.75
CA ALA H 77 -32.53 1.50 -48.76
C ALA H 77 -33.12 0.20 -48.22
N ILE H 78 -34.25 -0.20 -48.78
CA ILE H 78 -34.83 -1.50 -48.52
C ILE H 78 -35.10 -2.17 -49.85
N LEU H 79 -34.56 -3.37 -50.03
CA LEU H 79 -34.75 -4.13 -51.25
C LEU H 79 -35.79 -5.22 -51.02
N LEU H 80 -36.79 -5.28 -51.90
CA LEU H 80 -37.89 -6.23 -51.80
C LEU H 80 -37.81 -7.23 -52.95
N LYS H 81 -37.77 -8.52 -52.61
CA LYS H 81 -37.69 -9.57 -53.60
C LYS H 81 -38.98 -9.61 -54.42
N LYS H 82 -38.86 -9.35 -55.73
CA LYS H 82 -40.03 -9.40 -56.59
C LYS H 82 -40.57 -10.82 -56.67
N GLY H 83 -41.88 -10.93 -56.83
CA GLY H 83 -42.54 -12.22 -56.86
C GLY H 83 -42.67 -12.88 -55.51
N ARG H 84 -42.36 -12.17 -54.44
CA ARG H 84 -42.37 -12.72 -53.10
C ARG H 84 -42.88 -11.66 -52.13
N VAL H 85 -42.50 -10.41 -52.36
CA VAL H 85 -42.93 -9.28 -51.57
C VAL H 85 -43.72 -8.32 -52.46
N LYS H 86 -44.88 -7.90 -51.98
CA LYS H 86 -45.68 -6.90 -52.66
C LYS H 86 -45.52 -5.58 -51.92
N PHE H 87 -44.95 -4.59 -52.60
CA PHE H 87 -44.86 -3.24 -52.05
C PHE H 87 -46.26 -2.63 -51.95
N LYS H 88 -46.49 -1.90 -50.88
CA LYS H 88 -47.80 -1.28 -50.68
C LYS H 88 -47.70 0.21 -50.44
N SER H 89 -46.69 0.67 -49.72
CA SER H 89 -46.55 2.07 -49.37
C SER H 89 -45.23 2.25 -48.62
N GLN H 90 -44.75 3.49 -48.60
CA GLN H 90 -43.52 3.82 -47.91
C GLN H 90 -43.69 5.13 -47.17
N GLU H 91 -42.77 5.36 -46.23
CA GLU H 91 -42.82 6.54 -45.39
C GLU H 91 -41.42 6.80 -44.86
N ILE H 92 -41.07 8.08 -44.75
CA ILE H 92 -39.78 8.50 -44.24
C ILE H 92 -40.02 9.51 -43.14
N ILE H 93 -39.58 9.19 -41.93
CA ILE H 93 -39.66 10.09 -40.80
C ILE H 93 -38.29 10.74 -40.63
N PRO H 94 -38.18 12.06 -40.65
CA PRO H 94 -36.88 12.68 -40.38
C PRO H 94 -36.62 12.78 -38.89
N PHE H 95 -35.34 12.80 -38.54
CA PHE H 95 -34.88 12.98 -37.17
C PHE H 95 -34.55 14.45 -36.99
N PRO H 96 -35.44 15.24 -36.38
CA PRO H 96 -35.30 16.71 -36.49
C PRO H 96 -33.95 17.23 -36.01
N ASN H 97 -33.32 16.56 -35.04
CA ASN H 97 -32.09 17.06 -34.46
C ASN H 97 -30.86 16.33 -34.96
N THR H 98 -30.98 15.57 -36.06
CA THR H 98 -29.82 14.92 -36.62
C THR H 98 -28.88 15.94 -37.24
N LYS H 99 -27.58 15.68 -37.09
CA LYS H 99 -26.55 16.43 -37.80
C LYS H 99 -25.81 15.53 -38.78
N MET H 100 -26.42 14.40 -39.18
CA MET H 100 -25.79 13.46 -40.10
C MET H 100 -26.77 12.98 -41.16
N MET H 101 -27.85 13.72 -41.40
CA MET H 101 -28.79 13.44 -42.48
C MET H 101 -29.50 12.11 -42.28
N ARG H 102 -29.61 11.64 -41.04
CA ARG H 102 -30.24 10.37 -40.74
C ARG H 102 -31.74 10.52 -40.60
N ASN H 103 -32.46 9.44 -40.90
CA ASN H 103 -33.92 9.41 -40.78
C ASN H 103 -34.35 7.96 -40.55
N LEU H 104 -35.66 7.72 -40.64
CA LEU H 104 -36.26 6.40 -40.43
C LEU H 104 -37.07 6.06 -41.68
N LEU H 105 -36.64 5.04 -42.40
CA LEU H 105 -37.32 4.59 -43.61
C LEU H 105 -38.24 3.43 -43.26
N CYS H 106 -39.53 3.58 -43.55
CA CYS H 106 -40.52 2.56 -43.28
C CYS H 106 -41.20 2.16 -44.59
N VAL H 107 -41.39 0.87 -44.76
CA VAL H 107 -42.01 0.31 -45.96
C VAL H 107 -43.05 -0.71 -45.52
N ASN H 108 -44.26 -0.57 -46.03
CA ASN H 108 -45.34 -1.53 -45.76
C ASN H 108 -45.45 -2.49 -46.93
N VAL H 109 -45.50 -3.78 -46.62
CA VAL H 109 -45.47 -4.82 -47.64
C VAL H 109 -46.45 -5.92 -47.29
N SER H 110 -46.59 -6.86 -48.22
CA SER H 110 -47.28 -8.12 -48.01
C SER H 110 -46.30 -9.23 -48.35
N LEU H 111 -46.12 -10.16 -47.42
CA LEU H 111 -45.23 -11.30 -47.63
C LEU H 111 -45.96 -12.55 -47.14
N GLY H 112 -45.97 -13.58 -47.97
CA GLY H 112 -46.69 -14.79 -47.62
C GLY H 112 -48.10 -14.55 -47.10
N GLY H 113 -48.80 -13.57 -47.69
CA GLY H 113 -50.15 -13.25 -47.28
C GLY H 113 -50.26 -12.29 -46.12
N ASN H 114 -49.22 -12.14 -45.31
CA ASN H 114 -49.26 -11.31 -44.12
C ASN H 114 -48.69 -9.92 -44.38
N GLU H 115 -49.20 -8.94 -43.64
CA GLU H 115 -48.73 -7.57 -43.73
C GLU H 115 -47.56 -7.36 -42.78
N PHE H 116 -46.53 -6.68 -43.29
CA PHE H 116 -45.38 -6.28 -42.49
C PHE H 116 -45.15 -4.78 -42.65
N CYS H 117 -44.64 -4.17 -41.59
CA CYS H 117 -44.08 -2.83 -41.69
C CYS H 117 -42.58 -3.00 -41.46
N LEU H 118 -41.81 -2.91 -42.54
CA LEU H 118 -40.36 -3.04 -42.50
C LEU H 118 -39.75 -1.65 -42.28
N MET H 119 -38.82 -1.56 -41.34
CA MET H 119 -38.21 -0.29 -40.98
C MET H 119 -36.70 -0.44 -40.94
N THR H 120 -36.00 0.60 -41.40
CA THR H 120 -34.55 0.64 -41.24
C THR H 120 -34.12 2.06 -40.97
N SER H 121 -32.92 2.18 -40.41
CA SER H 121 -32.35 3.48 -40.12
C SER H 121 -30.87 3.30 -39.82
N HIS H 122 -30.16 4.42 -39.72
CA HIS H 122 -28.73 4.44 -39.42
C HIS H 122 -28.54 5.50 -38.34
N LEU H 123 -28.76 5.10 -37.09
CA LEU H 123 -28.79 6.05 -36.00
C LEU H 123 -27.46 6.80 -35.91
N GLU H 124 -27.55 8.00 -35.32
CA GLU H 124 -26.39 8.87 -35.19
C GLU H 124 -25.16 8.11 -34.71
N SER H 125 -24.04 8.37 -35.35
CA SER H 125 -22.81 7.62 -35.16
C SER H 125 -21.93 8.27 -34.08
N THR H 126 -21.03 7.45 -33.53
CA THR H 126 -19.96 7.84 -32.60
C THR H 126 -20.41 8.00 -31.15
N ARG H 127 -19.43 7.89 -30.25
CA ARG H 127 -19.68 7.91 -28.80
C ARG H 127 -20.20 9.27 -28.35
N GLU H 128 -19.62 10.35 -28.88
CA GLU H 128 -19.95 11.70 -28.41
C GLU H 128 -21.29 12.21 -28.92
N HIS H 129 -22.03 11.43 -29.72
CA HIS H 129 -23.39 11.76 -30.11
C HIS H 129 -24.39 10.80 -29.47
N SER H 130 -24.08 10.32 -28.26
CA SER H 130 -24.94 9.38 -27.56
C SER H 130 -26.35 9.92 -27.38
N ALA H 131 -26.48 11.18 -26.98
CA ALA H 131 -27.81 11.72 -26.66
C ALA H 131 -28.70 11.78 -27.90
N GLU H 132 -28.17 12.26 -29.03
CA GLU H 132 -28.95 12.30 -30.26
C GLU H 132 -29.34 10.89 -30.70
N ARG H 133 -28.41 9.94 -30.56
CA ARG H 133 -28.73 8.55 -30.91
C ARG H 133 -29.87 8.01 -30.06
N ILE H 134 -29.90 8.36 -28.76
CA ILE H 134 -30.93 7.86 -27.86
C ILE H 134 -32.29 8.48 -28.21
N ARG H 135 -32.31 9.77 -28.52
CA ARG H 135 -33.54 10.41 -28.97
C ARG H 135 -34.07 9.69 -30.21
N GLN H 136 -33.18 9.36 -31.15
CA GLN H 136 -33.62 8.66 -32.36
C GLN H 136 -34.17 7.28 -32.02
N LEU H 137 -33.50 6.55 -31.13
CA LEU H 137 -33.98 5.23 -30.73
C LEU H 137 -35.40 5.32 -30.18
N LYS H 138 -35.66 6.32 -29.34
CA LYS H 138 -37.02 6.50 -28.83
C LYS H 138 -37.99 6.75 -29.98
N THR H 139 -37.59 7.56 -30.95
CA THR H 139 -38.45 7.81 -32.11
C THR H 139 -38.75 6.51 -32.84
N VAL H 140 -37.71 5.71 -33.11
CA VAL H 140 -37.91 4.44 -33.79
C VAL H 140 -38.86 3.55 -32.99
N LEU H 141 -38.54 3.33 -31.72
CA LEU H 141 -39.39 2.52 -30.86
C LEU H 141 -40.77 3.14 -30.73
N GLY H 142 -40.84 4.47 -30.77
CA GLY H 142 -42.12 5.13 -30.86
C GLY H 142 -42.91 4.69 -32.08
N LYS H 143 -42.27 4.70 -33.24
CA LYS H 143 -42.97 4.37 -34.48
C LYS H 143 -43.41 2.90 -34.48
N MET H 144 -42.58 2.00 -33.95
CA MET H 144 -42.94 0.59 -33.95
C MET H 144 -44.26 0.36 -33.22
N GLN H 145 -44.62 1.25 -32.29
CA GLN H 145 -45.84 1.10 -31.52
C GLN H 145 -47.09 1.55 -32.28
N GLU H 146 -46.94 2.35 -33.33
CA GLU H 146 -48.09 2.95 -33.98
C GLU H 146 -48.72 2.05 -35.03
N ALA H 147 -48.07 0.98 -35.45
CA ALA H 147 -48.64 0.14 -36.48
C ALA H 147 -49.85 -0.62 -35.92
N PRO H 148 -50.80 -0.99 -36.79
CA PRO H 148 -51.91 -1.84 -36.33
C PRO H 148 -51.40 -3.16 -35.81
N ASP H 149 -52.13 -3.72 -34.84
CA ASP H 149 -51.72 -4.96 -34.20
C ASP H 149 -51.67 -6.12 -35.18
N SER H 150 -52.45 -6.05 -36.26
CA SER H 150 -52.43 -7.10 -37.28
C SER H 150 -51.12 -7.13 -38.05
N THR H 151 -50.41 -6.01 -38.11
CA THR H 151 -49.20 -5.91 -38.91
C THR H 151 -47.97 -6.23 -38.08
N THR H 152 -47.03 -6.92 -38.70
CA THR H 152 -45.76 -7.28 -38.07
C THR H 152 -44.73 -6.20 -38.37
N VAL H 153 -44.14 -5.62 -37.32
CA VAL H 153 -43.15 -4.57 -37.47
C VAL H 153 -41.77 -5.16 -37.25
N ILE H 154 -40.90 -5.02 -38.25
CA ILE H 154 -39.52 -5.44 -38.15
C ILE H 154 -38.64 -4.23 -38.41
N PHE H 155 -37.89 -3.82 -37.38
CA PHE H 155 -36.84 -2.82 -37.54
C PHE H 155 -35.52 -3.54 -37.65
N ALA H 156 -34.67 -3.08 -38.57
CA ALA H 156 -33.37 -3.69 -38.77
C ALA H 156 -32.43 -2.65 -39.36
N GLY H 157 -31.28 -2.45 -38.74
CA GLY H 157 -30.41 -1.37 -39.17
C GLY H 157 -29.20 -1.23 -38.25
N ASP H 158 -28.43 -0.18 -38.53
CA ASP H 158 -27.19 0.13 -37.81
C ASP H 158 -27.54 1.10 -36.70
N THR H 159 -27.60 0.59 -35.47
CA THR H 159 -28.09 1.39 -34.35
C THR H 159 -26.97 2.17 -33.68
N ASN H 160 -25.72 1.76 -33.87
CA ASN H 160 -24.57 2.42 -33.28
C ASN H 160 -24.63 2.44 -31.76
N LEU H 161 -25.45 1.55 -31.20
CA LEU H 161 -25.74 1.55 -29.77
C LEU H 161 -24.62 0.89 -28.99
N ARG H 162 -24.25 1.52 -27.88
CA ARG H 162 -23.39 0.91 -26.88
C ARG H 162 -24.26 0.32 -25.77
N ASP H 163 -23.86 -0.83 -25.25
CA ASP H 163 -24.65 -1.42 -24.19
C ASP H 163 -24.74 -0.32 -23.15
N GLN H 164 -25.83 -0.37 -22.39
CA GLN H 164 -26.20 0.57 -21.34
C GLN H 164 -26.89 1.79 -21.90
N GLU H 165 -26.68 2.03 -23.20
CA GLU H 165 -27.33 3.13 -23.88
C GLU H 165 -28.81 2.85 -23.98
N VAL H 166 -29.13 1.58 -24.20
CA VAL H 166 -30.52 1.15 -24.31
C VAL H 166 -31.18 1.11 -22.94
N ILE H 167 -30.40 0.87 -21.87
CA ILE H 167 -30.94 1.00 -20.52
C ILE H 167 -31.22 2.46 -20.20
N LYS H 168 -30.31 3.37 -20.59
CA LYS H 168 -30.55 4.81 -20.40
C LYS H 168 -31.76 5.29 -21.18
N CYS H 169 -32.19 4.54 -22.19
CA CYS H 169 -33.39 4.86 -22.93
C CYS H 169 -34.65 4.40 -22.20
N GLY H 170 -34.50 3.61 -21.15
CA GLY H 170 -35.63 2.99 -20.49
C GLY H 170 -35.85 1.53 -20.83
N GLY H 171 -34.94 0.90 -21.57
CA GLY H 171 -35.10 -0.47 -22.00
C GLY H 171 -36.05 -0.60 -23.17
N LEU H 172 -36.19 -1.83 -23.66
CA LEU H 172 -37.08 -2.08 -24.77
C LEU H 172 -38.51 -2.11 -24.30
N PRO H 173 -39.47 -1.82 -25.26
CA PRO H 173 -40.85 -1.88 -24.78
C PRO H 173 -41.22 -3.32 -24.52
N ASP H 174 -42.36 -3.51 -23.90
CA ASP H 174 -42.85 -4.83 -23.51
C ASP H 174 -43.08 -5.80 -24.67
N ASN H 175 -43.59 -5.30 -25.78
CA ASN H 175 -43.87 -6.16 -26.92
C ASN H 175 -42.84 -5.96 -28.04
N VAL H 176 -41.64 -5.48 -27.73
CA VAL H 176 -40.59 -5.28 -28.72
C VAL H 176 -39.39 -6.13 -28.33
N PHE H 177 -39.03 -7.08 -29.18
CA PHE H 177 -37.93 -8.00 -28.91
C PHE H 177 -36.72 -7.67 -29.76
N ASP H 178 -35.53 -7.89 -29.18
CA ASP H 178 -34.26 -7.90 -29.91
C ASP H 178 -34.01 -9.34 -30.35
N ALA H 179 -33.94 -9.56 -31.67
CA ALA H 179 -33.78 -10.92 -32.20
C ALA H 179 -32.58 -11.63 -31.58
N TRP H 180 -31.43 -10.94 -31.49
CA TRP H 180 -30.25 -11.55 -30.90
C TRP H 180 -30.48 -11.97 -29.45
N GLU H 181 -31.26 -11.18 -28.69
CA GLU H 181 -31.60 -11.55 -27.33
C GLU H 181 -32.58 -12.72 -27.31
N PHE H 182 -33.53 -12.74 -28.24
CA PHE H 182 -34.53 -13.80 -28.27
C PHE H 182 -33.88 -15.18 -28.47
N LEU H 183 -32.80 -15.24 -29.23
CA LEU H 183 -32.13 -16.50 -29.52
C LEU H 183 -31.11 -16.90 -28.48
N GLY H 184 -30.99 -16.14 -27.39
CA GLY H 184 -30.11 -16.46 -26.30
C GLY H 184 -28.75 -15.79 -26.34
N LYS H 185 -28.66 -14.59 -26.90
CA LYS H 185 -27.40 -13.85 -27.01
C LYS H 185 -26.27 -14.74 -27.52
N PRO H 186 -26.47 -15.41 -28.65
CA PRO H 186 -25.44 -16.33 -29.15
C PRO H 186 -24.16 -15.59 -29.54
N LYS H 187 -23.03 -16.23 -29.23
CA LYS H 187 -21.73 -15.59 -29.42
C LYS H 187 -21.27 -15.54 -30.87
N HIS H 188 -21.75 -16.43 -31.73
CA HIS H 188 -21.19 -16.50 -33.08
C HIS H 188 -21.53 -15.25 -33.90
N CYS H 189 -22.57 -14.52 -33.50
CA CYS H 189 -23.03 -13.34 -34.23
C CYS H 189 -23.26 -12.17 -33.30
N GLN H 190 -22.49 -12.10 -32.20
CA GLN H 190 -22.66 -11.00 -31.25
C GLN H 190 -22.21 -9.69 -31.86
N TYR H 191 -20.99 -9.66 -32.37
CA TYR H 191 -20.36 -8.44 -32.85
C TYR H 191 -20.52 -8.33 -34.37
N THR H 192 -21.15 -7.25 -34.82
CA THR H 192 -21.27 -6.96 -36.24
C THR H 192 -20.24 -5.95 -36.72
N TRP H 193 -19.39 -5.46 -35.83
CA TRP H 193 -18.36 -4.48 -36.15
C TRP H 193 -17.14 -4.83 -35.30
N ASP H 194 -16.18 -5.51 -35.90
CA ASP H 194 -15.04 -6.11 -35.20
C ASP H 194 -13.78 -5.73 -35.96
N THR H 195 -12.95 -4.87 -35.36
CA THR H 195 -11.72 -4.43 -36.02
C THR H 195 -10.60 -5.46 -35.94
N LYS H 196 -10.78 -6.52 -35.16
CA LYS H 196 -9.78 -7.57 -35.14
C LYS H 196 -9.98 -8.53 -36.32
N ALA H 197 -11.23 -8.90 -36.57
CA ALA H 197 -11.57 -9.79 -37.66
C ALA H 197 -11.74 -9.05 -38.99
N ASN H 198 -11.88 -7.73 -38.96
CA ASN H 198 -12.18 -6.96 -40.15
C ASN H 198 -11.24 -5.76 -40.23
N ASN H 199 -10.55 -5.62 -41.36
CA ASN H 199 -9.47 -4.66 -41.49
C ASN H 199 -9.76 -3.51 -42.47
N ASN H 200 -11.03 -3.31 -42.86
CA ASN H 200 -11.32 -2.31 -43.88
C ASN H 200 -10.89 -0.91 -43.46
N LEU H 201 -11.05 -0.58 -42.17
CA LEU H 201 -10.75 0.77 -41.69
C LEU H 201 -9.30 0.94 -41.26
N ARG H 202 -8.53 -0.14 -41.18
CA ARG H 202 -7.12 -0.08 -40.81
C ARG H 202 -6.92 0.35 -39.36
N ILE H 203 -7.87 0.01 -38.49
CA ILE H 203 -7.79 0.35 -37.07
C ILE H 203 -6.89 -0.66 -36.36
N PRO H 204 -5.76 -0.23 -35.78
CA PRO H 204 -4.80 -1.20 -35.22
C PRO H 204 -5.35 -1.96 -34.02
N ALA H 205 -5.99 -1.26 -33.09
CA ALA H 205 -6.50 -1.91 -31.89
C ALA H 205 -7.74 -2.74 -32.22
N ALA H 206 -8.16 -3.54 -31.24
CA ALA H 206 -9.24 -4.49 -31.40
C ALA H 206 -10.48 -3.96 -30.67
N TYR H 207 -11.46 -3.48 -31.44
CA TYR H 207 -12.71 -3.01 -30.89
C TYR H 207 -13.85 -3.86 -31.46
N LYS H 208 -14.77 -4.27 -30.58
CA LYS H 208 -15.92 -5.07 -30.99
C LYS H 208 -17.19 -4.42 -30.49
N HIS H 209 -18.21 -4.37 -31.34
CA HIS H 209 -19.50 -3.84 -30.94
C HIS H 209 -20.62 -4.53 -31.71
N ARG H 210 -21.82 -4.45 -31.14
CA ARG H 210 -23.01 -5.02 -31.76
C ARG H 210 -23.87 -3.86 -32.25
N PHE H 211 -23.36 -3.18 -33.28
CA PHE H 211 -24.02 -1.99 -33.79
C PHE H 211 -25.26 -2.29 -34.59
N ASP H 212 -25.35 -3.48 -35.18
CA ASP H 212 -26.45 -3.79 -36.08
C ASP H 212 -27.37 -4.74 -35.35
N ARG H 213 -28.66 -4.41 -35.35
CA ARG H 213 -29.60 -5.05 -34.47
C ARG H 213 -30.95 -5.18 -35.15
N ILE H 214 -31.69 -6.20 -34.72
CA ILE H 214 -33.02 -6.47 -35.25
C ILE H 214 -33.99 -6.37 -34.08
N PHE H 215 -34.97 -5.49 -34.21
CA PHE H 215 -36.10 -5.40 -33.29
C PHE H 215 -37.35 -5.81 -34.03
N PHE H 216 -38.27 -6.48 -33.34
CA PHE H 216 -39.56 -6.76 -33.93
C PHE H 216 -40.65 -6.63 -32.88
N ARG H 217 -41.88 -6.44 -33.36
CA ARG H 217 -43.07 -6.33 -32.51
C ARG H 217 -44.20 -7.13 -33.14
N ALA H 218 -44.67 -8.15 -32.44
CA ALA H 218 -45.82 -8.90 -32.91
C ALA H 218 -46.59 -9.41 -31.71
N GLU H 219 -47.87 -9.72 -31.93
CA GLU H 219 -48.66 -10.39 -30.92
C GLU H 219 -47.93 -11.66 -30.50
N GLU H 220 -48.05 -12.01 -29.22
CA GLU H 220 -47.20 -13.05 -28.64
C GLU H 220 -47.26 -14.34 -29.46
N GLY H 221 -46.09 -14.89 -29.74
CA GLY H 221 -45.97 -16.18 -30.41
C GLY H 221 -46.19 -16.15 -31.91
N HIS H 222 -46.38 -15.00 -32.51
CA HIS H 222 -46.66 -14.97 -33.93
C HIS H 222 -45.42 -14.81 -34.80
N LEU H 223 -44.28 -14.44 -34.21
CA LEU H 223 -43.04 -14.27 -34.97
C LEU H 223 -41.89 -14.85 -34.15
N ILE H 224 -41.32 -15.95 -34.61
CA ILE H 224 -40.32 -16.69 -33.85
C ILE H 224 -39.01 -16.72 -34.62
N PRO H 225 -38.01 -15.94 -34.23
CA PRO H 225 -36.69 -16.04 -34.84
C PRO H 225 -36.17 -17.47 -34.84
N GLN H 226 -35.64 -17.89 -35.98
CA GLN H 226 -35.06 -19.22 -36.13
C GLN H 226 -33.54 -19.22 -36.15
N SER H 227 -32.92 -18.22 -36.78
CA SER H 227 -31.47 -18.20 -36.89
C SER H 227 -30.98 -16.78 -37.13
N LEU H 228 -29.69 -16.59 -36.89
CA LEU H 228 -29.05 -15.30 -37.05
C LEU H 228 -27.58 -15.58 -37.35
N ASP H 229 -27.11 -15.17 -38.52
CA ASP H 229 -25.75 -15.48 -38.90
C ASP H 229 -25.12 -14.25 -39.53
N LEU H 230 -23.80 -14.17 -39.41
CA LEU H 230 -23.05 -13.10 -40.05
C LEU H 230 -22.86 -13.41 -41.53
N VAL H 231 -22.98 -12.38 -42.36
CA VAL H 231 -22.63 -12.48 -43.77
C VAL H 231 -21.59 -11.42 -44.08
N GLY H 232 -21.03 -11.53 -45.28
CA GLY H 232 -19.91 -10.69 -45.66
C GLY H 232 -18.58 -11.13 -45.10
N LEU H 233 -18.46 -12.39 -44.65
CA LEU H 233 -17.25 -12.84 -43.98
C LEU H 233 -16.11 -13.19 -44.93
N GLU H 234 -16.37 -13.26 -46.22
CA GLU H 234 -15.35 -13.68 -47.18
C GLU H 234 -14.58 -12.44 -47.64
N LYS H 235 -13.29 -12.42 -47.31
CA LYS H 235 -12.41 -11.36 -47.79
C LYS H 235 -12.34 -11.40 -49.32
N LEU H 236 -12.37 -10.23 -49.94
CA LEU H 236 -12.43 -10.11 -51.39
C LEU H 236 -11.02 -10.21 -52.01
N ASP H 237 -11.00 -10.32 -53.34
CA ASP H 237 -9.73 -10.39 -54.06
C ASP H 237 -8.79 -9.24 -53.71
N CYS H 238 -9.33 -8.06 -53.42
CA CYS H 238 -8.48 -6.92 -53.03
C CYS H 238 -7.99 -6.99 -51.58
N GLY H 239 -8.29 -8.05 -50.84
CA GLY H 239 -7.78 -8.17 -49.49
C GLY H 239 -8.56 -7.39 -48.45
N ARG H 240 -9.74 -6.89 -48.79
CA ARG H 240 -10.60 -6.21 -47.84
C ARG H 240 -11.97 -6.87 -47.92
N PHE H 241 -12.87 -6.47 -47.01
CA PHE H 241 -14.20 -7.04 -46.98
C PHE H 241 -15.19 -6.14 -47.67
N PRO H 242 -16.36 -6.66 -48.06
CA PRO H 242 -17.36 -5.78 -48.68
C PRO H 242 -17.57 -4.52 -47.88
N SER H 243 -17.51 -4.62 -46.56
CA SER H 243 -17.71 -3.49 -45.68
C SER H 243 -16.93 -3.68 -44.39
N ASP H 244 -16.90 -2.62 -43.57
CA ASP H 244 -16.37 -2.72 -42.21
C ASP H 244 -17.39 -3.28 -41.23
N HIS H 245 -18.64 -3.42 -41.63
CA HIS H 245 -19.65 -4.15 -40.91
C HIS H 245 -19.83 -5.54 -41.52
N TRP H 246 -20.01 -6.54 -40.67
CA TRP H 246 -20.70 -7.74 -41.11
C TRP H 246 -22.19 -7.46 -41.23
N GLY H 247 -22.82 -8.11 -42.20
CA GLY H 247 -24.27 -8.13 -42.24
C GLY H 247 -24.83 -9.18 -41.29
N LEU H 248 -26.15 -9.11 -41.11
CA LEU H 248 -26.90 -10.04 -40.28
C LEU H 248 -27.95 -10.69 -41.15
N LEU H 249 -27.90 -12.01 -41.23
CA LEU H 249 -28.90 -12.81 -41.92
C LEU H 249 -29.82 -13.43 -40.88
N CYS H 250 -31.12 -13.23 -41.05
CA CYS H 250 -32.08 -13.63 -40.04
C CYS H 250 -33.24 -14.32 -40.72
N THR H 251 -33.62 -15.48 -40.20
CA THR H 251 -34.77 -16.23 -40.70
C THR H 251 -35.76 -16.37 -39.56
N LEU H 252 -37.01 -15.97 -39.82
CA LEU H 252 -38.08 -15.99 -38.83
C LEU H 252 -39.24 -16.82 -39.34
N ASN H 253 -39.99 -17.38 -38.40
CA ASN H 253 -41.24 -18.07 -38.71
C ASN H 253 -42.43 -17.19 -38.32
N VAL H 254 -43.46 -17.20 -39.17
CA VAL H 254 -44.68 -16.47 -38.92
C VAL H 254 -45.80 -17.49 -38.71
N VAL H 255 -46.54 -17.33 -37.62
CA VAL H 255 -47.62 -18.24 -37.27
C VAL H 255 -48.91 -17.84 -37.99
N GLY J 3 22.82 -18.54 -13.94
CA GLY J 3 23.46 -18.58 -12.64
C GLY J 3 22.60 -18.00 -11.52
N LEU J 4 22.95 -18.35 -10.28
CA LEU J 4 22.20 -17.92 -9.10
C LEU J 4 22.69 -16.57 -8.61
N GLU J 5 21.75 -15.64 -8.39
CA GLU J 5 22.01 -14.35 -7.79
C GLU J 5 21.64 -14.38 -6.31
N ASP J 6 22.50 -13.82 -5.46
CA ASP J 6 22.37 -13.94 -4.01
C ASP J 6 22.23 -12.55 -3.36
N SER J 7 21.00 -12.06 -3.26
CA SER J 7 20.70 -10.80 -2.60
C SER J 7 20.87 -10.84 -1.09
N SER J 8 21.08 -12.02 -0.52
CA SER J 8 21.20 -12.11 0.93
C SER J 8 22.62 -11.83 1.42
N THR J 9 23.60 -11.88 0.53
CA THR J 9 24.99 -11.65 0.91
C THR J 9 25.47 -10.36 0.28
N ILE J 10 26.04 -9.48 1.10
CA ILE J 10 26.68 -8.26 0.62
C ILE J 10 28.10 -8.24 1.15
N SER J 11 28.95 -7.46 0.48
CA SER J 11 30.35 -7.36 0.87
C SER J 11 30.81 -5.92 0.69
N PHE J 12 31.74 -5.50 1.54
CA PHE J 12 32.33 -4.19 1.34
C PHE J 12 33.75 -4.17 1.89
N ILE J 13 34.50 -3.19 1.41
CA ILE J 13 35.83 -2.87 1.92
C ILE J 13 35.80 -1.44 2.44
N THR J 14 36.46 -1.22 3.57
CA THR J 14 36.80 0.12 4.05
C THR J 14 38.31 0.22 4.13
N TRP J 15 38.86 1.33 3.65
CA TRP J 15 40.30 1.41 3.44
C TRP J 15 40.75 2.86 3.43
N ASN J 16 41.65 3.22 4.33
CA ASN J 16 42.39 4.47 4.21
C ASN J 16 43.58 4.22 3.31
N ILE J 17 43.57 4.83 2.12
CA ILE J 17 44.56 4.50 1.10
C ILE J 17 45.74 5.47 1.07
N ASP J 18 45.71 6.51 1.92
CA ASP J 18 46.87 7.37 2.18
C ASP J 18 47.26 8.20 0.96
N GLY J 19 46.33 8.99 0.43
CA GLY J 19 46.65 9.91 -0.65
C GLY J 19 47.75 10.90 -0.27
N LEU J 20 47.85 11.22 1.01
CA LEU J 20 48.83 12.21 1.47
C LEU J 20 50.25 11.66 1.49
N ASP J 21 50.44 10.37 1.25
CA ASP J 21 51.77 9.82 0.95
C ASP J 21 51.97 9.95 -0.55
N GLY J 22 52.89 10.82 -0.95
CA GLY J 22 53.15 11.01 -2.37
C GLY J 22 54.00 9.91 -2.98
N CYS J 23 54.70 9.14 -2.16
CA CYS J 23 55.65 8.18 -2.69
C CYS J 23 54.93 7.00 -3.34
N ASN J 24 55.33 6.69 -4.57
CA ASN J 24 54.85 5.51 -5.28
C ASN J 24 53.33 5.54 -5.44
N LEU J 25 52.74 6.73 -5.47
CA LEU J 25 51.28 6.80 -5.40
C LEU J 25 50.62 6.12 -6.59
N PRO J 26 51.05 6.34 -7.84
CA PRO J 26 50.39 5.64 -8.94
C PRO J 26 50.50 4.13 -8.84
N GLU J 27 51.66 3.60 -8.46
CA GLU J 27 51.76 2.15 -8.27
C GLU J 27 50.85 1.67 -7.14
N ARG J 28 50.75 2.46 -6.06
CA ARG J 28 49.89 2.07 -4.95
C ARG J 28 48.42 2.13 -5.35
N ALA J 29 48.04 3.09 -6.19
CA ALA J 29 46.68 3.13 -6.69
C ALA J 29 46.36 1.91 -7.56
N ARG J 30 47.30 1.51 -8.41
CA ARG J 30 47.18 0.21 -9.10
C ARG J 30 46.89 -0.91 -8.10
N GLY J 31 47.65 -0.96 -7.01
CA GLY J 31 47.47 -2.03 -6.05
C GLY J 31 46.09 -2.04 -5.41
N VAL J 32 45.59 -0.87 -5.02
CA VAL J 32 44.23 -0.79 -4.49
C VAL J 32 43.25 -1.36 -5.51
N CYS J 33 43.32 -0.90 -6.76
CA CYS J 33 42.42 -1.41 -7.79
C CYS J 33 42.57 -2.91 -8.02
N SER J 34 43.78 -3.44 -7.88
CA SER J 34 43.93 -4.89 -7.99
C SER J 34 43.08 -5.60 -6.95
N CYS J 35 43.15 -5.15 -5.70
CA CYS J 35 42.35 -5.77 -4.65
C CYS J 35 40.87 -5.64 -4.95
N LEU J 36 40.43 -4.45 -5.39
CA LEU J 36 39.00 -4.31 -5.67
C LEU J 36 38.59 -5.23 -6.81
N ALA J 37 39.49 -5.48 -7.76
CA ALA J 37 39.18 -6.41 -8.84
C ALA J 37 39.06 -7.84 -8.33
N LEU J 38 39.96 -8.27 -7.44
CA LEU J 38 39.95 -9.65 -6.98
C LEU J 38 38.75 -9.95 -6.09
N TYR J 39 38.35 -9.00 -5.26
CA TYR J 39 37.22 -9.23 -4.35
C TYR J 39 35.90 -8.75 -4.89
N SER J 40 35.87 -7.71 -5.71
CA SER J 40 34.65 -7.20 -6.31
C SER J 40 33.54 -6.95 -5.27
N PRO J 41 33.83 -6.18 -4.22
CA PRO J 41 32.79 -5.87 -3.23
C PRO J 41 31.67 -5.01 -3.79
N ASP J 42 30.52 -5.05 -3.11
CA ASP J 42 29.39 -4.23 -3.51
C ASP J 42 29.62 -2.77 -3.19
N VAL J 43 30.43 -2.48 -2.17
CA VAL J 43 30.64 -1.13 -1.68
C VAL J 43 32.08 -0.97 -1.24
N VAL J 44 32.66 0.20 -1.48
CA VAL J 44 34.01 0.51 -1.01
C VAL J 44 33.95 1.86 -0.30
N PHE J 45 34.51 1.92 0.91
CA PHE J 45 34.63 3.16 1.67
C PHE J 45 36.11 3.52 1.67
N LEU J 46 36.45 4.64 1.05
CA LEU J 46 37.82 5.09 0.97
C LEU J 46 38.01 6.37 1.78
N GLN J 47 39.20 6.51 2.34
CA GLN J 47 39.56 7.71 3.10
C GLN J 47 40.94 8.18 2.65
N GLU J 48 41.16 9.49 2.77
CA GLU J 48 42.41 10.14 2.34
C GLU J 48 42.60 10.02 0.83
N VAL J 49 41.50 10.08 0.10
CA VAL J 49 41.54 10.19 -1.35
C VAL J 49 41.92 11.61 -1.73
N ILE J 50 42.66 11.74 -2.83
CA ILE J 50 42.97 13.05 -3.42
C ILE J 50 42.52 13.05 -4.88
N PRO J 51 42.44 14.21 -5.52
CA PRO J 51 41.77 14.30 -6.83
C PRO J 51 42.44 13.45 -7.90
N PRO J 52 43.78 13.46 -7.98
CA PRO J 52 44.43 12.55 -8.95
C PRO J 52 44.10 11.09 -8.70
N TYR J 53 44.05 10.69 -7.42
CA TYR J 53 43.70 9.32 -7.07
C TYR J 53 42.29 9.01 -7.50
N CYS J 54 41.39 9.97 -7.27
CA CYS J 54 39.97 9.80 -7.58
C CYS J 54 39.76 9.69 -9.08
N ALA J 55 40.58 10.36 -9.87
CA ALA J 55 40.54 10.20 -11.31
C ALA J 55 41.06 8.82 -11.73
N TYR J 56 42.16 8.39 -11.12
CA TYR J 56 42.67 7.05 -11.37
C TYR J 56 41.60 5.98 -11.14
N LEU J 57 40.80 6.12 -10.08
CA LEU J 57 39.74 5.14 -9.82
C LEU J 57 38.68 5.14 -10.90
N LYS J 58 38.38 6.29 -11.51
CA LYS J 58 37.42 6.29 -12.59
C LYS J 58 37.95 5.52 -13.79
N LYS J 59 39.26 5.45 -13.95
CA LYS J 59 39.83 4.78 -15.11
C LYS J 59 40.01 3.29 -14.89
N ARG J 60 40.55 2.86 -13.75
CA ARG J 60 40.87 1.45 -13.54
C ARG J 60 39.94 0.78 -12.53
N ALA J 61 38.80 1.40 -12.23
CA ALA J 61 37.78 0.80 -11.38
C ALA J 61 36.40 1.21 -11.86
N ALA J 62 36.21 1.17 -13.19
CA ALA J 62 35.11 1.87 -13.82
C ALA J 62 33.75 1.20 -13.59
N SER J 63 33.73 0.04 -12.96
CA SER J 63 32.46 -0.58 -12.59
C SER J 63 31.95 -0.05 -11.25
N TYR J 64 32.55 0.99 -10.69
CA TYR J 64 32.02 1.66 -9.51
C TYR J 64 31.65 3.10 -9.85
N THR J 65 30.53 3.54 -9.30
CA THR J 65 30.21 4.95 -9.21
C THR J 65 30.87 5.53 -7.97
N ILE J 66 31.55 6.65 -8.11
CA ILE J 66 32.24 7.30 -7.01
C ILE J 66 31.38 8.43 -6.47
N ILE J 67 31.14 8.40 -5.15
CA ILE J 67 30.48 9.50 -4.44
C ILE J 67 31.50 10.12 -3.50
N THR J 68 31.71 11.42 -3.59
CA THR J 68 32.70 12.11 -2.77
C THR J 68 32.18 13.21 -1.86
N GLY J 69 32.75 13.27 -0.67
CA GLY J 69 32.40 14.25 0.34
C GLY J 69 33.18 15.55 0.17
N ASN J 70 34.09 15.54 -0.78
CA ASN J 70 34.91 16.71 -1.08
C ASN J 70 35.44 16.58 -2.49
N GLU J 71 36.10 17.61 -2.97
CA GLU J 71 36.65 17.56 -4.32
C GLU J 71 38.07 18.11 -4.36
N GLU J 72 38.60 18.54 -3.21
CA GLU J 72 39.94 19.10 -3.15
C GLU J 72 40.54 18.77 -1.79
N GLY J 73 41.84 18.96 -1.68
CA GLY J 73 42.55 18.55 -0.49
C GLY J 73 42.60 17.04 -0.45
N TYR J 74 42.29 16.47 0.72
CA TYR J 74 42.04 15.05 0.85
C TYR J 74 40.66 14.84 1.41
N PHE J 75 40.03 13.74 1.03
CA PHE J 75 38.62 13.53 1.32
C PHE J 75 38.30 12.04 1.26
N THR J 76 37.08 11.72 1.65
CA THR J 76 36.61 10.34 1.59
C THR J 76 35.75 10.15 0.35
N ALA J 77 35.43 8.89 0.09
CA ALA J 77 34.66 8.55 -1.09
C ALA J 77 33.98 7.22 -0.83
N ILE J 78 32.81 7.04 -1.43
CA ILE J 78 32.08 5.79 -1.38
C ILE J 78 31.85 5.34 -2.81
N LEU J 79 32.34 4.14 -3.13
CA LEU J 79 32.18 3.54 -4.44
C LEU J 79 31.03 2.53 -4.40
N LEU J 80 30.16 2.58 -5.41
CA LEU J 80 29.02 1.69 -5.51
C LEU J 80 29.10 0.88 -6.79
N LYS J 81 29.08 -0.44 -6.66
CA LYS J 81 29.15 -1.34 -7.82
C LYS J 81 27.94 -1.15 -8.73
N LYS J 82 28.20 -0.71 -9.96
CA LYS J 82 27.13 -0.53 -10.93
C LYS J 82 26.46 -1.87 -11.23
N GLY J 83 25.14 -1.82 -11.41
CA GLY J 83 24.37 -3.02 -11.67
C GLY J 83 24.05 -3.83 -10.44
N ARG J 84 24.48 -3.40 -9.28
CA ARG J 84 24.23 -4.08 -8.02
C ARG J 84 23.70 -3.12 -6.95
N VAL J 85 24.24 -1.91 -6.89
CA VAL J 85 23.81 -0.88 -5.95
C VAL J 85 23.14 0.23 -6.74
N LYS J 86 22.04 0.77 -6.21
CA LYS J 86 21.30 1.85 -6.82
C LYS J 86 21.37 3.07 -5.93
N PHE J 87 21.97 4.14 -6.43
CA PHE J 87 22.12 5.36 -5.66
C PHE J 87 20.78 6.07 -5.54
N LYS J 88 20.53 6.64 -4.36
CA LYS J 88 19.31 7.41 -4.11
C LYS J 88 19.63 8.87 -3.83
N SER J 89 20.44 9.15 -2.83
CA SER J 89 20.78 10.52 -2.48
C SER J 89 22.09 10.50 -1.70
N GLN J 90 22.61 11.68 -1.42
CA GLN J 90 23.79 11.82 -0.58
C GLN J 90 23.64 13.08 0.27
N GLU J 91 24.56 13.23 1.22
CA GLU J 91 24.48 14.28 2.22
C GLU J 91 25.81 14.34 2.95
N ILE J 92 26.20 15.55 3.33
CA ILE J 92 27.46 15.75 4.04
C ILE J 92 27.16 16.49 5.33
N ILE J 93 27.50 15.87 6.46
CA ILE J 93 27.37 16.49 7.78
C ILE J 93 28.74 17.07 8.13
N PRO J 94 28.85 18.37 8.38
CA PRO J 94 30.15 18.95 8.69
C PRO J 94 30.56 18.67 10.13
N PHE J 95 31.86 18.74 10.36
CA PHE J 95 32.44 18.72 11.69
C PHE J 95 32.86 20.15 12.02
N PRO J 96 31.98 20.95 12.64
CA PRO J 96 32.23 22.39 12.70
C PRO J 96 33.58 22.73 13.31
N ASN J 97 34.05 21.93 14.27
CA ASN J 97 35.29 22.22 14.97
C ASN J 97 36.48 21.43 14.43
N THR J 98 36.33 20.74 13.30
CA THR J 98 37.47 20.05 12.74
C THR J 98 38.56 21.04 12.35
N LYS J 99 39.80 20.63 12.60
CA LYS J 99 40.98 21.36 12.14
C LYS J 99 41.70 20.61 11.03
N MET J 100 41.11 19.53 10.51
CA MET J 100 41.70 18.76 9.43
C MET J 100 40.71 18.58 8.28
N MET J 101 39.69 19.43 8.23
CA MET J 101 38.74 19.43 7.12
C MET J 101 38.05 18.08 6.98
N ARG J 102 37.65 17.53 8.11
CA ARG J 102 36.98 16.24 8.15
C ARG J 102 35.48 16.47 8.25
N ASN J 103 34.73 15.53 7.67
CA ASN J 103 33.27 15.60 7.68
C ASN J 103 32.72 14.17 7.70
N LEU J 104 31.42 14.05 7.51
CA LEU J 104 30.72 12.77 7.48
C LEU J 104 29.92 12.69 6.19
N LEU J 105 30.28 11.75 5.32
CA LEU J 105 29.62 11.56 4.04
C LEU J 105 28.60 10.45 4.19
N CYS J 106 27.35 10.74 3.87
CA CYS J 106 26.26 9.78 3.95
C CYS J 106 25.66 9.58 2.57
N VAL J 107 25.50 8.32 2.17
CA VAL J 107 24.92 7.96 0.89
C VAL J 107 23.79 6.98 1.15
N ASN J 108 22.60 7.28 0.63
CA ASN J 108 21.47 6.38 0.72
C ASN J 108 21.37 5.57 -0.57
N VAL J 109 21.32 4.25 -0.45
CA VAL J 109 21.30 3.38 -1.61
C VAL J 109 20.27 2.27 -1.40
N SER J 110 20.10 1.46 -2.44
CA SER J 110 19.29 0.26 -2.40
C SER J 110 20.15 -0.89 -2.86
N LEU J 111 20.32 -1.89 -2.00
CA LEU J 111 21.12 -3.06 -2.31
C LEU J 111 20.30 -4.31 -2.02
N GLY J 112 20.18 -5.18 -3.03
CA GLY J 112 19.38 -6.38 -2.90
C GLY J 112 17.92 -6.12 -2.59
N GLY J 113 17.42 -4.95 -2.95
CA GLY J 113 16.06 -4.55 -2.61
C GLY J 113 15.90 -3.96 -1.23
N ASN J 114 16.98 -3.77 -0.50
CA ASN J 114 16.95 -3.22 0.85
C ASN J 114 17.55 -1.82 0.83
N GLU J 115 17.00 -0.95 1.68
CA GLU J 115 17.50 0.41 1.80
C GLU J 115 18.61 0.47 2.83
N PHE J 116 19.72 1.10 2.46
CA PHE J 116 20.87 1.25 3.33
C PHE J 116 21.26 2.72 3.43
N CYS J 117 21.91 3.06 4.54
CA CYS J 117 22.56 4.35 4.69
C CYS J 117 24.03 4.10 4.93
N LEU J 118 24.86 4.36 3.91
CA LEU J 118 26.28 4.10 4.00
C LEU J 118 26.99 5.37 4.45
N MET J 119 27.84 5.24 5.45
CA MET J 119 28.48 6.40 6.06
C MET J 119 29.96 6.14 6.18
N THR J 120 30.75 7.17 5.95
CA THR J 120 32.19 7.06 6.14
C THR J 120 32.70 8.40 6.63
N SER J 121 33.86 8.35 7.26
CA SER J 121 34.48 9.54 7.81
C SER J 121 35.93 9.19 8.12
N HIS J 122 36.72 10.21 8.36
CA HIS J 122 38.12 10.06 8.73
C HIS J 122 38.29 10.95 9.95
N LEU J 123 38.06 10.40 11.13
CA LEU J 123 38.02 11.23 12.33
C LEU J 123 39.39 11.84 12.62
N GLU J 124 39.35 13.00 13.26
CA GLU J 124 40.53 13.77 13.61
C GLU J 124 41.67 12.87 14.07
N SER J 125 42.88 13.13 13.55
CA SER J 125 44.02 12.25 13.72
C SER J 125 44.90 12.70 14.90
N THR J 126 45.80 11.80 15.29
CA THR J 126 46.82 11.99 16.32
C THR J 126 46.25 11.90 17.73
N ARG J 127 47.12 11.54 18.68
CA ARG J 127 46.66 11.34 20.06
C ARG J 127 46.25 12.65 20.71
N GLU J 128 46.96 13.75 20.38
CA GLU J 128 46.71 15.02 21.06
C GLU J 128 45.35 15.64 20.72
N HIS J 129 44.78 15.31 19.55
CA HIS J 129 43.45 15.77 19.19
C HIS J 129 42.36 14.80 19.65
N SER J 130 42.57 14.15 20.80
CA SER J 130 41.61 13.20 21.34
C SER J 130 40.23 13.83 21.53
N ALA J 131 40.16 15.07 22.03
CA ALA J 131 38.88 15.68 22.35
C ALA J 131 38.00 15.87 21.11
N GLU J 132 38.56 16.47 20.06
CA GLU J 132 37.78 16.66 18.84
C GLU J 132 37.37 15.32 18.23
N ARG J 133 38.23 14.30 18.33
CA ARG J 133 37.89 13.00 17.80
C ARG J 133 36.67 12.41 18.51
N ILE J 134 36.59 12.55 19.84
CA ILE J 134 35.43 12.05 20.58
C ILE J 134 34.17 12.81 20.21
N ARG J 135 34.29 14.14 20.03
CA ARG J 135 33.13 14.91 19.59
C ARG J 135 32.67 14.46 18.21
N GLN J 136 33.60 14.21 17.30
CA GLN J 136 33.24 13.75 15.97
C GLN J 136 32.56 12.37 16.06
N LEU J 137 33.08 11.48 16.91
CA LEU J 137 32.45 10.18 17.11
C LEU J 137 31.02 10.33 17.58
N LYS J 138 30.79 11.20 18.57
CA LYS J 138 29.43 11.44 19.04
C LYS J 138 28.55 11.98 17.91
N THR J 139 29.09 12.84 17.05
CA THR J 139 28.34 13.29 15.89
C THR J 139 27.92 12.13 15.01
N VAL J 140 28.86 11.21 14.75
CA VAL J 140 28.57 10.08 13.85
C VAL J 140 27.49 9.19 14.45
N LEU J 141 27.66 8.75 15.69
CA LEU J 141 26.68 7.88 16.32
C LEU J 141 25.32 8.57 16.39
N GLY J 142 25.33 9.89 16.61
CA GLY J 142 24.08 10.64 16.54
C GLY J 142 23.39 10.48 15.21
N LYS J 143 24.13 10.68 14.11
CA LYS J 143 23.54 10.58 12.77
C LYS J 143 23.04 9.15 12.50
N MET J 144 23.75 8.14 12.99
CA MET J 144 23.30 6.77 12.77
C MET J 144 21.94 6.51 13.38
N GLN J 145 21.61 7.20 14.47
CA GLN J 145 20.35 6.94 15.15
C GLN J 145 19.20 7.79 14.64
N GLU J 146 19.49 8.87 13.92
CA GLU J 146 18.45 9.68 13.30
C GLU J 146 17.82 9.00 12.08
N ALA J 147 18.42 7.94 11.55
CA ALA J 147 17.85 7.24 10.43
C ALA J 147 16.60 6.46 10.83
N PRO J 148 15.72 6.17 9.88
CA PRO J 148 14.57 5.31 10.19
C PRO J 148 15.01 3.93 10.63
N ASP J 149 14.13 3.25 11.35
CA ASP J 149 14.47 1.92 11.85
C ASP J 149 14.47 0.89 10.74
N SER J 150 13.64 1.07 9.71
CA SER J 150 13.60 0.17 8.56
C SER J 150 14.84 0.28 7.69
N THR J 151 15.65 1.32 7.87
CA THR J 151 16.87 1.50 7.09
C THR J 151 18.04 0.90 7.85
N THR J 152 18.92 0.22 7.11
CA THR J 152 20.10 -0.38 7.70
C THR J 152 21.25 0.59 7.54
N VAL J 153 21.87 0.96 8.67
CA VAL J 153 22.94 1.96 8.68
C VAL J 153 24.27 1.22 8.84
N ILE J 154 25.18 1.42 7.90
CA ILE J 154 26.55 0.94 8.00
C ILE J 154 27.48 2.13 7.98
N PHE J 155 28.23 2.32 9.06
CA PHE J 155 29.37 3.23 9.08
C PHE J 155 30.65 2.41 9.01
N ALA J 156 31.53 2.78 8.09
CA ALA J 156 32.82 2.14 7.97
C ALA J 156 33.82 3.23 7.63
N GLY J 157 34.86 3.36 8.44
CA GLY J 157 35.74 4.49 8.26
C GLY J 157 37.00 4.38 9.10
N ASP J 158 37.83 5.40 8.96
CA ASP J 158 39.06 5.55 9.75
C ASP J 158 38.71 6.40 10.97
N THR J 159 38.51 5.73 12.12
CA THR J 159 38.09 6.41 13.34
C THR J 159 39.25 6.97 14.14
N ASN J 160 40.44 6.40 13.99
CA ASN J 160 41.61 6.80 14.78
C ASN J 160 41.40 6.57 16.26
N LEU J 161 40.42 5.76 16.63
CA LEU J 161 40.02 5.60 18.02
C LEU J 161 40.98 4.70 18.78
N ARG J 162 41.26 5.10 20.02
CA ARG J 162 41.86 4.24 21.02
C ARG J 162 40.75 3.65 21.87
N ASP J 163 40.95 2.40 22.35
CA ASP J 163 39.91 1.73 23.13
C ASP J 163 39.49 2.57 24.33
N GLN J 164 40.45 3.26 24.94
CA GLN J 164 40.16 4.06 26.13
C GLN J 164 39.21 5.21 25.80
N GLU J 165 39.28 5.75 24.59
CA GLU J 165 38.48 6.90 24.22
C GLU J 165 37.01 6.53 24.06
N VAL J 166 36.72 5.34 23.56
CA VAL J 166 35.34 4.90 23.48
C VAL J 166 34.74 4.73 24.86
N ILE J 167 35.54 4.19 25.80
CA ILE J 167 35.09 4.05 27.17
C ILE J 167 34.69 5.41 27.74
N LYS J 168 35.62 6.37 27.73
CA LYS J 168 35.32 7.68 28.31
C LYS J 168 34.20 8.38 27.58
N CYS J 169 33.99 8.06 26.30
CA CYS J 169 32.85 8.56 25.57
C CYS J 169 31.53 7.97 26.06
N GLY J 170 31.60 6.89 26.84
CA GLY J 170 30.42 6.24 27.37
C GLY J 170 30.14 4.87 26.79
N GLY J 171 30.90 4.44 25.78
CA GLY J 171 30.61 3.22 25.06
C GLY J 171 29.70 3.47 23.87
N LEU J 172 29.60 2.46 23.00
CA LEU J 172 28.67 2.53 21.90
C LEU J 172 27.24 2.47 22.42
N PRO J 173 26.30 3.14 21.75
CA PRO J 173 24.88 2.94 22.07
C PRO J 173 24.52 1.47 21.95
N ASP J 174 23.41 1.09 22.58
CA ASP J 174 23.01 -0.31 22.62
C ASP J 174 22.47 -0.80 21.28
N ASN J 175 22.04 0.10 20.39
CA ASN J 175 21.52 -0.30 19.09
C ASN J 175 22.52 -0.04 17.97
N VAL J 176 23.79 0.16 18.30
CA VAL J 176 24.86 0.33 17.32
C VAL J 176 25.96 -0.67 17.67
N PHE J 177 26.25 -1.56 16.74
CA PHE J 177 27.18 -2.65 16.99
C PHE J 177 28.45 -2.46 16.18
N ASP J 178 29.54 -2.98 16.72
CA ASP J 178 30.83 -3.00 16.05
C ASP J 178 31.04 -4.39 15.44
N ALA J 179 31.19 -4.43 14.12
CA ALA J 179 31.25 -5.70 13.40
C ALA J 179 32.35 -6.61 13.93
N TRP J 180 33.47 -6.03 14.33
CA TRP J 180 34.57 -6.83 14.85
C TRP J 180 34.21 -7.44 16.19
N GLU J 181 33.54 -6.66 17.05
CA GLU J 181 33.02 -7.19 18.31
C GLU J 181 31.97 -8.26 18.05
N PHE J 182 31.08 -8.02 17.08
CA PHE J 182 30.03 -8.99 16.77
C PHE J 182 30.62 -10.35 16.41
N LEU J 183 31.79 -10.37 15.78
CA LEU J 183 32.40 -11.62 15.36
C LEU J 183 33.29 -12.25 16.42
N GLY J 184 33.37 -11.68 17.61
CA GLY J 184 34.13 -12.28 18.68
C GLY J 184 35.53 -11.73 18.88
N LYS J 185 35.78 -10.47 18.53
CA LYS J 185 37.09 -9.84 18.61
C LYS J 185 38.21 -10.74 18.11
N PRO J 186 38.10 -11.26 16.88
CA PRO J 186 39.13 -12.16 16.37
C PRO J 186 40.45 -11.45 16.16
N LYS J 187 41.54 -12.12 16.55
CA LYS J 187 42.86 -11.52 16.48
C LYS J 187 43.38 -11.34 15.05
N HIS J 188 42.86 -12.08 14.07
CA HIS J 188 43.51 -12.10 12.77
C HIS J 188 43.31 -10.80 11.99
N CYS J 189 42.29 -10.03 12.34
CA CYS J 189 42.03 -8.74 11.70
C CYS J 189 41.85 -7.64 12.75
N GLN J 190 42.52 -7.75 13.89
CA GLN J 190 42.32 -6.80 14.97
C GLN J 190 42.99 -5.47 14.66
N TYR J 191 44.24 -5.50 14.24
CA TYR J 191 45.03 -4.30 14.03
C TYR J 191 45.01 -3.95 12.54
N THR J 192 44.49 -2.77 12.22
CA THR J 192 44.47 -2.26 10.87
C THR J 192 45.58 -1.27 10.59
N TRP J 193 46.34 -0.89 11.62
CA TRP J 193 47.47 0.02 11.46
C TRP J 193 48.59 -0.55 12.32
N ASP J 194 49.61 -1.13 11.68
CA ASP J 194 50.59 -1.98 12.37
C ASP J 194 51.98 -1.70 11.80
N THR J 195 52.77 -0.89 12.51
CA THR J 195 54.07 -0.46 12.00
C THR J 195 55.14 -1.55 12.10
N LYS J 196 54.83 -2.68 12.71
CA LYS J 196 55.77 -3.81 12.69
C LYS J 196 55.60 -4.62 11.41
N ALA J 197 54.36 -4.86 11.02
CA ALA J 197 54.08 -5.61 9.81
C ALA J 197 54.05 -4.74 8.57
N ASN J 198 53.86 -3.43 8.72
CA ASN J 198 53.77 -2.48 7.62
C ASN J 198 54.81 -1.40 7.79
N ASN J 199 55.65 -1.22 6.77
CA ASN J 199 56.78 -0.30 6.84
C ASN J 199 56.59 0.94 5.97
N ASN J 200 55.37 1.24 5.53
CA ASN J 200 55.18 2.32 4.57
C ASN J 200 55.66 3.65 5.13
N LEU J 201 55.41 3.90 6.41
CA LEU J 201 55.77 5.16 7.06
C LEU J 201 57.19 5.16 7.59
N ARG J 202 57.88 4.03 7.55
CA ARG J 202 59.28 3.94 7.97
C ARG J 202 59.45 4.25 9.45
N ILE J 203 58.48 3.83 10.26
CA ILE J 203 58.54 4.01 11.71
C ILE J 203 59.30 2.83 12.30
N PRO J 204 60.50 3.03 12.86
CA PRO J 204 61.23 1.89 13.44
C PRO J 204 60.48 1.19 14.55
N ALA J 205 59.89 1.94 15.48
CA ALA J 205 59.22 1.33 16.61
C ALA J 205 57.90 0.67 16.18
N ALA J 206 57.45 -0.28 17.00
CA ALA J 206 56.26 -1.07 16.72
C ALA J 206 55.06 -0.49 17.45
N TYR J 207 54.06 -0.04 16.69
CA TYR J 207 52.77 0.39 17.21
C TYR J 207 51.69 -0.33 16.43
N LYS J 208 50.62 -0.71 17.10
CA LYS J 208 49.49 -1.33 16.41
C LYS J 208 48.19 -0.86 17.05
N HIS J 209 47.21 -0.57 16.20
CA HIS J 209 45.96 0.01 16.64
C HIS J 209 44.84 -0.48 15.74
N ARG J 210 43.64 -0.52 16.29
CA ARG J 210 42.45 -0.81 15.50
C ARG J 210 41.75 0.50 15.12
N PHE J 211 42.40 1.24 14.21
CA PHE J 211 41.88 2.54 13.81
C PHE J 211 40.65 2.41 12.92
N ASP J 212 40.55 1.35 12.13
CA ASP J 212 39.53 1.24 11.10
C ASP J 212 38.44 0.31 11.63
N ARG J 213 37.20 0.81 11.65
CA ARG J 213 36.13 0.12 12.36
C ARG J 213 34.83 0.18 11.57
N ILE J 214 34.00 -0.84 11.76
CA ILE J 214 32.70 -0.96 11.13
C ILE J 214 31.63 -0.89 12.22
N PHE J 215 30.75 0.10 12.13
CA PHE J 215 29.55 0.19 12.96
C PHE J 215 28.33 0.00 12.08
N PHE J 216 27.34 -0.73 12.59
CA PHE J 216 26.08 -0.87 11.89
C PHE J 216 24.92 -0.81 12.88
N ARG J 217 23.76 -0.50 12.34
CA ARG J 217 22.52 -0.39 13.07
C ARG J 217 21.41 -0.94 12.18
N ALA J 218 20.73 -1.98 12.64
CA ALA J 218 19.58 -2.53 11.95
C ALA J 218 18.70 -3.22 12.97
N GLU J 219 17.46 -3.49 12.57
CA GLU J 219 16.56 -4.25 13.41
C GLU J 219 17.19 -5.61 13.73
N GLU J 220 16.78 -6.20 14.85
CA GLU J 220 17.43 -7.42 15.33
C GLU J 220 17.47 -8.49 14.26
N GLY J 221 18.67 -8.93 13.92
CA GLY J 221 18.85 -10.00 12.97
C GLY J 221 18.56 -9.65 11.53
N HIS J 222 18.76 -8.39 11.14
CA HIS J 222 18.57 -7.98 9.75
C HIS J 222 19.88 -7.79 9.00
N LEU J 223 20.97 -7.58 9.72
CA LEU J 223 22.30 -7.48 9.11
C LEU J 223 23.21 -8.33 9.98
N ILE J 224 23.72 -9.42 9.43
CA ILE J 224 24.50 -10.39 10.20
C ILE J 224 25.90 -10.46 9.60
N PRO J 225 26.88 -9.82 10.23
CA PRO J 225 28.27 -10.00 9.79
C PRO J 225 28.65 -11.47 9.80
N GLN J 226 29.32 -11.90 8.73
CA GLN J 226 29.78 -13.26 8.56
C GLN J 226 31.29 -13.41 8.63
N SER J 227 32.04 -12.42 8.17
CA SER J 227 33.48 -12.53 8.19
C SER J 227 34.10 -11.14 8.07
N LEU J 228 35.33 -11.05 8.52
CA LEU J 228 36.08 -9.81 8.50
C LEU J 228 37.52 -10.19 8.24
N ASP J 229 38.13 -9.56 7.23
CA ASP J 229 39.49 -9.90 6.85
C ASP J 229 40.25 -8.65 6.45
N LEU J 230 41.54 -8.65 6.76
CA LEU J 230 42.44 -7.62 6.30
C LEU J 230 42.73 -7.80 4.81
N VAL J 231 42.72 -6.71 4.06
CA VAL J 231 43.15 -6.73 2.67
C VAL J 231 44.28 -5.72 2.50
N GLY J 232 44.94 -5.81 1.36
CA GLY J 232 46.06 -4.95 1.09
C GLY J 232 47.37 -5.47 1.66
N LEU J 233 47.46 -6.77 1.90
CA LEU J 233 48.60 -7.36 2.59
C LEU J 233 49.77 -7.68 1.68
N GLU J 234 49.61 -7.56 0.37
CA GLU J 234 50.66 -7.91 -0.57
C GLU J 234 51.48 -6.68 -0.92
N LYS J 235 52.77 -6.75 -0.61
CA LYS J 235 53.71 -5.74 -1.06
C LYS J 235 53.68 -5.60 -2.56
N LEU J 236 53.75 -4.36 -3.04
CA LEU J 236 53.75 -4.12 -4.47
C LEU J 236 55.18 -4.26 -5.01
N ASP J 237 55.30 -4.26 -6.33
CA ASP J 237 56.61 -4.38 -6.97
C ASP J 237 57.63 -3.42 -6.38
N CYS J 238 57.20 -2.23 -5.94
CA CYS J 238 58.10 -1.21 -5.44
C CYS J 238 58.53 -1.42 -4.00
N GLY J 239 58.23 -2.56 -3.40
CA GLY J 239 58.67 -2.86 -2.05
C GLY J 239 57.84 -2.24 -0.94
N ARG J 240 56.73 -1.59 -1.27
CA ARG J 240 55.82 -1.01 -0.29
C ARG J 240 54.41 -1.56 -0.49
N PHE J 241 53.56 -1.31 0.50
CA PHE J 241 52.18 -1.74 0.50
C PHE J 241 51.28 -0.65 -0.09
N PRO J 242 50.08 -1.00 -0.54
CA PRO J 242 49.19 0.03 -1.09
C PRO J 242 49.02 1.21 -0.16
N SER J 243 48.93 0.95 1.15
CA SER J 243 48.72 1.98 2.15
C SER J 243 49.46 1.61 3.42
N ASP J 244 49.61 2.60 4.31
CA ASP J 244 50.10 2.30 5.65
C ASP J 244 49.04 1.62 6.49
N HIS J 245 47.78 1.68 6.04
CA HIS J 245 46.68 0.95 6.63
C HIS J 245 46.44 -0.33 5.84
N TRP J 246 46.03 -1.37 6.55
CA TRP J 246 45.31 -2.45 5.90
C TRP J 246 43.88 -1.99 5.67
N GLY J 247 43.27 -2.52 4.63
CA GLY J 247 41.83 -2.42 4.51
C GLY J 247 41.13 -3.57 5.22
N LEU J 248 39.82 -3.43 5.36
CA LEU J 248 38.97 -4.44 5.95
C LEU J 248 37.98 -4.86 4.89
N LEU J 249 37.97 -6.16 4.60
CA LEU J 249 36.93 -6.78 3.77
C LEU J 249 35.92 -7.43 4.69
N CYS J 250 34.65 -7.07 4.53
CA CYS J 250 33.58 -7.58 5.37
C CYS J 250 32.47 -8.16 4.51
N THR J 251 32.04 -9.37 4.83
CA THR J 251 30.89 -9.99 4.19
C THR J 251 29.79 -10.16 5.21
N LEU J 252 28.57 -9.76 4.83
CA LEU J 252 27.41 -9.78 5.72
C LEU J 252 26.23 -10.42 5.02
N ASN J 253 25.31 -10.95 5.83
CA ASN J 253 24.02 -11.41 5.35
C ASN J 253 22.98 -10.32 5.55
N VAL J 254 21.99 -10.29 4.67
CA VAL J 254 20.89 -9.34 4.74
C VAL J 254 19.59 -10.14 4.81
N VAL J 255 18.85 -9.95 5.89
CA VAL J 255 17.61 -10.67 6.14
C VAL J 255 16.45 -9.69 6.05
N LEU J 256 15.30 -10.20 5.62
CA LEU J 256 14.09 -9.39 5.53
C LEU J 256 13.16 -9.58 6.73
N SER L 7 86.26 44.47 48.87
CA SER L 7 86.01 44.03 50.24
C SER L 7 85.69 42.54 50.26
N SER L 8 85.08 42.08 51.36
CA SER L 8 84.52 40.74 51.44
C SER L 8 83.20 40.64 50.67
N THR L 9 82.81 41.72 49.98
CA THR L 9 81.70 41.69 49.04
C THR L 9 82.16 41.08 47.72
N ILE L 10 81.27 40.32 47.09
CA ILE L 10 81.55 39.75 45.78
C ILE L 10 80.36 39.96 44.87
N SER L 11 80.63 39.92 43.58
CA SER L 11 79.62 40.20 42.56
C SER L 11 79.81 39.23 41.43
N PHE L 12 78.72 38.91 40.75
CA PHE L 12 78.84 38.00 39.63
C PHE L 12 77.62 38.11 38.72
N ILE L 13 77.81 37.65 37.49
CA ILE L 13 76.80 37.67 36.47
C ILE L 13 76.60 36.25 35.96
N THR L 14 75.36 35.87 35.72
CA THR L 14 75.03 34.67 34.99
C THR L 14 74.21 35.08 33.79
N TRP L 15 74.54 34.53 32.62
CA TRP L 15 74.00 35.05 31.38
C TRP L 15 74.05 33.98 30.32
N ASN L 16 72.89 33.58 29.81
CA ASN L 16 72.83 32.78 28.60
C ASN L 16 72.95 33.73 27.41
N ILE L 17 74.08 33.65 26.69
CA ILE L 17 74.39 34.64 25.67
C ILE L 17 74.07 34.16 24.26
N ASP L 18 73.47 32.98 24.11
CA ASP L 18 72.81 32.54 22.86
C ASP L 18 73.78 32.53 21.66
N GLY L 19 74.85 31.75 21.80
CA GLY L 19 75.78 31.56 20.71
C GLY L 19 75.22 30.78 19.53
N LEU L 20 74.11 30.06 19.74
CA LEU L 20 73.43 29.34 18.67
C LEU L 20 72.64 30.27 17.75
N ASP L 21 72.58 31.55 18.04
CA ASP L 21 71.96 32.54 17.16
C ASP L 21 73.10 33.21 16.39
N GLY L 22 73.15 32.96 15.08
CA GLY L 22 74.25 33.48 14.27
C GLY L 22 74.17 34.95 13.95
N CYS L 23 72.96 35.52 13.95
CA CYS L 23 72.77 36.88 13.50
C CYS L 23 73.47 37.87 14.42
N ASN L 24 74.31 38.73 13.85
CA ASN L 24 74.98 39.77 14.63
C ASN L 24 75.82 39.19 15.75
N LEU L 25 76.28 37.95 15.63
CA LEU L 25 76.98 37.36 16.75
C LEU L 25 78.23 38.13 17.12
N PRO L 26 79.08 38.56 16.19
CA PRO L 26 80.25 39.34 16.60
C PRO L 26 79.89 40.64 17.30
N GLU L 27 78.90 41.37 16.80
CA GLU L 27 78.51 42.61 17.47
C GLU L 27 77.86 42.34 18.82
N ARG L 28 77.19 41.20 18.96
CA ARG L 28 76.54 40.88 20.24
C ARG L 28 77.57 40.47 21.29
N ALA L 29 78.58 39.70 20.91
CA ALA L 29 79.70 39.45 21.81
C ALA L 29 80.35 40.76 22.24
N ARG L 30 80.50 41.70 21.31
CA ARG L 30 81.02 43.01 21.65
C ARG L 30 80.17 43.65 22.75
N GLY L 31 78.84 43.54 22.63
CA GLY L 31 77.96 44.13 23.62
C GLY L 31 78.02 43.44 24.97
N VAL L 32 78.26 42.13 24.99
CA VAL L 32 78.44 41.42 26.24
C VAL L 32 79.71 41.90 26.93
N CYS L 33 80.80 41.99 26.18
CA CYS L 33 82.04 42.45 26.79
C CYS L 33 81.92 43.87 27.28
N SER L 34 81.02 44.66 26.68
CA SER L 34 80.79 46.00 27.18
C SER L 34 80.21 45.96 28.58
N CYS L 35 79.15 45.17 28.78
CA CYS L 35 78.57 45.00 30.11
C CYS L 35 79.62 44.58 31.12
N LEU L 36 80.37 43.52 30.82
CA LEU L 36 81.35 43.01 31.78
C LEU L 36 82.40 44.05 32.10
N ALA L 37 82.69 44.96 31.16
CA ALA L 37 83.60 46.06 31.47
C ALA L 37 82.95 47.04 32.44
N LEU L 38 81.69 47.43 32.18
CA LEU L 38 81.05 48.46 32.99
C LEU L 38 80.82 47.99 34.41
N TYR L 39 80.42 46.74 34.59
CA TYR L 39 80.10 46.21 35.91
C TYR L 39 81.29 45.55 36.57
N SER L 40 82.20 45.00 35.79
CA SER L 40 83.44 44.42 36.29
C SER L 40 83.20 43.41 37.43
N PRO L 41 82.34 42.43 37.22
CA PRO L 41 82.04 41.47 38.28
C PRO L 41 83.19 40.50 38.52
N ASP L 42 83.20 39.92 39.72
CA ASP L 42 84.25 38.98 40.11
C ASP L 42 84.19 37.70 39.30
N VAL L 43 82.98 37.26 38.94
CA VAL L 43 82.76 35.98 38.28
C VAL L 43 81.65 36.16 37.26
N VAL L 44 81.82 35.54 36.09
CA VAL L 44 80.76 35.46 35.10
C VAL L 44 80.53 34.00 34.78
N PHE L 45 79.26 33.57 34.85
CA PHE L 45 78.83 32.26 34.40
C PHE L 45 78.14 32.46 33.07
N LEU L 46 78.64 31.82 32.02
CA LEU L 46 78.09 32.00 30.68
C LEU L 46 77.56 30.66 30.16
N GLN L 47 76.45 30.72 29.42
CA GLN L 47 75.90 29.54 28.78
C GLN L 47 75.67 29.80 27.30
N GLU L 48 75.68 28.71 26.52
CA GLU L 48 75.59 28.73 25.06
C GLU L 48 76.76 29.49 24.44
N VAL L 49 77.94 29.24 24.97
CA VAL L 49 79.16 29.74 24.37
C VAL L 49 79.59 28.77 23.27
N ILE L 50 80.24 29.30 22.23
CA ILE L 50 80.78 28.46 21.16
C ILE L 50 82.24 28.85 20.93
N PRO L 51 83.02 28.04 20.20
CA PRO L 51 84.48 28.23 20.19
C PRO L 51 84.90 29.59 19.66
N PRO L 52 84.25 30.14 18.63
CA PRO L 52 84.63 31.50 18.23
C PRO L 52 84.25 32.55 19.27
N TYR L 53 83.08 32.40 19.89
CA TYR L 53 82.68 33.30 20.97
C TYR L 53 83.67 33.19 22.13
N CYS L 54 84.13 31.97 22.41
CA CYS L 54 85.10 31.76 23.48
C CYS L 54 86.42 32.44 23.15
N ALA L 55 86.86 32.31 21.89
CA ALA L 55 88.07 32.97 21.44
C ALA L 55 87.95 34.49 21.55
N TYR L 56 86.76 35.03 21.24
CA TYR L 56 86.56 36.46 21.36
C TYR L 56 86.77 36.94 22.78
N LEU L 57 86.24 36.20 23.76
CA LEU L 57 86.38 36.60 25.16
C LEU L 57 87.83 36.60 25.59
N LYS L 58 88.61 35.60 25.13
CA LYS L 58 90.03 35.56 25.46
C LYS L 58 90.76 36.83 25.02
N LYS L 59 90.22 37.57 24.05
CA LYS L 59 90.83 38.81 23.57
C LYS L 59 90.22 40.05 24.20
N ARG L 60 88.89 40.19 24.17
CA ARG L 60 88.24 41.43 24.60
C ARG L 60 87.77 41.40 26.06
N ALA L 61 88.09 40.34 26.81
CA ALA L 61 87.79 40.28 28.23
C ALA L 61 88.98 39.66 28.96
N ALA L 62 90.18 40.17 28.63
CA ALA L 62 91.41 39.55 29.07
C ALA L 62 91.66 39.70 30.55
N SER L 63 90.88 40.50 31.26
CA SER L 63 91.03 40.57 32.71
C SER L 63 90.39 39.37 33.40
N TYR L 64 89.81 38.44 32.64
CA TYR L 64 89.19 37.24 33.17
C TYR L 64 89.89 36.00 32.65
N THR L 65 90.15 35.06 33.55
CA THR L 65 90.53 33.70 33.19
C THR L 65 89.27 32.91 32.83
N ILE L 66 89.25 32.36 31.62
CA ILE L 66 88.12 31.57 31.18
C ILE L 66 88.33 30.11 31.57
N ILE L 67 87.33 29.52 32.21
CA ILE L 67 87.30 28.10 32.52
C ILE L 67 86.20 27.47 31.68
N THR L 68 86.51 26.36 31.03
CA THR L 68 85.58 25.73 30.10
C THR L 68 85.63 24.22 30.28
N GLY L 69 84.54 23.60 29.85
CA GLY L 69 84.52 22.16 29.67
C GLY L 69 85.21 21.69 28.41
N ASN L 70 84.43 21.12 27.49
CA ASN L 70 84.97 20.43 26.33
C ASN L 70 85.31 21.37 25.19
N GLU L 71 84.64 22.52 25.11
CA GLU L 71 84.80 23.44 23.99
C GLU L 71 84.38 22.79 22.67
N GLU L 72 83.35 21.94 22.75
CA GLU L 72 82.80 21.25 21.59
C GLU L 72 81.33 21.59 21.48
N GLY L 73 80.92 22.09 20.32
CA GLY L 73 79.54 22.44 20.11
C GLY L 73 79.25 23.72 20.85
N TYR L 74 78.18 23.72 21.64
CA TYR L 74 77.93 24.83 22.55
C TYR L 74 78.04 24.33 23.98
N PHE L 75 78.48 25.21 24.87
CA PHE L 75 78.91 24.82 26.20
C PHE L 75 78.83 26.02 27.12
N THR L 76 79.21 25.82 28.38
CA THR L 76 79.20 26.87 29.38
C THR L 76 80.64 27.26 29.73
N ALA L 77 80.78 28.40 30.38
CA ALA L 77 82.08 28.87 30.83
C ALA L 77 81.93 29.60 32.14
N ILE L 78 83.05 29.71 32.86
CA ILE L 78 83.11 30.50 34.08
C ILE L 78 84.33 31.40 33.98
N LEU L 79 84.09 32.71 34.03
CA LEU L 79 85.13 33.72 33.93
C LEU L 79 85.49 34.20 35.33
N LEU L 80 86.79 34.33 35.59
CA LEU L 80 87.29 34.65 36.92
C LEU L 80 88.16 35.89 36.84
N LYS L 81 87.82 36.91 37.62
CA LYS L 81 88.52 38.18 37.55
C LYS L 81 89.94 38.05 38.12
N LYS L 82 90.92 38.47 37.34
CA LYS L 82 92.33 38.34 37.71
C LYS L 82 92.69 39.31 38.83
N GLY L 83 93.63 38.89 39.68
CA GLY L 83 93.99 39.65 40.85
C GLY L 83 92.93 39.66 41.91
N ARG L 84 91.86 38.91 41.73
CA ARG L 84 90.74 38.92 42.66
C ARG L 84 90.16 37.54 42.96
N VAL L 85 90.19 36.59 42.02
CA VAL L 85 89.77 35.21 42.24
C VAL L 85 90.95 34.30 41.96
N LYS L 86 91.24 33.40 42.89
CA LYS L 86 92.35 32.46 42.73
C LYS L 86 91.79 31.10 42.34
N PHE L 87 92.19 30.60 41.17
CA PHE L 87 91.71 29.32 40.68
C PHE L 87 92.44 28.18 41.37
N LYS L 88 91.67 27.20 41.83
CA LYS L 88 92.24 26.01 42.45
C LYS L 88 92.08 24.77 41.59
N SER L 89 90.87 24.47 41.14
CA SER L 89 90.64 23.27 40.36
C SER L 89 89.26 23.35 39.74
N GLN L 90 89.01 22.48 38.76
CA GLN L 90 87.73 22.39 38.09
C GLN L 90 87.36 20.92 37.90
N GLU L 91 86.08 20.71 37.65
CA GLU L 91 85.52 19.37 37.49
C GLU L 91 84.25 19.48 36.68
N ILE L 92 83.98 18.47 35.87
CA ILE L 92 82.76 18.41 35.07
C ILE L 92 81.98 17.17 35.47
N ILE L 93 80.80 17.37 36.05
CA ILE L 93 79.88 16.29 36.35
C ILE L 93 78.96 16.11 35.15
N PRO L 94 78.89 14.93 34.55
CA PRO L 94 78.04 14.74 33.38
C PRO L 94 76.58 14.51 33.75
N PHE L 95 75.72 14.74 32.76
CA PHE L 95 74.30 14.38 32.83
C PHE L 95 74.11 13.16 31.93
N PRO L 96 74.01 11.94 32.49
CA PRO L 96 74.06 10.74 31.64
C PRO L 96 72.94 10.66 30.61
N ASN L 97 71.78 11.23 30.88
CA ASN L 97 70.64 11.08 29.99
C ASN L 97 70.30 12.36 29.23
N THR L 98 71.22 13.31 29.17
CA THR L 98 70.98 14.50 28.36
C THR L 98 71.03 14.16 26.87
N LYS L 99 70.14 14.80 26.12
CA LYS L 99 70.17 14.72 24.67
C LYS L 99 70.63 16.04 24.04
N MET L 100 71.16 16.97 24.85
CA MET L 100 71.61 18.27 24.37
C MET L 100 73.01 18.60 24.86
N MET L 101 73.79 17.58 25.20
CA MET L 101 75.19 17.72 25.60
C MET L 101 75.34 18.66 26.80
N ARG L 102 74.37 18.62 27.70
CA ARG L 102 74.42 19.42 28.91
C ARG L 102 75.22 18.72 30.00
N ASN L 103 75.71 19.51 30.94
CA ASN L 103 76.52 18.98 32.03
C ASN L 103 76.65 20.05 33.09
N LEU L 104 77.34 19.71 34.17
CA LEU L 104 77.55 20.61 35.29
C LEU L 104 79.04 20.93 35.38
N LEU L 105 79.38 22.21 35.19
CA LEU L 105 80.74 22.70 35.31
C LEU L 105 80.95 23.25 36.71
N CYS L 106 82.02 22.82 37.37
CA CYS L 106 82.29 23.17 38.76
C CYS L 106 83.72 23.64 38.91
N VAL L 107 83.88 24.74 39.64
CA VAL L 107 85.17 25.37 39.83
C VAL L 107 85.33 25.68 41.32
N ASN L 108 86.48 25.33 41.87
CA ASN L 108 86.84 25.71 43.23
C ASN L 108 87.78 26.89 43.16
N VAL L 109 87.46 27.94 43.89
CA VAL L 109 88.26 29.16 43.84
C VAL L 109 88.39 29.70 45.26
N SER L 110 89.33 30.62 45.39
CA SER L 110 89.45 31.45 46.55
C SER L 110 89.11 32.88 46.15
N LEU L 111 88.51 33.62 47.06
CA LEU L 111 88.05 34.97 46.76
C LEU L 111 87.90 35.71 48.08
N GLY L 112 88.64 36.80 48.23
CA GLY L 112 88.58 37.56 49.47
C GLY L 112 88.87 36.71 50.69
N GLY L 113 89.82 35.79 50.57
CA GLY L 113 90.18 34.91 51.66
C GLY L 113 89.23 33.76 51.93
N ASN L 114 88.08 33.70 51.26
CA ASN L 114 87.15 32.61 51.49
C ASN L 114 87.22 31.60 50.35
N GLU L 115 86.76 30.38 50.64
CA GLU L 115 86.73 29.29 49.68
C GLU L 115 85.34 29.19 49.07
N PHE L 116 85.29 28.98 47.75
CA PHE L 116 84.03 28.87 47.03
C PHE L 116 84.04 27.68 46.08
N CYS L 117 82.85 27.14 45.86
CA CYS L 117 82.59 26.20 44.79
C CYS L 117 81.55 26.83 43.88
N LEU L 118 81.99 27.24 42.69
CA LEU L 118 81.15 27.89 41.69
C LEU L 118 80.69 26.86 40.66
N MET L 119 79.40 26.86 40.37
CA MET L 119 78.80 25.89 39.46
C MET L 119 77.89 26.60 38.47
N THR L 120 77.91 26.15 37.22
CA THR L 120 76.94 26.61 36.24
C THR L 120 76.53 25.46 35.36
N SER L 121 75.33 25.57 34.81
CA SER L 121 74.80 24.57 33.91
C SER L 121 73.73 25.22 33.05
N HIS L 122 73.47 24.60 31.91
CA HIS L 122 72.36 24.97 31.05
C HIS L 122 71.47 23.74 30.99
N LEU L 123 70.41 23.73 31.80
CA LEU L 123 69.62 22.53 31.94
C LEU L 123 68.79 22.30 30.67
N GLU L 124 68.40 21.04 30.48
CA GLU L 124 67.71 20.63 29.25
C GLU L 124 66.59 21.59 28.93
N SER L 125 66.45 21.93 27.64
CA SER L 125 65.60 23.04 27.22
C SER L 125 64.23 22.55 26.79
N THR L 126 63.32 23.53 26.67
CA THR L 126 61.96 23.36 26.12
C THR L 126 61.04 22.61 27.07
N ARG L 127 59.74 22.83 26.89
CA ARG L 127 58.76 22.27 27.79
C ARG L 127 58.68 20.75 27.67
N GLU L 128 59.00 20.22 26.49
CA GLU L 128 58.86 18.80 26.23
C GLU L 128 59.92 17.97 26.93
N HIS L 129 60.97 18.59 27.48
CA HIS L 129 62.01 17.88 28.19
C HIS L 129 61.96 18.16 29.69
N SER L 130 60.75 18.35 30.22
CA SER L 130 60.57 18.60 31.65
C SER L 130 61.23 17.51 32.48
N ALA L 131 61.05 16.24 32.09
CA ALA L 131 61.50 15.13 32.91
C ALA L 131 63.01 15.17 33.11
N GLU L 132 63.76 15.25 32.01
CA GLU L 132 65.21 15.26 32.13
C GLU L 132 65.71 16.53 32.80
N ARG L 133 65.05 17.66 32.57
CA ARG L 133 65.42 18.90 33.25
C ARG L 133 65.35 18.71 34.77
N ILE L 134 64.26 18.14 35.27
CA ILE L 134 64.14 17.90 36.70
C ILE L 134 65.18 16.90 37.18
N ARG L 135 65.46 15.85 36.40
CA ARG L 135 66.51 14.92 36.81
C ARG L 135 67.86 15.61 36.91
N GLN L 136 68.10 16.61 36.07
CA GLN L 136 69.36 17.35 36.13
C GLN L 136 69.38 18.30 37.32
N LEU L 137 68.25 18.95 37.61
CA LEU L 137 68.20 19.82 38.78
C LEU L 137 68.53 19.05 40.05
N LYS L 138 67.92 17.88 40.23
CA LYS L 138 68.22 17.05 41.40
C LYS L 138 69.70 16.69 41.47
N THR L 139 70.34 16.46 40.32
CA THR L 139 71.78 16.21 40.32
C THR L 139 72.55 17.42 40.81
N VAL L 140 72.19 18.62 40.35
CA VAL L 140 72.86 19.84 40.80
C VAL L 140 72.65 20.02 42.30
N LEU L 141 71.40 19.92 42.74
CA LEU L 141 71.14 20.14 44.17
C LEU L 141 71.92 19.14 45.00
N GLY L 142 72.05 17.90 44.51
CA GLY L 142 72.83 16.90 45.22
C GLY L 142 74.29 17.28 45.31
N LYS L 143 74.88 17.77 44.22
CA LYS L 143 76.28 18.14 44.27
C LYS L 143 76.49 19.33 45.20
N MET L 144 75.56 20.28 45.22
CA MET L 144 75.68 21.41 46.14
C MET L 144 75.73 20.95 47.59
N GLN L 145 74.95 19.92 47.93
CA GLN L 145 74.94 19.43 49.30
C GLN L 145 76.16 18.58 49.63
N GLU L 146 76.66 17.81 48.66
CA GLU L 146 77.86 17.00 48.89
C GLU L 146 79.12 17.84 49.07
N ALA L 147 79.07 19.15 48.82
CA ALA L 147 80.26 19.98 48.91
C ALA L 147 80.77 20.02 50.35
N PRO L 148 82.06 20.28 50.54
CA PRO L 148 82.61 20.32 51.90
C PRO L 148 81.98 21.44 52.72
N ASP L 149 81.73 21.16 54.00
CA ASP L 149 80.97 22.10 54.81
C ASP L 149 81.75 23.37 55.15
N SER L 150 82.97 23.51 54.66
CA SER L 150 83.74 24.74 54.82
C SER L 150 83.62 25.69 53.63
N THR L 151 82.92 25.27 52.59
CA THR L 151 82.92 25.97 51.31
C THR L 151 81.60 26.68 51.07
N THR L 152 81.70 27.91 50.58
CA THR L 152 80.53 28.62 50.05
C THR L 152 80.22 28.10 48.64
N VAL L 153 79.01 27.57 48.44
CA VAL L 153 78.61 26.92 47.20
C VAL L 153 77.59 27.80 46.50
N ILE L 154 77.88 28.16 45.24
CA ILE L 154 77.01 29.03 44.46
C ILE L 154 76.79 28.40 43.11
N PHE L 155 75.54 28.07 42.81
CA PHE L 155 75.12 27.72 41.47
C PHE L 155 74.43 28.91 40.83
N ALA L 156 74.81 29.21 39.58
CA ALA L 156 74.13 30.22 38.78
C ALA L 156 74.09 29.73 37.34
N GLY L 157 72.90 29.66 36.76
CA GLY L 157 72.83 29.24 35.37
C GLY L 157 71.42 29.34 34.79
N ASP L 158 71.30 28.78 33.59
CA ASP L 158 70.02 28.73 32.86
C ASP L 158 69.35 27.40 33.19
N THR L 159 68.42 27.43 34.15
CA THR L 159 67.69 26.27 34.64
C THR L 159 66.51 25.91 33.74
N ASN L 160 66.06 26.81 32.90
CA ASN L 160 64.90 26.59 32.01
C ASN L 160 63.70 26.11 32.80
N LEU L 161 63.66 26.41 34.09
CA LEU L 161 62.63 25.87 34.96
C LEU L 161 61.33 26.66 34.84
N ARG L 162 60.22 25.94 34.99
CA ARG L 162 58.93 26.55 35.30
C ARG L 162 58.64 26.33 36.78
N ASP L 163 58.10 27.36 37.44
CA ASP L 163 57.93 27.31 38.89
C ASP L 163 57.13 26.09 39.35
N GLN L 164 56.31 25.52 38.45
CA GLN L 164 55.53 24.35 38.80
C GLN L 164 56.40 23.11 38.88
N GLU L 165 57.48 23.06 38.10
CA GLU L 165 58.36 21.90 38.08
C GLU L 165 59.11 21.75 39.39
N VAL L 166 59.54 22.87 39.99
CA VAL L 166 60.28 22.78 41.25
C VAL L 166 59.36 22.26 42.35
N ILE L 167 58.07 22.61 42.31
CA ILE L 167 57.16 22.19 43.37
C ILE L 167 56.92 20.69 43.30
N LYS L 168 56.47 20.18 42.14
CA LYS L 168 56.28 18.75 41.99
C LYS L 168 57.59 17.99 42.16
N CYS L 169 58.72 18.66 41.99
CA CYS L 169 60.02 18.07 42.28
C CYS L 169 60.26 17.90 43.78
N GLY L 170 59.41 18.49 44.62
CA GLY L 170 59.61 18.51 46.05
C GLY L 170 60.12 19.83 46.61
N GLY L 171 60.53 20.76 45.75
CA GLY L 171 61.10 22.01 46.19
C GLY L 171 62.58 21.91 46.54
N LEU L 172 63.20 23.06 46.67
CA LEU L 172 64.60 23.11 47.05
C LEU L 172 64.77 22.59 48.47
N PRO L 173 65.90 21.95 48.78
CA PRO L 173 66.20 21.60 50.16
C PRO L 173 66.11 22.81 51.08
N ASP L 174 66.19 22.59 52.38
CA ASP L 174 66.08 23.70 53.33
C ASP L 174 67.39 24.42 53.52
N ASN L 175 68.50 23.83 53.09
CA ASN L 175 69.82 24.44 53.18
C ASN L 175 70.31 25.01 51.85
N VAL L 176 69.46 25.05 50.80
CA VAL L 176 69.82 25.61 49.51
C VAL L 176 68.82 26.71 49.15
N PHE L 177 69.29 27.93 48.95
CA PHE L 177 68.44 29.10 48.77
C PHE L 177 68.52 29.64 47.35
N ASP L 178 67.36 29.94 46.77
CA ASP L 178 67.28 30.70 45.53
C ASP L 178 67.43 32.19 45.87
N ALA L 179 68.45 32.83 45.28
CA ALA L 179 68.78 34.21 45.65
C ALA L 179 67.64 35.16 45.38
N TRP L 180 66.86 34.91 44.33
CA TRP L 180 65.75 35.83 44.04
C TRP L 180 64.67 35.71 45.11
N GLU L 181 64.35 34.47 45.51
CA GLU L 181 63.44 34.26 46.63
C GLU L 181 63.99 34.88 47.91
N PHE L 182 65.29 34.74 48.13
CA PHE L 182 65.90 35.23 49.36
C PHE L 182 65.68 36.73 49.50
N LEU L 183 65.74 37.47 48.39
CA LEU L 183 65.63 38.93 48.41
C LEU L 183 64.20 39.43 48.33
N GLY L 184 63.20 38.56 48.49
CA GLY L 184 61.82 38.97 48.55
C GLY L 184 61.03 38.83 47.27
N LYS L 185 61.51 38.05 46.31
CA LYS L 185 60.91 37.96 44.98
C LYS L 185 60.70 39.34 44.36
N PRO L 186 61.74 40.15 44.24
CA PRO L 186 61.57 41.49 43.65
C PRO L 186 61.12 41.39 42.20
N LYS L 187 60.07 42.14 41.86
CA LYS L 187 59.48 42.07 40.52
C LYS L 187 60.42 42.58 39.44
N HIS L 188 61.36 43.46 39.78
CA HIS L 188 62.13 44.14 38.74
C HIS L 188 63.11 43.22 38.03
N CYS L 189 63.42 42.05 38.59
CA CYS L 189 64.29 41.11 37.89
C CYS L 189 63.70 39.71 37.90
N GLN L 190 62.37 39.61 37.89
CA GLN L 190 61.72 38.30 37.95
C GLN L 190 61.82 37.56 36.63
N TYR L 191 61.75 38.26 35.51
CA TYR L 191 61.66 37.61 34.21
C TYR L 191 62.97 37.85 33.47
N THR L 192 63.77 36.79 33.32
CA THR L 192 65.06 36.85 32.64
C THR L 192 64.95 36.51 31.15
N TRP L 193 63.76 36.15 30.69
CA TRP L 193 63.54 35.74 29.31
C TRP L 193 62.13 36.22 28.95
N ASP L 194 62.06 37.36 28.25
CA ASP L 194 60.80 38.07 28.05
C ASP L 194 60.70 38.44 26.58
N THR L 195 59.84 37.76 25.85
CA THR L 195 59.74 37.98 24.40
C THR L 195 58.89 39.20 24.07
N LYS L 196 58.38 39.91 25.07
CA LYS L 196 57.73 41.18 24.85
C LYS L 196 58.71 42.33 24.93
N ALA L 197 59.62 42.29 25.89
CA ALA L 197 60.63 43.34 26.02
C ALA L 197 61.88 43.08 25.20
N ASN L 198 62.08 41.83 24.76
CA ASN L 198 63.27 41.39 24.06
C ASN L 198 62.82 40.74 22.76
N ASN L 199 63.25 41.29 21.63
CA ASN L 199 62.72 40.91 20.32
C ASN L 199 63.69 40.08 19.50
N ASN L 200 64.75 39.55 20.12
CA ASN L 200 65.81 38.87 19.38
C ASN L 200 65.33 37.62 18.67
N LEU L 201 64.34 36.92 19.21
CA LEU L 201 63.89 35.68 18.59
C LEU L 201 62.75 35.91 17.61
N ARG L 202 62.28 37.14 17.46
CA ARG L 202 61.16 37.47 16.57
C ARG L 202 59.92 36.66 16.89
N ILE L 203 59.73 36.32 18.17
CA ILE L 203 58.53 35.59 18.60
C ILE L 203 57.38 36.57 18.75
N PRO L 204 56.27 36.39 18.01
CA PRO L 204 55.21 37.42 18.07
C PRO L 204 54.51 37.51 19.41
N ALA L 205 54.17 36.37 20.01
CA ALA L 205 53.40 36.38 21.25
C ALA L 205 54.29 36.83 22.41
N ALA L 206 53.65 37.11 23.55
CA ALA L 206 54.34 37.54 24.76
C ALA L 206 54.47 36.37 25.72
N TYR L 207 55.70 35.93 25.94
CA TYR L 207 56.03 34.93 26.94
C TYR L 207 57.14 35.48 27.81
N LYS L 208 57.06 35.23 29.12
CA LYS L 208 58.10 35.66 30.05
C LYS L 208 58.32 34.58 31.10
N HIS L 209 59.59 34.31 31.41
CA HIS L 209 59.94 33.25 32.35
C HIS L 209 61.17 33.63 33.16
N ARG L 210 61.26 33.03 34.35
CA ARG L 210 62.43 33.15 35.21
C ARG L 210 63.32 31.92 35.00
N PHE L 211 63.95 31.87 33.83
CA PHE L 211 64.74 30.71 33.43
C PHE L 211 66.11 30.68 34.10
N ASP L 212 66.68 31.84 34.40
CA ASP L 212 68.02 31.94 34.95
C ASP L 212 67.92 32.19 36.46
N ARG L 213 68.65 31.41 37.24
CA ARG L 213 68.46 31.37 38.67
C ARG L 213 69.81 31.20 39.36
N ILE L 214 69.82 31.56 40.64
CA ILE L 214 71.01 31.52 41.47
C ILE L 214 70.65 30.75 42.74
N PHE L 215 71.42 29.70 43.04
CA PHE L 215 71.25 28.91 44.24
C PHE L 215 72.53 29.00 45.05
N PHE L 216 72.40 29.17 46.36
CA PHE L 216 73.56 29.10 47.23
C PHE L 216 73.21 28.26 48.45
N ARG L 217 74.23 27.67 49.05
CA ARG L 217 74.04 26.78 50.19
C ARG L 217 74.23 27.55 51.48
N ALA L 218 73.28 27.38 52.42
CA ALA L 218 73.32 28.06 53.71
C ALA L 218 74.63 27.83 54.43
N GLU L 219 75.15 28.90 55.05
CA GLU L 219 76.41 28.83 55.79
C GLU L 219 76.26 29.56 57.14
N GLU L 220 75.38 29.05 57.99
CA GLU L 220 75.15 29.63 59.32
C GLU L 220 74.83 31.12 59.24
N GLY L 221 74.26 31.55 58.12
CA GLY L 221 73.90 32.94 57.96
C GLY L 221 75.08 33.85 57.71
N HIS L 222 76.10 33.36 57.02
CA HIS L 222 77.23 34.18 56.62
C HIS L 222 77.14 34.65 55.18
N LEU L 223 76.10 34.26 54.44
CA LEU L 223 75.90 34.66 53.05
C LEU L 223 74.70 35.59 52.96
N ILE L 224 74.95 36.81 52.51
CA ILE L 224 73.88 37.81 52.46
C ILE L 224 73.83 38.44 51.06
N PRO L 225 72.93 37.99 50.19
CA PRO L 225 72.68 38.71 48.95
C PRO L 225 72.29 40.14 49.22
N GLN L 226 72.94 41.06 48.50
CA GLN L 226 72.71 42.50 48.63
C GLN L 226 71.78 43.04 47.56
N SER L 227 71.87 42.54 46.33
CA SER L 227 71.09 43.11 45.23
C SER L 227 71.05 42.11 44.09
N LEU L 228 70.05 42.28 43.24
CA LEU L 228 69.90 41.45 42.05
C LEU L 228 69.33 42.32 40.94
N ASP L 229 70.02 42.38 39.79
CA ASP L 229 69.58 43.26 38.70
C ASP L 229 69.74 42.58 37.35
N LEU L 230 68.81 42.88 36.45
CA LEU L 230 68.94 42.52 35.04
C LEU L 230 70.11 43.25 34.39
N VAL L 231 70.72 42.61 33.40
CA VAL L 231 71.75 43.25 32.58
C VAL L 231 71.59 42.78 31.13
N GLY L 232 72.23 43.52 30.23
CA GLY L 232 72.05 43.30 28.81
C GLY L 232 70.84 44.01 28.27
N LEU L 233 70.46 45.11 28.89
CA LEU L 233 69.19 45.77 28.61
C LEU L 233 69.30 46.80 27.50
N GLU L 234 70.51 47.26 27.20
CA GLU L 234 70.75 48.27 26.15
C GLU L 234 70.75 47.60 24.79
N LYS L 235 69.74 47.91 23.98
CA LYS L 235 69.71 47.49 22.59
C LYS L 235 70.94 48.01 21.85
N LEU L 236 71.52 47.17 21.00
CA LEU L 236 72.78 47.50 20.35
C LEU L 236 72.58 48.33 19.09
N ASP L 237 73.70 48.74 18.50
CA ASP L 237 73.67 49.50 17.25
C ASP L 237 72.90 48.76 16.16
N CYS L 238 73.07 47.43 16.09
CA CYS L 238 72.36 46.65 15.09
C CYS L 238 70.86 46.55 15.35
N GLY L 239 70.36 47.07 16.47
CA GLY L 239 68.94 47.01 16.76
C GLY L 239 68.48 45.77 17.49
N ARG L 240 69.39 44.94 17.97
CA ARG L 240 69.05 43.75 18.76
C ARG L 240 69.80 43.79 20.10
N PHE L 241 69.37 42.94 20.99
CA PHE L 241 70.06 42.87 22.27
C PHE L 241 71.16 41.83 22.22
N PRO L 242 72.08 41.85 23.19
CA PRO L 242 73.15 40.83 23.22
C PRO L 242 72.62 39.41 23.16
N SER L 243 71.50 39.14 23.82
CA SER L 243 70.96 37.79 23.87
C SER L 243 69.45 37.87 23.96
N ASP L 244 68.80 36.73 23.73
CA ASP L 244 67.38 36.66 24.02
C ASP L 244 67.13 36.60 25.52
N HIS L 245 68.17 36.45 26.34
CA HIS L 245 68.07 36.45 27.78
C HIS L 245 68.66 37.74 28.33
N TRP L 246 68.03 38.30 29.36
CA TRP L 246 68.74 39.22 30.22
C TRP L 246 69.72 38.44 31.08
N GLY L 247 70.83 39.06 31.43
CA GLY L 247 71.69 38.49 32.43
C GLY L 247 71.26 38.90 33.83
N LEU L 248 71.81 38.20 34.82
CA LEU L 248 71.54 38.46 36.23
C LEU L 248 72.82 38.92 36.90
N LEU L 249 72.78 40.09 37.50
CA LEU L 249 73.90 40.64 38.27
C LEU L 249 73.57 40.54 39.75
N CYS L 250 74.47 39.91 40.51
CA CYS L 250 74.25 39.66 41.92
C CYS L 250 75.46 40.14 42.71
N THR L 251 75.20 40.81 43.82
CA THR L 251 76.23 41.16 44.78
C THR L 251 75.91 40.49 46.11
N LEU L 252 76.92 39.90 46.74
CA LEU L 252 76.79 39.25 48.03
C LEU L 252 77.84 39.78 48.99
N ASN L 253 77.49 39.78 50.27
CA ASN L 253 78.46 39.97 51.34
C ASN L 253 78.69 38.62 52.02
N VAL L 254 79.93 38.35 52.36
CA VAL L 254 80.28 37.18 53.14
C VAL L 254 80.78 37.69 54.49
N VAL L 255 79.94 37.57 55.51
CA VAL L 255 80.25 38.06 56.86
C VAL L 255 80.86 36.95 57.71
N SER N 7 -65.60 -14.49 -2.94
CA SER N 7 -65.89 -15.16 -1.68
C SER N 7 -65.96 -14.13 -0.54
N SER N 8 -66.17 -14.63 0.69
CA SER N 8 -66.07 -13.79 1.89
C SER N 8 -64.64 -13.41 2.21
N THR N 9 -63.68 -13.89 1.42
CA THR N 9 -62.27 -13.59 1.59
C THR N 9 -61.88 -12.37 0.78
N ILE N 10 -60.93 -11.61 1.30
CA ILE N 10 -60.38 -10.45 0.61
C ILE N 10 -58.87 -10.49 0.68
N SER N 11 -58.24 -10.11 -0.43
CA SER N 11 -56.79 -10.12 -0.55
C SER N 11 -56.30 -8.70 -0.78
N PHE N 12 -55.12 -8.40 -0.27
CA PHE N 12 -54.53 -7.12 -0.60
C PHE N 12 -53.01 -7.23 -0.56
N ILE N 13 -52.36 -6.26 -1.17
CA ILE N 13 -50.91 -6.17 -1.19
C ILE N 13 -50.53 -4.77 -0.75
N THR N 14 -49.47 -4.66 0.02
CA THR N 14 -48.84 -3.39 0.30
C THR N 14 -47.40 -3.49 -0.13
N TRP N 15 -46.90 -2.42 -0.74
CA TRP N 15 -45.61 -2.49 -1.39
C TRP N 15 -45.10 -1.08 -1.56
N ASN N 16 -43.97 -0.77 -0.95
CA ASN N 16 -43.20 0.41 -1.29
C ASN N 16 -42.37 0.04 -2.52
N ILE N 17 -42.75 0.60 -3.68
CA ILE N 17 -42.15 0.26 -4.97
C ILE N 17 -40.94 1.11 -5.33
N ASP N 18 -40.58 2.08 -4.50
CA ASP N 18 -39.36 2.88 -4.65
C ASP N 18 -39.25 3.54 -6.02
N GLY N 19 -40.22 4.41 -6.31
CA GLY N 19 -40.15 5.24 -7.50
C GLY N 19 -39.00 6.23 -7.48
N LEU N 20 -38.36 6.43 -6.33
CA LEU N 20 -37.20 7.32 -6.24
C LEU N 20 -35.90 6.64 -6.64
N ASP N 21 -35.91 5.34 -6.92
CA ASP N 21 -34.78 4.70 -7.58
C ASP N 21 -35.07 4.74 -9.07
N GLY N 22 -34.32 5.57 -9.79
CA GLY N 22 -34.53 5.72 -11.23
C GLY N 22 -34.07 4.54 -12.05
N CYS N 23 -33.15 3.74 -11.52
CA CYS N 23 -32.57 2.63 -12.28
C CYS N 23 -33.62 1.61 -12.67
N ASN N 24 -33.72 1.34 -13.98
CA ASN N 24 -34.56 0.28 -14.51
C ASN N 24 -36.02 0.46 -14.13
N LEU N 25 -36.44 1.70 -13.91
CA LEU N 25 -37.78 1.92 -13.39
C LEU N 25 -38.86 1.42 -14.33
N PRO N 26 -38.77 1.62 -15.64
CA PRO N 26 -39.80 1.04 -16.53
C PRO N 26 -39.82 -0.47 -16.47
N GLU N 27 -38.67 -1.11 -16.33
CA GLU N 27 -38.65 -2.56 -16.21
C GLU N 27 -39.30 -3.00 -14.90
N ARG N 28 -39.07 -2.24 -13.82
CA ARG N 28 -39.56 -2.63 -12.51
C ARG N 28 -41.05 -2.36 -12.37
N ALA N 29 -41.54 -1.29 -12.98
CA ALA N 29 -42.99 -1.07 -13.03
C ALA N 29 -43.67 -2.19 -13.82
N ARG N 30 -43.02 -2.70 -14.86
CA ARG N 30 -43.58 -3.86 -15.55
C ARG N 30 -43.58 -5.08 -14.65
N GLY N 31 -42.52 -5.24 -13.84
CA GLY N 31 -42.48 -6.33 -12.89
C GLY N 31 -43.54 -6.22 -11.82
N VAL N 32 -43.77 -5.01 -11.31
CA VAL N 32 -44.80 -4.81 -10.29
C VAL N 32 -46.17 -5.21 -10.84
N CYS N 33 -46.51 -4.69 -12.02
CA CYS N 33 -47.79 -5.01 -12.64
C CYS N 33 -47.90 -6.50 -12.96
N SER N 34 -46.76 -7.15 -13.22
CA SER N 34 -46.78 -8.59 -13.42
C SER N 34 -47.24 -9.30 -12.15
N CYS N 35 -46.63 -8.97 -11.01
CA CYS N 35 -47.09 -9.52 -9.75
C CYS N 35 -48.57 -9.23 -9.52
N LEU N 36 -49.00 -8.00 -9.75
CA LEU N 36 -50.38 -7.67 -9.45
C LEU N 36 -51.34 -8.49 -10.29
N ALA N 37 -50.96 -8.87 -11.50
CA ALA N 37 -51.78 -9.72 -12.33
C ALA N 37 -51.66 -11.19 -11.95
N LEU N 38 -50.55 -11.57 -11.34
CA LEU N 38 -50.35 -12.94 -10.89
C LEU N 38 -51.16 -13.27 -9.65
N TYR N 39 -51.36 -12.31 -8.75
CA TYR N 39 -52.12 -12.54 -7.53
C TYR N 39 -53.49 -11.88 -7.54
N SER N 40 -53.68 -10.88 -8.39
CA SER N 40 -54.96 -10.18 -8.56
C SER N 40 -55.62 -9.86 -7.22
N PRO N 41 -54.96 -9.07 -6.37
CA PRO N 41 -55.57 -8.69 -5.09
C PRO N 41 -56.73 -7.74 -5.27
N ASP N 42 -57.60 -7.72 -4.25
CA ASP N 42 -58.74 -6.81 -4.22
C ASP N 42 -58.30 -5.36 -4.01
N VAL N 43 -57.23 -5.14 -3.26
CA VAL N 43 -56.74 -3.80 -2.92
C VAL N 43 -55.22 -3.83 -2.92
N VAL N 44 -54.61 -2.75 -3.42
CA VAL N 44 -53.17 -2.60 -3.41
C VAL N 44 -52.83 -1.26 -2.78
N PHE N 45 -51.95 -1.28 -1.78
CA PHE N 45 -51.41 -0.08 -1.18
C PHE N 45 -49.98 0.08 -1.69
N LEU N 46 -49.71 1.21 -2.34
CA LEU N 46 -48.39 1.49 -2.87
C LEU N 46 -47.83 2.72 -2.18
N GLN N 47 -46.52 2.72 -2.00
CA GLN N 47 -45.79 3.87 -1.48
C GLN N 47 -44.65 4.21 -2.42
N GLU N 48 -44.22 5.47 -2.37
CA GLU N 48 -43.17 5.98 -3.25
C GLU N 48 -43.56 5.81 -4.73
N VAL N 49 -44.82 6.09 -5.03
CA VAL N 49 -45.29 6.29 -6.39
C VAL N 49 -44.87 7.68 -6.86
N ILE N 50 -44.61 7.80 -8.17
CA ILE N 50 -44.34 9.08 -8.80
C ILE N 50 -45.25 9.22 -10.02
N PRO N 51 -45.39 10.42 -10.58
CA PRO N 51 -46.39 10.63 -11.65
C PRO N 51 -46.18 9.71 -12.85
N PRO N 52 -44.94 9.53 -13.32
CA PRO N 52 -44.76 8.60 -14.46
C PRO N 52 -45.15 7.17 -14.13
N TYR N 53 -44.71 6.66 -12.98
CA TYR N 53 -45.20 5.37 -12.48
C TYR N 53 -46.71 5.33 -12.39
N CYS N 54 -47.33 6.42 -11.92
CA CYS N 54 -48.78 6.43 -11.74
C CYS N 54 -49.51 6.33 -13.09
N ALA N 55 -49.01 7.03 -14.10
CA ALA N 55 -49.59 6.92 -15.44
C ALA N 55 -49.36 5.53 -16.02
N TYR N 56 -48.19 4.94 -15.77
CA TYR N 56 -47.96 3.56 -16.20
C TYR N 56 -48.99 2.61 -15.58
N LEU N 57 -49.27 2.78 -14.28
CA LEU N 57 -50.23 1.90 -13.62
C LEU N 57 -51.61 1.98 -14.24
N LYS N 58 -52.06 3.20 -14.57
CA LYS N 58 -53.35 3.35 -15.21
C LYS N 58 -53.39 2.65 -16.57
N LYS N 59 -52.23 2.37 -17.15
CA LYS N 59 -52.17 1.74 -18.48
C LYS N 59 -52.24 0.22 -18.38
N ARG N 60 -51.39 -0.38 -17.55
CA ARG N 60 -51.34 -1.83 -17.42
C ARG N 60 -52.35 -2.35 -16.39
N ALA N 61 -52.42 -1.72 -15.21
CA ALA N 61 -53.36 -2.12 -14.17
C ALA N 61 -54.74 -1.52 -14.36
N ALA N 62 -55.25 -1.51 -15.58
CA ALA N 62 -56.52 -0.87 -15.88
C ALA N 62 -57.71 -1.51 -15.17
N SER N 63 -57.51 -2.66 -14.55
CA SER N 63 -58.55 -3.25 -13.72
C SER N 63 -58.66 -2.59 -12.35
N TYR N 64 -57.79 -1.63 -12.04
CA TYR N 64 -57.77 -0.95 -10.75
C TYR N 64 -58.07 0.54 -10.92
N THR N 65 -58.98 1.03 -10.10
CA THR N 65 -59.11 2.45 -9.85
C THR N 65 -58.01 2.91 -8.91
N ILE N 66 -57.34 4.01 -9.24
CA ILE N 66 -56.21 4.52 -8.46
C ILE N 66 -56.62 5.78 -7.73
N ILE N 67 -56.34 5.82 -6.43
CA ILE N 67 -56.52 7.00 -5.59
C ILE N 67 -55.15 7.38 -5.04
N THR N 68 -54.81 8.67 -5.10
CA THR N 68 -53.47 9.11 -4.75
C THR N 68 -53.48 10.09 -3.59
N GLY N 69 -52.40 10.02 -2.79
CA GLY N 69 -52.15 10.90 -1.67
C GLY N 69 -51.48 12.20 -2.01
N ASN N 70 -51.17 12.43 -3.28
CA ASN N 70 -50.60 13.67 -3.79
C ASN N 70 -50.62 13.59 -5.31
N GLU N 71 -50.46 14.75 -5.95
CA GLU N 71 -50.32 14.78 -7.40
C GLU N 71 -48.87 14.93 -7.83
N GLU N 72 -47.97 15.32 -6.92
CA GLU N 72 -46.60 15.64 -7.29
C GLU N 72 -45.64 15.04 -6.26
N GLY N 73 -44.38 14.94 -6.67
CA GLY N 73 -43.32 14.42 -5.82
C GLY N 73 -43.39 12.91 -5.79
N TYR N 74 -43.08 12.32 -4.65
CA TYR N 74 -43.39 10.92 -4.43
C TYR N 74 -44.50 10.84 -3.40
N PHE N 75 -45.36 9.84 -3.57
CA PHE N 75 -46.59 9.77 -2.80
C PHE N 75 -47.07 8.32 -2.75
N THR N 76 -48.18 8.12 -2.07
CA THR N 76 -48.79 6.82 -1.92
C THR N 76 -50.03 6.73 -2.79
N ALA N 77 -50.53 5.51 -2.95
CA ALA N 77 -51.68 5.25 -3.79
C ALA N 77 -52.38 4.01 -3.28
N ILE N 78 -53.70 3.99 -3.46
CA ILE N 78 -54.51 2.84 -3.13
C ILE N 78 -55.29 2.43 -4.38
N LEU N 79 -55.06 1.21 -4.83
CA LEU N 79 -55.72 0.68 -6.02
C LEU N 79 -56.90 -0.18 -5.60
N LEU N 80 -58.03 0.02 -6.28
CA LEU N 80 -59.26 -0.69 -5.98
C LEU N 80 -59.67 -1.53 -7.18
N LYS N 81 -59.82 -2.84 -6.97
CA LYS N 81 -60.21 -3.74 -8.05
C LYS N 81 -61.63 -3.42 -8.51
N LYS N 82 -61.78 -3.08 -9.79
CA LYS N 82 -63.08 -2.73 -10.34
C LYS N 82 -63.99 -3.94 -10.41
N GLY N 83 -65.25 -3.75 -10.03
CA GLY N 83 -66.17 -4.85 -9.97
C GLY N 83 -65.98 -5.75 -8.77
N ARG N 84 -65.28 -5.27 -7.75
CA ARG N 84 -65.05 -6.05 -6.54
C ARG N 84 -65.07 -5.12 -5.33
N VAL N 85 -64.46 -3.94 -5.50
CA VAL N 85 -64.47 -2.88 -4.50
C VAL N 85 -65.17 -1.68 -5.09
N LYS N 86 -66.03 -1.04 -4.31
CA LYS N 86 -66.69 0.19 -4.72
C LYS N 86 -66.16 1.35 -3.89
N PHE N 87 -65.67 2.37 -4.56
CA PHE N 87 -65.25 3.60 -3.89
C PHE N 87 -66.44 4.26 -3.22
N LYS N 88 -66.18 5.00 -2.14
CA LYS N 88 -67.24 5.68 -1.41
C LYS N 88 -66.83 7.10 -1.06
N SER N 89 -65.66 7.25 -0.47
CA SER N 89 -65.17 8.56 -0.09
C SER N 89 -63.66 8.49 0.08
N GLN N 90 -63.07 9.65 0.26
CA GLN N 90 -61.63 9.79 0.28
C GLN N 90 -61.28 10.92 1.23
N GLU N 91 -60.13 10.80 1.89
CA GLU N 91 -59.72 11.76 2.89
C GLU N 91 -58.21 11.68 3.03
N ILE N 92 -57.58 12.82 3.26
CA ILE N 92 -56.15 12.87 3.53
C ILE N 92 -55.93 13.63 4.82
N ILE N 93 -55.42 12.94 5.83
CA ILE N 93 -54.99 13.55 7.08
C ILE N 93 -53.54 14.01 6.89
N PRO N 94 -53.22 15.27 7.12
CA PRO N 94 -51.83 15.72 6.98
C PRO N 94 -51.02 15.40 8.23
N PHE N 95 -49.69 15.36 8.02
CA PHE N 95 -48.71 15.21 9.09
C PHE N 95 -48.08 16.58 9.30
N PRO N 96 -48.59 17.41 10.22
CA PRO N 96 -48.17 18.81 10.23
C PRO N 96 -46.67 19.02 10.40
N ASN N 97 -45.95 18.06 10.98
CA ASN N 97 -44.52 18.23 11.25
C ASN N 97 -43.62 17.45 10.30
N THR N 98 -44.14 16.96 9.18
CA THR N 98 -43.33 16.16 8.27
C THR N 98 -42.38 17.06 7.48
N LYS N 99 -41.15 16.58 7.31
CA LYS N 99 -40.18 17.18 6.41
C LYS N 99 -40.02 16.39 5.12
N MET N 100 -40.89 15.41 4.87
CA MET N 100 -40.77 14.52 3.72
C MET N 100 -42.09 14.38 2.97
N MET N 101 -42.99 15.34 3.11
CA MET N 101 -44.24 15.36 2.34
C MET N 101 -45.07 14.11 2.61
N ARG N 102 -44.94 13.54 3.80
CA ARG N 102 -45.70 12.35 4.15
C ARG N 102 -47.06 12.75 4.68
N ASN N 103 -48.04 11.89 4.43
CA ASN N 103 -49.38 12.10 4.94
C ASN N 103 -50.04 10.74 5.15
N LEU N 104 -51.30 10.78 5.55
CA LEU N 104 -52.10 9.59 5.75
C LEU N 104 -53.25 9.63 4.77
N LEU N 105 -53.34 8.60 3.92
CA LEU N 105 -54.36 8.50 2.91
C LEU N 105 -55.41 7.48 3.35
N CYS N 106 -56.68 7.88 3.36
CA CYS N 106 -57.76 6.99 3.81
C CYS N 106 -58.81 6.92 2.73
N VAL N 107 -59.24 5.70 2.41
CA VAL N 107 -60.23 5.46 1.37
C VAL N 107 -61.30 4.56 1.96
N ASN N 108 -62.55 4.99 1.90
CA ASN N 108 -63.66 4.18 2.36
C ASN N 108 -64.25 3.46 1.17
N VAL N 109 -64.54 2.18 1.33
CA VAL N 109 -65.00 1.35 0.23
C VAL N 109 -65.95 0.29 0.77
N SER N 110 -66.65 -0.35 -0.16
CA SER N 110 -67.46 -1.53 0.14
C SER N 110 -66.86 -2.70 -0.64
N LEU N 111 -66.84 -3.86 0.02
CA LEU N 111 -66.20 -5.05 -0.53
C LEU N 111 -66.88 -6.27 0.08
N GLY N 112 -67.48 -7.10 -0.76
CA GLY N 112 -68.29 -8.19 -0.26
C GLY N 112 -69.38 -7.74 0.68
N GLY N 113 -69.98 -6.57 0.41
CA GLY N 113 -71.09 -6.08 1.19
C GLY N 113 -70.73 -5.43 2.51
N ASN N 114 -69.48 -5.50 2.95
CA ASN N 114 -69.05 -4.87 4.19
C ASN N 114 -68.33 -3.57 3.90
N GLU N 115 -68.45 -2.62 4.83
CA GLU N 115 -67.79 -1.33 4.73
C GLU N 115 -66.37 -1.43 5.28
N PHE N 116 -65.40 -0.97 4.50
CA PHE N 116 -64.01 -0.93 4.92
C PHE N 116 -63.52 0.51 4.94
N CYS N 117 -62.59 0.79 5.84
CA CYS N 117 -61.78 2.00 5.78
C CYS N 117 -60.34 1.57 5.54
N LEU N 118 -59.86 1.80 4.31
CA LEU N 118 -58.52 1.46 3.89
C LEU N 118 -57.60 2.66 4.08
N MET N 119 -56.45 2.43 4.70
CA MET N 119 -55.51 3.49 5.01
C MET N 119 -54.10 3.09 4.61
N THR N 120 -53.34 4.05 4.11
CA THR N 120 -51.92 3.81 3.88
C THR N 120 -51.14 5.09 4.13
N SER N 121 -49.84 4.92 4.30
CA SER N 121 -48.95 6.03 4.58
C SER N 121 -47.52 5.51 4.47
N HIS N 122 -46.60 6.46 4.33
CA HIS N 122 -45.17 6.19 4.28
C HIS N 122 -44.56 7.05 5.37
N LEU N 123 -44.41 6.47 6.56
CA LEU N 123 -44.00 7.24 7.72
C LEU N 123 -42.57 7.76 7.54
N GLU N 124 -42.24 8.81 8.29
CA GLU N 124 -40.95 9.46 8.15
C GLU N 124 -39.82 8.45 8.18
N SER N 125 -38.89 8.58 7.22
CA SER N 125 -37.86 7.58 7.00
C SER N 125 -36.59 7.90 7.79
N THR N 126 -35.80 6.84 8.02
CA THR N 126 -34.44 6.87 8.59
C THR N 126 -34.42 6.87 10.12
N ARG N 127 -33.24 6.62 10.67
CA ARG N 127 -33.08 6.47 12.11
C ARG N 127 -33.20 7.82 12.82
N GLU N 128 -32.60 8.87 12.25
CA GLU N 128 -32.59 10.17 12.92
C GLU N 128 -34.01 10.65 13.23
N HIS N 129 -34.95 10.47 12.32
CA HIS N 129 -36.29 11.02 12.45
C HIS N 129 -37.23 10.12 13.24
N SER N 130 -36.74 9.50 14.31
CA SER N 130 -37.56 8.57 15.08
C SER N 130 -38.72 9.28 15.77
N ALA N 131 -38.51 10.51 16.23
CA ALA N 131 -39.55 11.22 16.98
C ALA N 131 -40.76 11.51 16.10
N GLU N 132 -40.54 12.16 14.95
CA GLU N 132 -41.64 12.44 14.05
C GLU N 132 -42.32 11.15 13.61
N ARG N 133 -41.53 10.12 13.28
CA ARG N 133 -42.10 8.85 12.89
C ARG N 133 -43.06 8.32 13.95
N ILE N 134 -42.70 8.43 15.22
CA ILE N 134 -43.59 7.98 16.28
C ILE N 134 -44.82 8.89 16.39
N ARG N 135 -44.64 10.19 16.18
CA ARG N 135 -45.78 11.11 16.21
C ARG N 135 -46.74 10.84 15.06
N GLN N 136 -46.23 10.40 13.92
CA GLN N 136 -47.12 10.00 12.83
C GLN N 136 -47.81 8.69 13.15
N LEU N 137 -47.10 7.76 13.81
CA LEU N 137 -47.71 6.50 14.20
C LEU N 137 -48.87 6.73 15.17
N LYS N 138 -48.73 7.70 16.08
CA LYS N 138 -49.83 8.02 16.97
C LYS N 138 -51.01 8.61 16.18
N THR N 139 -50.73 9.50 15.23
CA THR N 139 -51.79 10.02 14.38
C THR N 139 -52.53 8.90 13.66
N VAL N 140 -51.78 7.97 13.05
CA VAL N 140 -52.41 6.86 12.32
C VAL N 140 -53.27 6.03 13.26
N LEU N 141 -52.69 5.60 14.39
CA LEU N 141 -53.45 4.80 15.35
C LEU N 141 -54.66 5.55 15.88
N GLY N 142 -54.51 6.86 16.10
CA GLY N 142 -55.66 7.65 16.52
C GLY N 142 -56.75 7.64 15.48
N LYS N 143 -56.40 7.88 14.21
CA LYS N 143 -57.40 7.89 13.17
C LYS N 143 -58.04 6.52 13.02
N MET N 144 -57.31 5.45 13.32
CA MET N 144 -57.89 4.11 13.29
C MET N 144 -59.01 3.96 14.31
N GLN N 145 -58.91 4.65 15.45
CA GLN N 145 -59.92 4.56 16.50
C GLN N 145 -61.20 5.29 16.13
N GLU N 146 -61.11 6.35 15.31
CA GLU N 146 -62.26 7.23 15.08
C GLU N 146 -63.32 6.60 14.18
N ALA N 147 -62.94 5.67 13.31
CA ALA N 147 -63.91 5.12 12.37
C ALA N 147 -65.08 4.50 13.13
N PRO N 148 -66.26 4.43 12.51
CA PRO N 148 -67.41 3.84 13.20
C PRO N 148 -67.18 2.37 13.53
N ASP N 149 -67.75 1.94 14.65
CA ASP N 149 -67.50 0.58 15.14
C ASP N 149 -67.80 -0.47 14.08
N SER N 150 -68.81 -0.23 13.24
CA SER N 150 -69.29 -1.23 12.29
C SER N 150 -68.46 -1.30 11.01
N THR N 151 -67.49 -0.42 10.81
CA THR N 151 -66.64 -0.48 9.63
C THR N 151 -65.30 -1.10 9.99
N THR N 152 -64.78 -1.93 9.08
CA THR N 152 -63.48 -2.58 9.25
C THR N 152 -62.38 -1.62 8.83
N VAL N 153 -61.35 -1.48 9.67
CA VAL N 153 -60.27 -0.53 9.42
C VAL N 153 -58.99 -1.31 9.17
N ILE N 154 -58.45 -1.20 7.96
CA ILE N 154 -57.19 -1.84 7.61
C ILE N 154 -56.20 -0.75 7.23
N PHE N 155 -55.09 -0.68 7.95
CA PHE N 155 -53.96 0.16 7.56
C PHE N 155 -52.84 -0.73 7.08
N ALA N 156 -52.29 -0.41 5.91
CA ALA N 156 -51.12 -1.11 5.39
C ALA N 156 -50.24 -0.11 4.68
N GLY N 157 -48.95 -0.13 5.02
CA GLY N 157 -48.01 0.84 4.46
C GLY N 157 -46.62 0.58 4.99
N ASP N 158 -45.70 1.47 4.61
CA ASP N 158 -44.30 1.38 4.99
C ASP N 158 -44.11 2.27 6.22
N THR N 159 -43.93 1.64 7.39
CA THR N 159 -43.87 2.34 8.66
C THR N 159 -42.47 2.82 9.02
N ASN N 160 -41.45 2.22 8.42
CA ASN N 160 -40.07 2.51 8.76
C ASN N 160 -39.77 2.31 10.24
N LEU N 161 -40.60 1.51 10.91
CA LEU N 161 -40.48 1.33 12.35
C LEU N 161 -39.30 0.42 12.66
N ARG N 162 -38.62 0.72 13.76
CA ARG N 162 -37.50 -0.05 14.28
C ARG N 162 -37.90 -0.70 15.60
N ASP N 163 -36.99 -1.55 16.08
CA ASP N 163 -37.11 -2.12 17.40
C ASP N 163 -37.43 -1.04 18.44
N GLN N 164 -38.34 -1.36 19.35
CA GLN N 164 -38.55 -0.58 20.57
C GLN N 164 -39.29 0.73 20.33
N GLU N 165 -39.29 1.24 19.10
CA GLU N 165 -40.03 2.47 18.84
C GLU N 165 -41.51 2.29 19.13
N VAL N 166 -42.05 1.12 18.85
CA VAL N 166 -43.46 0.86 19.15
C VAL N 166 -43.67 0.68 20.65
N ILE N 167 -42.69 0.07 21.33
CA ILE N 167 -42.78 -0.05 22.78
C ILE N 167 -42.77 1.34 23.42
N LYS N 168 -41.71 2.11 23.18
CA LYS N 168 -41.60 3.42 23.81
C LYS N 168 -42.82 4.29 23.52
N CYS N 169 -43.49 4.05 22.39
CA CYS N 169 -44.71 4.76 22.05
C CYS N 169 -45.90 4.32 22.89
N GLY N 170 -45.74 3.32 23.74
CA GLY N 170 -46.84 2.78 24.52
C GLY N 170 -47.47 1.53 23.94
N GLY N 171 -46.95 1.01 22.84
CA GLY N 171 -47.52 -0.15 22.22
C GLY N 171 -48.79 0.16 21.44
N LEU N 172 -49.29 -0.85 20.78
CA LEU N 172 -50.53 -0.72 20.03
C LEU N 172 -51.72 -0.78 20.99
N PRO N 173 -52.78 -0.02 20.71
CA PRO N 173 -53.99 -0.15 21.53
C PRO N 173 -54.52 -1.58 21.50
N ASP N 174 -55.17 -1.98 22.58
CA ASP N 174 -55.60 -3.37 22.71
C ASP N 174 -56.63 -3.77 21.68
N ASN N 175 -57.11 -2.86 20.83
CA ASN N 175 -58.04 -3.20 19.77
C ASN N 175 -57.44 -2.96 18.39
N VAL N 176 -56.13 -2.81 18.30
CA VAL N 176 -55.43 -2.68 17.03
C VAL N 176 -54.37 -3.78 16.97
N PHE N 177 -54.48 -4.64 15.97
CA PHE N 177 -53.63 -5.81 15.84
C PHE N 177 -52.69 -5.66 14.65
N ASP N 178 -51.45 -6.08 14.83
CA ASP N 178 -50.49 -6.22 13.75
C ASP N 178 -50.68 -7.59 13.11
N ALA N 179 -51.03 -7.61 11.82
CA ALA N 179 -51.34 -8.88 11.16
C ALA N 179 -50.20 -9.89 11.32
N TRP N 180 -48.95 -9.43 11.27
CA TRP N 180 -47.84 -10.37 11.36
C TRP N 180 -47.74 -10.96 12.76
N GLU N 181 -47.99 -10.16 13.79
CA GLU N 181 -48.04 -10.67 15.14
C GLU N 181 -49.24 -11.58 15.35
N PHE N 182 -50.37 -11.25 14.72
CA PHE N 182 -51.59 -12.05 14.88
C PHE N 182 -51.36 -13.48 14.42
N LEU N 183 -50.61 -13.64 13.34
CA LEU N 183 -50.38 -14.95 12.76
C LEU N 183 -49.28 -15.73 13.48
N GLY N 184 -48.70 -15.17 14.54
CA GLY N 184 -47.66 -15.86 15.28
C GLY N 184 -46.24 -15.47 14.91
N LYS N 185 -46.02 -14.29 14.35
CA LYS N 185 -44.69 -13.84 13.95
C LYS N 185 -43.97 -14.83 13.04
N PRO N 186 -44.65 -15.36 12.02
CA PRO N 186 -44.00 -16.34 11.14
C PRO N 186 -42.72 -15.76 10.54
N LYS N 187 -41.65 -16.54 10.57
CA LYS N 187 -40.36 -16.01 10.14
C LYS N 187 -40.30 -15.82 8.62
N HIS N 188 -41.08 -16.58 7.85
CA HIS N 188 -40.91 -16.55 6.40
C HIS N 188 -41.23 -15.19 5.81
N CYS N 189 -41.95 -14.34 6.51
CA CYS N 189 -42.29 -13.01 6.01
C CYS N 189 -42.00 -11.94 7.06
N GLN N 190 -40.93 -12.12 7.83
CA GLN N 190 -40.61 -11.18 8.89
C GLN N 190 -39.96 -9.90 8.36
N TYR N 191 -38.97 -10.03 7.50
CA TYR N 191 -38.23 -8.87 7.01
C TYR N 191 -38.73 -8.50 5.61
N THR N 192 -39.26 -7.29 5.48
CA THR N 192 -39.69 -6.77 4.20
C THR N 192 -38.63 -5.90 3.53
N TRP N 193 -37.52 -5.65 4.21
CA TRP N 193 -36.43 -4.81 3.72
C TRP N 193 -35.14 -5.48 4.17
N ASP N 194 -34.46 -6.15 3.24
CA ASP N 194 -33.37 -7.08 3.57
C ASP N 194 -32.24 -6.89 2.56
N THR N 195 -31.19 -6.17 2.97
CA THR N 195 -30.09 -5.88 2.06
C THR N 195 -29.20 -7.08 1.80
N LYS N 196 -29.48 -8.24 2.41
CA LYS N 196 -28.72 -9.44 2.08
C LYS N 196 -29.42 -10.25 1.00
N ALA N 197 -30.75 -10.33 1.06
CA ALA N 197 -31.52 -11.02 0.03
C ALA N 197 -31.84 -10.13 -1.16
N ASN N 198 -31.75 -8.80 -1.03
CA ASN N 198 -32.16 -7.87 -2.06
C ASN N 198 -31.07 -6.84 -2.27
N ASN N 199 -30.50 -6.80 -3.46
CA ASN N 199 -29.30 -6.02 -3.74
C ASN N 199 -29.57 -4.76 -4.55
N ASN N 200 -30.84 -4.36 -4.69
CA ASN N 200 -31.17 -3.18 -5.50
C ASN N 200 -30.39 -1.93 -5.06
N LEU N 201 -30.24 -1.70 -3.76
CA LEU N 201 -29.58 -0.47 -3.34
C LEU N 201 -28.06 -0.60 -3.36
N ARG N 202 -27.53 -1.80 -3.58
CA ARG N 202 -26.10 -2.02 -3.66
C ARG N 202 -25.42 -1.83 -2.32
N ILE N 203 -26.16 -1.98 -1.23
CA ILE N 203 -25.64 -1.80 0.12
C ILE N 203 -24.82 -3.02 0.50
N PRO N 204 -23.53 -2.87 0.80
CA PRO N 204 -22.72 -4.07 1.08
C PRO N 204 -23.17 -4.81 2.32
N ALA N 205 -23.39 -4.10 3.42
CA ALA N 205 -23.70 -4.72 4.69
C ALA N 205 -25.12 -5.30 4.69
N ALA N 206 -25.37 -6.20 5.64
CA ALA N 206 -26.68 -6.83 5.77
C ALA N 206 -27.48 -6.08 6.82
N TYR N 207 -28.60 -5.51 6.40
CA TYR N 207 -29.58 -4.94 7.30
C TYR N 207 -30.92 -5.58 6.97
N LYS N 208 -31.65 -5.95 8.00
CA LYS N 208 -32.97 -6.56 7.83
C LYS N 208 -33.93 -5.80 8.72
N HIS N 209 -35.08 -5.42 8.17
CA HIS N 209 -36.08 -4.72 8.96
C HIS N 209 -37.47 -5.07 8.48
N ARG N 210 -38.41 -5.12 9.42
CA ARG N 210 -39.82 -5.28 9.11
C ARG N 210 -40.46 -3.89 9.08
N PHE N 211 -40.15 -3.17 8.00
CA PHE N 211 -40.64 -1.81 7.83
C PHE N 211 -42.11 -1.79 7.42
N ASP N 212 -42.57 -2.80 6.72
CA ASP N 212 -43.87 -2.78 6.07
C ASP N 212 -44.82 -3.63 6.90
N ARG N 213 -45.93 -3.02 7.30
CA ARG N 213 -46.77 -3.61 8.34
C ARG N 213 -48.22 -3.39 7.99
N ILE N 214 -49.04 -4.28 8.54
CA ILE N 214 -50.49 -4.26 8.36
C ILE N 214 -51.09 -4.17 9.75
N PHE N 215 -51.93 -3.16 9.97
CA PHE N 215 -52.70 -2.99 11.19
C PHE N 215 -54.18 -3.12 10.87
N PHE N 216 -54.94 -3.81 11.71
CA PHE N 216 -56.38 -3.80 11.58
C PHE N 216 -57.02 -3.65 12.94
N ARG N 217 -58.25 -3.14 12.95
CA ARG N 217 -58.96 -2.86 14.19
C ARG N 217 -59.94 -3.97 14.51
N ALA N 218 -59.86 -4.45 15.76
CA ALA N 218 -60.68 -5.55 16.25
C ALA N 218 -62.16 -5.30 15.99
N GLU N 219 -62.81 -6.30 15.39
CA GLU N 219 -64.25 -6.30 15.25
C GLU N 219 -64.85 -7.53 15.90
N GLU N 220 -64.57 -7.71 17.19
CA GLU N 220 -65.10 -8.84 17.95
C GLU N 220 -64.75 -10.15 17.26
N GLY N 221 -63.49 -10.29 16.89
CA GLY N 221 -63.00 -11.52 16.27
C GLY N 221 -63.73 -11.89 15.00
N HIS N 222 -64.07 -10.90 14.17
CA HIS N 222 -64.72 -11.17 12.89
C HIS N 222 -63.81 -10.92 11.70
N LEU N 223 -62.57 -10.51 11.92
CA LEU N 223 -61.57 -10.37 10.87
C LEU N 223 -60.42 -11.32 11.17
N ILE N 224 -60.21 -12.32 10.31
CA ILE N 224 -59.26 -13.39 10.57
C ILE N 224 -58.20 -13.45 9.46
N PRO N 225 -56.97 -13.05 9.73
CA PRO N 225 -55.90 -13.23 8.72
C PRO N 225 -55.68 -14.69 8.41
N GLN N 226 -55.65 -15.01 7.11
CA GLN N 226 -55.40 -16.37 6.65
C GLN N 226 -53.93 -16.62 6.37
N SER N 227 -53.25 -15.68 5.73
CA SER N 227 -51.90 -15.93 5.27
C SER N 227 -51.19 -14.60 5.05
N LEU N 228 -49.87 -14.67 5.08
CA LEU N 228 -49.02 -13.52 4.85
C LEU N 228 -47.79 -14.02 4.11
N ASP N 229 -47.50 -13.43 2.96
CA ASP N 229 -46.40 -13.89 2.12
C ASP N 229 -45.70 -12.69 1.49
N LEU N 230 -44.40 -12.85 1.30
CA LEU N 230 -43.60 -11.90 0.54
C LEU N 230 -43.89 -12.04 -0.95
N VAL N 231 -43.94 -10.91 -1.66
CA VAL N 231 -44.08 -10.91 -3.10
C VAL N 231 -43.00 -10.02 -3.70
N GLY N 232 -42.82 -10.18 -5.01
CA GLY N 232 -41.73 -9.51 -5.69
C GLY N 232 -40.38 -10.14 -5.45
N LEU N 233 -40.34 -11.46 -5.24
CA LEU N 233 -39.09 -12.15 -4.97
C LEU N 233 -38.35 -12.58 -6.23
N GLU N 234 -39.02 -12.57 -7.39
CA GLU N 234 -38.38 -12.97 -8.64
C GLU N 234 -37.58 -11.79 -9.21
N LYS N 235 -36.27 -11.98 -9.32
CA LYS N 235 -35.42 -11.04 -10.03
C LYS N 235 -35.87 -10.92 -11.48
N LEU N 236 -35.81 -9.70 -12.01
CA LEU N 236 -36.27 -9.40 -13.36
C LEU N 236 -35.14 -9.60 -14.38
N ASP N 237 -35.52 -9.67 -15.65
CA ASP N 237 -34.52 -9.83 -16.71
C ASP N 237 -33.37 -8.85 -16.54
N CYS N 238 -33.67 -7.63 -16.11
CA CYS N 238 -32.67 -6.57 -15.97
C CYS N 238 -31.72 -6.81 -14.80
N GLY N 239 -31.88 -7.89 -14.02
CA GLY N 239 -30.95 -8.22 -12.97
C GLY N 239 -31.26 -7.64 -11.60
N ARG N 240 -32.37 -6.92 -11.46
CA ARG N 240 -32.80 -6.33 -10.19
C ARG N 240 -34.21 -6.79 -9.86
N PHE N 241 -34.59 -6.65 -8.59
CA PHE N 241 -35.96 -6.89 -8.19
C PHE N 241 -36.82 -5.64 -8.45
N PRO N 242 -38.15 -5.80 -8.48
CA PRO N 242 -39.01 -4.64 -8.71
C PRO N 242 -38.75 -3.49 -7.77
N SER N 243 -38.32 -3.77 -6.54
CA SER N 243 -38.11 -2.75 -5.53
C SER N 243 -37.11 -3.29 -4.51
N ASP N 244 -36.59 -2.37 -3.69
CA ASP N 244 -35.75 -2.79 -2.57
C ASP N 244 -36.60 -3.29 -1.40
N HIS N 245 -37.91 -3.15 -1.51
CA HIS N 245 -38.84 -3.71 -0.56
C HIS N 245 -39.46 -4.96 -1.16
N TRP N 246 -39.65 -5.98 -0.33
CA TRP N 246 -40.63 -6.99 -0.66
C TRP N 246 -42.01 -6.42 -0.42
N GLY N 247 -42.95 -6.81 -1.25
CA GLY N 247 -44.34 -6.58 -0.92
C GLY N 247 -44.84 -7.60 0.09
N LEU N 248 -45.99 -7.31 0.66
CA LEU N 248 -46.71 -8.24 1.53
C LEU N 248 -48.03 -8.59 0.90
N LEU N 249 -48.30 -9.87 0.79
CA LEU N 249 -49.56 -10.37 0.28
C LEU N 249 -50.33 -10.96 1.44
N CYS N 250 -51.55 -10.48 1.64
CA CYS N 250 -52.35 -10.85 2.77
C CYS N 250 -53.74 -11.23 2.31
N THR N 251 -54.28 -12.32 2.88
CA THR N 251 -55.66 -12.70 2.64
C THR N 251 -56.34 -12.84 3.99
N LEU N 252 -57.52 -12.24 4.12
CA LEU N 252 -58.28 -12.23 5.36
C LEU N 252 -59.67 -12.76 5.10
N ASN N 253 -60.27 -13.31 6.15
CA ASN N 253 -61.66 -13.72 6.15
C ASN N 253 -62.47 -12.77 7.02
N VAL N 254 -63.66 -12.41 6.54
CA VAL N 254 -64.60 -11.61 7.32
C VAL N 254 -65.80 -12.50 7.61
N VAL N 255 -65.91 -12.92 8.87
CA VAL N 255 -66.97 -13.83 9.29
C VAL N 255 -68.15 -13.07 9.86
N SER P 7 -0.44 41.80 38.19
CA SER P 7 0.25 41.43 39.42
C SER P 7 -0.06 39.97 39.76
N SER P 8 -0.97 39.75 40.71
CA SER P 8 -1.48 38.43 41.06
C SER P 8 -2.68 38.05 40.21
N THR P 9 -2.63 38.40 38.93
CA THR P 9 -3.74 38.23 38.00
C THR P 9 -3.20 37.69 36.69
N ILE P 10 -3.91 36.73 36.10
CA ILE P 10 -3.55 36.20 34.79
C ILE P 10 -4.74 36.34 33.85
N SER P 11 -4.45 36.68 32.61
CA SER P 11 -5.47 36.86 31.58
C SER P 11 -5.17 35.92 30.41
N PHE P 12 -6.22 35.35 29.82
CA PHE P 12 -6.01 34.52 28.63
C PHE P 12 -7.21 34.65 27.70
N ILE P 13 -7.01 34.15 26.48
CA ILE P 13 -8.03 34.09 25.45
C ILE P 13 -8.09 32.66 24.93
N THR P 14 -9.29 32.15 24.68
CA THR P 14 -9.46 30.89 23.97
C THR P 14 -10.31 31.15 22.73
N TRP P 15 -9.88 30.61 21.59
CA TRP P 15 -10.47 31.01 20.32
C TRP P 15 -10.32 29.89 19.30
N ASN P 16 -11.44 29.38 18.80
CA ASN P 16 -11.44 28.59 17.57
C ASN P 16 -11.42 29.58 16.40
N ILE P 17 -10.32 29.61 15.65
CA ILE P 17 -10.11 30.60 14.60
C ILE P 17 -10.46 30.06 13.22
N ASP P 18 -10.95 28.83 13.11
CA ASP P 18 -11.52 28.27 11.89
C ASP P 18 -10.52 28.33 10.72
N GLY P 19 -9.37 27.72 10.95
CA GLY P 19 -8.38 27.60 9.91
C GLY P 19 -8.90 26.85 8.69
N LEU P 20 -9.87 25.96 8.88
CA LEU P 20 -10.44 25.19 7.79
C LEU P 20 -11.38 26.00 6.91
N ASP P 21 -11.60 27.27 7.23
CA ASP P 21 -12.27 28.18 6.31
C ASP P 21 -11.20 28.87 5.48
N GLY P 22 -11.17 28.59 4.19
CA GLY P 22 -10.17 29.17 3.32
C GLY P 22 -10.42 30.61 2.93
N CYS P 23 -11.67 31.08 3.04
CA CYS P 23 -12.02 32.42 2.60
C CYS P 23 -11.37 33.47 3.50
N ASN P 24 -10.78 34.50 2.89
CA ASN P 24 -10.33 35.69 3.59
C ASN P 24 -9.37 35.38 4.73
N LEU P 25 -8.58 34.33 4.57
CA LEU P 25 -7.79 33.84 5.70
C LEU P 25 -6.71 34.84 6.11
N PRO P 26 -5.94 35.43 5.20
CA PRO P 26 -4.94 36.42 5.65
C PRO P 26 -5.56 37.60 6.38
N GLU P 27 -6.65 38.16 5.85
CA GLU P 27 -7.31 39.27 6.53
C GLU P 27 -7.80 38.84 7.91
N ARG P 28 -8.40 37.66 8.01
CA ARG P 28 -8.92 37.20 9.28
C ARG P 28 -7.80 36.97 10.28
N ALA P 29 -6.67 36.44 9.83
CA ALA P 29 -5.54 36.25 10.73
C ALA P 29 -5.03 37.60 11.22
N ARG P 30 -5.05 38.61 10.35
CA ARG P 30 -4.71 39.95 10.79
C ARG P 30 -5.69 40.41 11.87
N GLY P 31 -6.97 40.08 11.71
CA GLY P 31 -7.98 40.49 12.67
C GLY P 31 -7.78 39.85 14.04
N VAL P 32 -7.45 38.56 14.05
CA VAL P 32 -7.13 37.89 15.31
C VAL P 32 -5.94 38.57 15.97
N CYS P 33 -4.82 38.66 15.25
CA CYS P 33 -3.62 39.28 15.80
C CYS P 33 -3.89 40.71 16.25
N SER P 34 -4.81 41.42 15.59
CA SER P 34 -5.15 42.75 16.05
C SER P 34 -5.77 42.70 17.44
N CYS P 35 -6.69 41.75 17.66
CA CYS P 35 -7.28 41.58 18.98
C CYS P 35 -6.23 41.25 20.03
N LEU P 36 -5.31 40.36 19.71
CA LEU P 36 -4.27 40.01 20.67
C LEU P 36 -3.45 41.22 21.07
N ALA P 37 -3.27 42.16 20.14
CA ALA P 37 -2.48 43.35 20.46
C ALA P 37 -3.24 44.30 21.37
N LEU P 38 -4.58 44.33 21.29
CA LEU P 38 -5.37 45.27 22.09
C LEU P 38 -5.52 44.80 23.52
N TYR P 39 -5.60 43.48 23.72
CA TYR P 39 -5.78 42.91 25.03
C TYR P 39 -4.49 42.40 25.65
N SER P 40 -3.52 41.99 24.84
CA SER P 40 -2.24 41.48 25.28
C SER P 40 -2.43 40.51 26.44
N PRO P 41 -3.07 39.37 26.21
CA PRO P 41 -3.25 38.39 27.30
C PRO P 41 -1.98 37.57 27.54
N ASP P 42 -1.90 37.04 28.75
CA ASP P 42 -0.75 36.22 29.13
C ASP P 42 -0.70 34.90 28.37
N VAL P 43 -1.85 34.39 27.92
CA VAL P 43 -1.94 33.06 27.32
C VAL P 43 -3.04 33.07 26.28
N VAL P 44 -2.82 32.36 25.17
CA VAL P 44 -3.83 32.19 24.15
C VAL P 44 -3.96 30.71 23.81
N PHE P 45 -5.16 30.17 23.95
CA PHE P 45 -5.48 28.83 23.49
C PHE P 45 -6.17 28.96 22.15
N LEU P 46 -5.60 28.34 21.12
CA LEU P 46 -6.12 28.46 19.75
C LEU P 46 -6.50 27.10 19.22
N GLN P 47 -7.62 27.04 18.51
CA GLN P 47 -8.04 25.80 17.87
C GLN P 47 -8.23 26.01 16.37
N GLU P 48 -8.05 24.91 15.63
CA GLU P 48 -8.13 24.89 14.16
C GLU P 48 -7.05 25.77 13.54
N VAL P 49 -5.85 25.71 14.10
CA VAL P 49 -4.70 26.35 13.50
C VAL P 49 -4.20 25.47 12.37
N ILE P 50 -3.65 26.09 11.33
CA ILE P 50 -3.02 25.38 10.22
C ILE P 50 -1.61 25.92 10.07
N PRO P 51 -0.75 25.20 9.34
CA PRO P 51 0.67 25.57 9.27
C PRO P 51 0.87 27.03 8.86
N PRO P 52 0.22 27.50 7.79
CA PRO P 52 0.44 28.90 7.38
C PRO P 52 -0.04 29.91 8.41
N TYR P 53 -1.14 29.61 9.11
CA TYR P 53 -1.61 30.46 10.19
C TYR P 53 -0.60 30.50 11.32
N CYS P 54 0.18 29.43 11.48
CA CYS P 54 1.19 29.38 12.53
C CYS P 54 2.38 30.25 12.16
N ALA P 55 2.73 30.31 10.87
CA ALA P 55 3.80 31.18 10.41
C ALA P 55 3.41 32.65 10.48
N TYR P 56 2.13 32.96 10.28
CA TYR P 56 1.64 34.31 10.46
C TYR P 56 1.79 34.75 11.92
N LEU P 57 1.45 33.87 12.86
CA LEU P 57 1.49 34.26 14.28
C LEU P 57 2.92 34.58 14.73
N LYS P 58 3.93 33.92 14.13
CA LYS P 58 5.30 34.22 14.47
C LYS P 58 5.74 35.59 13.98
N LYS P 59 5.02 36.17 13.02
CA LYS P 59 5.38 37.47 12.44
C LYS P 59 4.61 38.63 13.07
N ARG P 60 3.28 38.53 13.16
CA ARG P 60 2.46 39.63 13.68
C ARG P 60 2.15 39.51 15.17
N ALA P 61 2.48 38.38 15.81
CA ALA P 61 2.26 38.15 17.23
C ALA P 61 3.55 37.66 17.89
N ALA P 62 4.63 38.41 17.70
CA ALA P 62 5.96 37.93 18.04
C ALA P 62 6.21 37.87 19.54
N SER P 63 5.41 38.56 20.34
CA SER P 63 5.60 38.54 21.79
C SER P 63 5.16 37.23 22.45
N TYR P 64 4.69 36.26 21.67
CA TYR P 64 4.22 34.98 22.18
C TYR P 64 5.07 33.84 21.65
N THR P 65 5.40 32.90 22.52
CA THR P 65 5.99 31.64 22.10
C THR P 65 4.89 30.65 21.76
N ILE P 66 4.92 30.11 20.55
CA ILE P 66 3.91 29.18 20.09
C ILE P 66 4.30 27.78 20.51
N ILE P 67 3.40 27.09 21.22
CA ILE P 67 3.57 25.70 21.58
C ILE P 67 2.51 24.90 20.82
N THR P 68 2.97 23.92 20.05
CA THR P 68 2.11 23.09 19.23
C THR P 68 2.59 21.66 19.34
N GLY P 69 1.78 20.74 18.83
CA GLY P 69 2.25 19.42 18.53
C GLY P 69 2.81 19.35 17.13
N ASN P 70 2.49 18.29 16.40
CA ASN P 70 2.83 18.21 15.00
C ASN P 70 2.05 19.25 14.21
N GLU P 71 2.73 19.99 13.35
CA GLU P 71 2.10 21.08 12.59
C GLU P 71 1.66 20.57 11.21
N GLU P 72 0.72 19.64 11.23
CA GLU P 72 0.15 19.06 10.02
C GLU P 72 -1.36 18.96 10.16
N GLY P 73 -2.06 19.07 9.04
CA GLY P 73 -3.51 19.12 9.11
C GLY P 73 -3.97 20.36 9.85
N TYR P 74 -4.99 20.20 10.69
CA TYR P 74 -5.43 21.26 11.58
C TYR P 74 -5.26 20.79 13.02
N PHE P 75 -4.83 21.71 13.87
CA PHE P 75 -4.40 21.36 15.22
C PHE P 75 -4.72 22.52 16.15
N THR P 76 -4.29 22.38 17.41
CA THR P 76 -4.40 23.44 18.40
C THR P 76 -3.02 24.00 18.70
N ALA P 77 -3.02 25.12 19.41
CA ALA P 77 -1.78 25.74 19.83
C ALA P 77 -2.03 26.49 21.13
N ILE P 78 -0.95 26.66 21.91
CA ILE P 78 -0.98 27.47 23.11
C ILE P 78 0.12 28.51 22.96
N LEU P 79 -0.26 29.77 23.03
CA LEU P 79 0.69 30.88 22.95
C LEU P 79 0.94 31.42 24.34
N LEU P 80 2.21 31.69 24.63
CA LEU P 80 2.65 32.15 25.94
C LEU P 80 3.32 33.51 25.80
N LYS P 81 2.83 34.49 26.58
CA LYS P 81 3.42 35.81 26.56
C LYS P 81 4.86 35.76 27.06
N LYS P 82 5.78 36.23 26.24
CA LYS P 82 7.19 36.25 26.63
C LYS P 82 7.42 37.25 27.74
N GLY P 83 8.36 36.93 28.63
CA GLY P 83 8.66 37.76 29.77
C GLY P 83 7.63 37.73 30.87
N ARG P 84 6.63 36.86 30.77
CA ARG P 84 5.55 36.79 31.75
C ARG P 84 5.23 35.33 32.03
N VAL P 85 5.28 34.50 31.00
CA VAL P 85 5.09 33.07 31.11
C VAL P 85 6.40 32.41 30.73
N LYS P 86 6.79 31.40 31.50
CA LYS P 86 8.01 30.65 31.24
C LYS P 86 7.64 29.20 30.97
N PHE P 87 8.05 28.70 29.80
CA PHE P 87 7.76 27.33 29.40
C PHE P 87 8.59 26.36 30.21
N LYS P 88 8.00 25.21 30.52
CA LYS P 88 8.75 24.13 31.13
C LYS P 88 8.71 22.86 30.28
N SER P 89 7.52 22.37 29.96
CA SER P 89 7.40 21.10 29.26
C SER P 89 6.03 21.05 28.57
N GLN P 90 5.87 20.07 27.69
CA GLN P 90 4.63 19.88 26.98
C GLN P 90 4.35 18.39 26.84
N GLU P 91 3.15 18.08 26.37
CA GLU P 91 2.67 16.70 26.34
C GLU P 91 1.37 16.65 25.59
N ILE P 92 1.19 15.62 24.77
CA ILE P 92 -0.01 15.46 23.96
C ILE P 92 -0.65 14.13 24.31
N ILE P 93 -1.88 14.19 24.81
CA ILE P 93 -2.63 13.01 25.24
C ILE P 93 -3.60 12.63 24.11
N PRO P 94 -3.44 11.48 23.47
CA PRO P 94 -4.31 11.15 22.34
C PRO P 94 -5.73 10.85 22.79
N PHE P 95 -6.64 10.92 21.81
CA PHE P 95 -8.00 10.41 21.96
C PHE P 95 -8.10 9.16 21.10
N PRO P 96 -8.06 7.96 21.69
CA PRO P 96 -7.82 6.77 20.87
C PRO P 96 -8.84 6.58 19.76
N ASN P 97 -10.11 6.92 20.00
CA ASN P 97 -11.18 6.67 19.04
C ASN P 97 -11.57 7.93 18.27
N THR P 98 -10.72 8.95 18.25
CA THR P 98 -11.03 10.13 17.45
C THR P 98 -11.01 9.75 15.98
N LYS P 99 -11.96 10.32 15.24
CA LYS P 99 -11.98 10.22 13.79
C LYS P 99 -11.69 11.55 13.12
N MET P 100 -11.31 12.57 13.91
CA MET P 100 -11.05 13.92 13.41
C MET P 100 -9.70 14.43 13.90
N MET P 101 -8.76 13.53 14.19
CA MET P 101 -7.36 13.89 14.44
C MET P 101 -7.21 14.75 15.68
N ARG P 102 -8.14 14.65 16.62
CA ARG P 102 -8.12 15.49 17.82
C ARG P 102 -7.26 14.86 18.90
N ASN P 103 -6.76 15.70 19.79
CA ASN P 103 -5.95 15.27 20.91
C ASN P 103 -6.07 16.30 22.02
N LEU P 104 -5.28 16.13 23.08
CA LEU P 104 -5.28 17.04 24.22
C LEU P 104 -3.86 17.56 24.40
N LEU P 105 -3.68 18.86 24.19
CA LEU P 105 -2.38 19.50 24.30
C LEU P 105 -2.20 20.04 25.71
N CYS P 106 -1.14 19.60 26.39
CA CYS P 106 -0.88 20.02 27.76
C CYS P 106 0.46 20.74 27.80
N VAL P 107 0.46 21.93 28.39
CA VAL P 107 1.67 22.74 28.49
C VAL P 107 1.82 23.18 29.93
N ASN P 108 2.92 22.78 30.56
CA ASN P 108 3.25 23.22 31.91
C ASN P 108 4.12 24.46 31.82
N VAL P 109 3.79 25.48 32.62
CA VAL P 109 4.48 26.76 32.58
C VAL P 109 4.67 27.26 34.02
N SER P 110 5.48 28.31 34.13
CA SER P 110 5.62 29.09 35.34
C SER P 110 5.14 30.50 35.05
N LEU P 111 4.24 31.00 35.90
CA LEU P 111 3.66 32.33 35.75
C LEU P 111 3.47 32.90 37.15
N GLY P 112 3.99 34.09 37.37
CA GLY P 112 3.89 34.70 38.69
C GLY P 112 4.41 33.83 39.81
N GLY P 113 5.46 33.05 39.53
CA GLY P 113 6.08 32.21 40.52
C GLY P 113 5.37 30.91 40.79
N ASN P 114 4.16 30.71 40.25
CA ASN P 114 3.40 29.49 40.47
C ASN P 114 3.41 28.64 39.20
N GLU P 115 3.19 27.35 39.39
CA GLU P 115 3.13 26.42 38.28
C GLU P 115 1.68 26.27 37.81
N PHE P 116 1.49 26.33 36.49
CA PHE P 116 0.22 26.04 35.88
C PHE P 116 0.39 24.91 34.89
N CYS P 117 -0.68 24.15 34.66
CA CYS P 117 -0.76 23.23 33.54
C CYS P 117 -1.88 23.70 32.63
N LEU P 118 -1.51 24.34 31.52
CA LEU P 118 -2.44 24.85 30.53
C LEU P 118 -2.79 23.77 29.54
N MET P 119 -4.08 23.60 29.27
CA MET P 119 -4.56 22.54 28.41
C MET P 119 -5.54 23.10 27.39
N THR P 120 -5.48 22.60 26.17
CA THR P 120 -6.45 22.95 25.16
C THR P 120 -6.73 21.74 24.29
N SER P 121 -7.93 21.74 23.70
CA SER P 121 -8.39 20.61 22.91
C SER P 121 -9.54 21.12 22.05
N HIS P 122 -9.89 20.33 21.05
CA HIS P 122 -10.99 20.63 20.13
C HIS P 122 -11.81 19.35 20.04
N LEU P 123 -12.82 19.22 20.88
CA LEU P 123 -13.47 17.93 21.05
C LEU P 123 -14.30 17.59 19.81
N GLU P 124 -14.58 16.29 19.65
CA GLU P 124 -15.24 15.79 18.46
C GLU P 124 -16.46 16.62 18.10
N SER P 125 -16.58 16.95 16.82
CA SER P 125 -17.56 17.92 16.36
C SER P 125 -18.90 17.25 16.07
N THR P 126 -19.91 18.10 15.86
CA THR P 126 -21.20 17.71 15.31
C THR P 126 -22.04 16.94 16.33
N ARG P 127 -23.34 16.79 16.04
CA ARG P 127 -24.27 16.21 16.98
C ARG P 127 -24.21 14.68 16.97
N GLU P 128 -23.98 14.09 15.79
CA GLU P 128 -23.98 12.63 15.70
C GLU P 128 -22.85 12.01 16.52
N HIS P 129 -21.68 12.64 16.50
CA HIS P 129 -20.51 12.13 17.24
C HIS P 129 -20.55 12.50 18.71
N SER P 130 -21.75 12.60 19.29
CA SER P 130 -21.89 12.97 20.70
C SER P 130 -21.19 11.98 21.63
N ALA P 131 -21.15 10.69 21.25
CA ALA P 131 -20.58 9.68 22.13
C ALA P 131 -19.08 9.83 22.26
N GLU P 132 -18.37 9.99 21.13
CA GLU P 132 -16.94 10.19 21.19
C GLU P 132 -16.58 11.52 21.86
N ARG P 133 -17.44 12.54 21.71
CA ARG P 133 -17.20 13.79 22.43
C ARG P 133 -17.23 13.56 23.94
N ILE P 134 -18.28 12.89 24.44
CA ILE P 134 -18.38 12.63 25.87
C ILE P 134 -17.20 11.77 26.34
N ARG P 135 -16.78 10.80 25.53
CA ARG P 135 -15.61 9.99 25.88
C ARG P 135 -14.38 10.86 26.03
N GLN P 136 -14.19 11.82 25.11
CA GLN P 136 -13.04 12.72 25.18
C GLN P 136 -13.15 13.67 26.36
N LEU P 137 -14.36 14.17 26.64
CA LEU P 137 -14.54 15.03 27.81
C LEU P 137 -14.17 14.31 29.09
N LYS P 138 -14.57 13.03 29.21
CA LYS P 138 -14.19 12.25 30.39
C LYS P 138 -12.67 12.12 30.49
N THR P 139 -12.00 11.98 29.34
CA THR P 139 -10.55 11.95 29.33
C THR P 139 -9.95 13.27 29.80
N VAL P 140 -10.40 14.38 29.19
CA VAL P 140 -9.89 15.70 29.58
C VAL P 140 -10.03 15.89 31.08
N LEU P 141 -11.24 15.68 31.61
CA LEU P 141 -11.49 15.91 33.03
C LEU P 141 -10.65 14.97 33.90
N GLY P 142 -10.54 13.70 33.51
CA GLY P 142 -9.67 12.79 34.24
C GLY P 142 -8.23 13.26 34.26
N LYS P 143 -7.75 13.79 33.13
CA LYS P 143 -6.39 14.29 33.04
C LYS P 143 -6.18 15.54 33.89
N MET P 144 -7.23 16.35 34.07
CA MET P 144 -7.13 17.52 34.93
C MET P 144 -6.86 17.12 36.38
N GLN P 145 -7.56 16.09 36.87
CA GLN P 145 -7.37 15.62 38.24
C GLN P 145 -5.97 15.04 38.45
N GLU P 146 -5.48 14.25 37.49
CA GLU P 146 -4.19 13.58 37.65
C GLU P 146 -3.03 14.54 37.92
N ALA P 147 -3.20 15.83 37.61
CA ALA P 147 -2.12 16.78 37.82
C ALA P 147 -1.76 16.89 39.30
N PRO P 148 -0.51 17.22 39.62
CA PRO P 148 -0.14 17.45 41.03
C PRO P 148 -1.01 18.55 41.64
N ASP P 149 -1.42 18.31 42.89
CA ASP P 149 -2.25 19.28 43.59
C ASP P 149 -1.56 20.63 43.68
N SER P 150 -0.22 20.67 43.72
CA SER P 150 0.51 21.92 43.75
C SER P 150 0.44 22.69 42.43
N THR P 151 -0.01 22.06 41.35
CA THR P 151 -0.18 22.74 40.08
C THR P 151 -1.60 23.28 39.97
N THR P 152 -1.72 24.43 39.33
CA THR P 152 -3.02 25.01 38.98
C THR P 152 -3.34 24.67 37.53
N VAL P 153 -4.52 24.09 37.32
CA VAL P 153 -4.89 23.54 36.02
C VAL P 153 -5.96 24.44 35.40
N ILE P 154 -5.76 24.82 34.15
CA ILE P 154 -6.69 25.61 33.38
C ILE P 154 -6.88 24.94 32.03
N PHE P 155 -8.10 24.48 31.75
CA PHE P 155 -8.47 24.01 30.44
C PHE P 155 -9.31 25.08 29.76
N ALA P 156 -9.03 25.33 28.48
CA ALA P 156 -9.84 26.26 27.71
C ALA P 156 -9.79 25.82 26.26
N GLY P 157 -10.96 25.44 25.72
CA GLY P 157 -11.01 24.92 24.36
C GLY P 157 -12.42 24.96 23.80
N ASP P 158 -12.54 24.43 22.61
CA ASP P 158 -13.82 24.29 21.91
C ASP P 158 -14.32 22.87 22.22
N THR P 159 -15.26 22.78 23.15
CA THR P 159 -15.76 21.49 23.62
C THR P 159 -16.89 20.94 22.76
N ASN P 160 -17.60 21.80 22.02
CA ASN P 160 -18.72 21.39 21.18
C ASN P 160 -19.84 20.75 21.99
N LEU P 161 -19.88 21.04 23.29
CA LEU P 161 -20.84 20.42 24.20
C LEU P 161 -22.22 21.04 24.03
N ARG P 162 -23.24 20.20 24.16
CA ARG P 162 -24.63 20.62 24.23
C ARG P 162 -25.14 20.53 25.66
N ASP P 163 -26.28 21.20 25.91
CA ASP P 163 -26.71 21.48 27.28
C ASP P 163 -26.89 20.23 28.14
N GLN P 164 -26.85 19.04 27.56
CA GLN P 164 -27.06 17.82 28.33
C GLN P 164 -25.79 17.01 28.54
N GLU P 165 -24.84 17.07 27.62
CA GLU P 165 -23.76 16.09 27.58
C GLU P 165 -22.89 16.13 28.83
N VAL P 166 -22.81 17.28 29.51
CA VAL P 166 -21.98 17.35 30.70
C VAL P 166 -22.61 16.54 31.84
N ILE P 167 -23.94 16.46 31.88
CA ILE P 167 -24.60 15.67 32.91
C ILE P 167 -24.32 14.19 32.69
N LYS P 168 -24.36 13.73 31.44
CA LYS P 168 -24.13 12.33 31.13
C LYS P 168 -22.69 11.91 31.36
N CYS P 169 -21.75 12.86 31.36
CA CYS P 169 -20.35 12.57 31.64
C CYS P 169 -20.07 12.39 33.12
N GLY P 170 -21.03 12.68 33.99
CA GLY P 170 -20.83 12.60 35.42
C GLY P 170 -20.60 13.91 36.11
N GLY P 171 -20.71 15.03 35.37
CA GLY P 171 -20.50 16.35 35.95
C GLY P 171 -19.02 16.65 36.16
N LEU P 172 -18.75 17.87 36.53
CA LEU P 172 -17.35 18.25 36.66
C LEU P 172 -16.77 17.68 37.94
N PRO P 173 -15.51 17.21 37.91
CA PRO P 173 -14.94 16.60 39.11
C PRO P 173 -14.91 17.52 40.30
N ASP P 174 -14.45 16.97 41.41
CA ASP P 174 -14.26 17.74 42.62
C ASP P 174 -13.23 18.84 42.37
N ASN P 175 -13.58 20.07 42.76
CA ASN P 175 -12.70 21.22 42.68
C ASN P 175 -12.48 21.73 41.26
N VAL P 176 -13.36 21.36 40.32
CA VAL P 176 -13.30 21.82 38.93
C VAL P 176 -14.46 22.78 38.68
N PHE P 177 -14.14 24.00 38.25
CA PHE P 177 -15.11 25.06 38.00
C PHE P 177 -15.15 25.41 36.52
N ASP P 178 -16.36 25.57 35.98
CA ASP P 178 -16.57 26.25 34.70
C ASP P 178 -16.67 27.75 34.97
N ALA P 179 -15.75 28.53 34.38
CA ALA P 179 -15.66 29.95 34.69
C ALA P 179 -16.98 30.66 34.45
N TRP P 180 -17.61 30.40 33.30
CA TRP P 180 -18.90 31.00 33.02
C TRP P 180 -19.91 30.70 34.12
N GLU P 181 -19.91 29.47 34.64
CA GLU P 181 -20.81 29.14 35.74
C GLU P 181 -20.39 29.83 37.03
N PHE P 182 -19.08 29.93 37.26
CA PHE P 182 -18.57 30.59 38.46
C PHE P 182 -19.07 32.02 38.58
N LEU P 183 -19.15 32.73 37.45
CA LEU P 183 -19.58 34.12 37.45
C LEU P 183 -21.08 34.28 37.43
N GLY P 184 -21.84 33.20 37.43
CA GLY P 184 -23.28 33.27 37.48
C GLY P 184 -23.98 33.14 36.14
N LYS P 185 -23.39 32.44 35.19
CA LYS P 185 -23.98 32.26 33.87
C LYS P 185 -24.40 33.59 33.24
N PRO P 186 -23.48 34.55 33.11
CA PRO P 186 -23.83 35.85 32.53
C PRO P 186 -24.22 35.73 31.07
N LYS P 187 -25.32 36.41 30.70
CA LYS P 187 -25.84 36.31 29.35
C LYS P 187 -24.94 36.97 28.31
N HIS P 188 -24.07 37.90 28.69
CA HIS P 188 -23.38 38.67 27.67
C HIS P 188 -22.35 37.85 26.90
N CYS P 189 -21.88 36.74 27.46
CA CYS P 189 -20.93 35.87 26.78
C CYS P 189 -21.38 34.42 26.81
N GLN P 190 -22.69 34.21 26.82
CA GLN P 190 -23.22 32.85 26.89
C GLN P 190 -22.87 32.07 25.64
N TYR P 191 -23.31 32.55 24.49
CA TYR P 191 -23.08 31.89 23.22
C TYR P 191 -21.76 32.35 22.62
N THR P 192 -20.90 31.38 22.31
CA THR P 192 -19.64 31.63 21.63
C THR P 192 -19.70 31.30 20.15
N TRP P 193 -20.84 30.79 19.70
CA TRP P 193 -21.02 30.35 18.32
C TRP P 193 -22.49 30.60 18.00
N ASP P 194 -22.75 31.65 17.24
CA ASP P 194 -24.09 32.23 17.10
C ASP P 194 -24.26 32.65 15.64
N THR P 195 -24.98 31.83 14.87
CA THR P 195 -25.15 32.08 13.44
C THR P 195 -26.09 33.23 13.14
N LYS P 196 -26.75 33.79 14.15
CA LYS P 196 -27.54 35.00 13.91
C LYS P 196 -26.67 36.24 13.93
N ALA P 197 -25.78 36.34 14.93
CA ALA P 197 -24.88 37.48 15.01
C ALA P 197 -23.62 37.31 14.16
N ASN P 198 -23.30 36.08 13.75
CA ASN P 198 -22.06 35.79 13.02
C ASN P 198 -22.44 35.08 11.74
N ASN P 199 -21.99 35.62 10.60
CA ASN P 199 -22.48 35.19 9.30
C ASN P 199 -21.41 34.49 8.48
N ASN P 200 -20.28 34.14 9.09
CA ASN P 200 -19.18 33.57 8.33
C ASN P 200 -19.58 32.30 7.60
N LEU P 201 -20.37 31.45 8.24
CA LEU P 201 -20.74 30.17 7.63
C LEU P 201 -21.96 30.26 6.72
N ARG P 202 -22.53 31.45 6.53
CA ARG P 202 -23.60 31.68 5.56
C ARG P 202 -24.84 30.83 5.88
N ILE P 203 -25.02 30.48 7.14
CA ILE P 203 -26.15 29.67 7.57
C ILE P 203 -27.38 30.55 7.68
N PRO P 204 -28.49 30.24 6.99
CA PRO P 204 -29.66 31.12 7.04
C PRO P 204 -30.39 31.07 8.37
N ALA P 205 -30.35 29.93 9.06
CA ALA P 205 -31.09 29.75 10.31
C ALA P 205 -30.27 30.24 11.51
N ALA P 206 -30.97 30.49 12.61
CA ALA P 206 -30.35 30.98 13.84
C ALA P 206 -30.10 29.80 14.78
N TYR P 207 -28.83 29.52 15.02
CA TYR P 207 -28.39 28.51 15.97
C TYR P 207 -27.36 29.16 16.89
N LYS P 208 -27.42 28.86 18.18
CA LYS P 208 -26.47 29.45 19.11
C LYS P 208 -26.12 28.45 20.20
N HIS P 209 -24.83 28.37 20.51
CA HIS P 209 -24.31 27.36 21.43
C HIS P 209 -23.09 27.91 22.16
N ARG P 210 -22.94 27.50 23.42
CA ARG P 210 -21.75 27.77 24.21
C ARG P 210 -20.74 26.63 24.04
N PHE P 211 -20.13 26.59 22.86
CA PHE P 211 -19.18 25.51 22.54
C PHE P 211 -17.83 25.71 23.20
N ASP P 212 -17.44 26.95 23.47
CA ASP P 212 -16.11 27.28 23.94
C ASP P 212 -16.19 27.53 25.43
N ARG P 213 -15.31 26.87 26.19
CA ARG P 213 -15.48 26.79 27.64
C ARG P 213 -14.14 26.75 28.36
N ILE P 214 -14.16 27.21 29.61
CA ILE P 214 -12.98 27.29 30.46
C ILE P 214 -13.27 26.50 31.73
N PHE P 215 -12.46 25.47 31.99
CA PHE P 215 -12.53 24.67 33.20
C PHE P 215 -11.22 24.87 33.97
N PHE P 216 -11.31 25.15 35.26
CA PHE P 216 -10.10 25.29 36.06
C PHE P 216 -10.27 24.55 37.37
N ARG P 217 -9.16 24.04 37.88
CA ARG P 217 -9.10 23.34 39.16
C ARG P 217 -8.07 24.02 40.04
N ALA P 218 -8.51 24.47 41.21
CA ALA P 218 -7.61 25.06 42.20
C ALA P 218 -7.94 24.45 43.55
N GLU P 219 -7.03 23.62 44.05
CA GLU P 219 -7.19 22.95 45.33
C GLU P 219 -6.31 23.54 46.43
N GLU P 220 -5.05 23.83 46.13
CA GLU P 220 -4.19 24.46 47.13
C GLU P 220 -4.52 25.93 47.33
N GLY P 221 -5.38 26.49 46.50
CA GLY P 221 -5.90 27.82 46.73
C GLY P 221 -7.21 28.06 46.01
N HIS P 222 -7.39 29.28 45.51
CA HIS P 222 -8.59 29.67 44.80
C HIS P 222 -8.24 30.38 43.51
N LEU P 223 -8.96 30.04 42.44
CA LEU P 223 -8.91 30.76 41.19
C LEU P 223 -10.20 31.54 41.07
N ILE P 224 -10.11 32.86 41.04
CA ILE P 224 -11.32 33.70 41.06
C ILE P 224 -11.51 34.42 39.73
N PRO P 225 -12.32 33.89 38.81
CA PRO P 225 -12.62 34.65 37.60
C PRO P 225 -13.15 36.03 37.92
N GLN P 226 -12.52 37.05 37.33
CA GLN P 226 -12.96 38.42 37.46
C GLN P 226 -13.90 38.83 36.34
N SER P 227 -13.59 38.44 35.10
CA SER P 227 -14.40 38.85 33.97
C SER P 227 -14.28 37.84 32.85
N LEU P 228 -15.31 37.84 32.02
CA LEU P 228 -15.41 36.96 30.88
C LEU P 228 -16.06 37.74 29.75
N ASP P 229 -15.37 37.89 28.62
CA ASP P 229 -15.90 38.71 27.53
C ASP P 229 -15.69 38.03 26.19
N LEU P 230 -16.60 38.32 25.27
CA LEU P 230 -16.44 37.92 23.88
C LEU P 230 -15.39 38.78 23.17
N VAL P 231 -14.67 38.18 22.23
CA VAL P 231 -13.72 38.92 21.40
C VAL P 231 -13.87 38.43 19.95
N GLY P 232 -13.34 39.23 19.03
CA GLY P 232 -13.60 39.01 17.63
C GLY P 232 -14.96 39.47 17.18
N LEU P 233 -15.54 40.44 17.89
CA LEU P 233 -16.86 40.95 17.56
C LEU P 233 -16.85 41.99 16.45
N GLU P 234 -15.70 42.56 16.11
CA GLU P 234 -15.64 43.59 15.08
C GLU P 234 -15.56 42.94 13.72
N LYS P 235 -16.61 43.13 12.92
CA LYS P 235 -16.58 42.70 11.53
C LYS P 235 -15.43 43.35 10.78
N LEU P 236 -14.78 42.59 9.91
CA LEU P 236 -13.59 43.04 9.23
C LEU P 236 -13.95 43.74 7.91
N ASP P 237 -12.95 44.39 7.30
CA ASP P 237 -13.16 45.12 6.05
C ASP P 237 -13.93 44.28 5.03
N CYS P 238 -13.64 42.97 4.98
CA CYS P 238 -14.26 42.07 4.01
C CYS P 238 -15.73 41.75 4.33
N GLY P 239 -16.28 42.26 5.43
CA GLY P 239 -17.65 41.96 5.79
C GLY P 239 -17.84 40.66 6.55
N ARG P 240 -16.76 39.92 6.86
CA ARG P 240 -16.82 38.71 7.66
C ARG P 240 -16.05 38.91 8.95
N PHE P 241 -16.27 38.02 9.88
CA PHE P 241 -15.62 38.11 11.18
C PHE P 241 -14.34 37.29 11.18
N PRO P 242 -13.45 37.54 12.15
CA PRO P 242 -12.22 36.72 12.23
C PRO P 242 -12.49 35.24 12.19
N SER P 243 -13.56 34.78 12.84
CA SER P 243 -13.87 33.37 12.89
C SER P 243 -15.38 33.20 12.94
N ASP P 244 -15.84 31.96 12.76
CA ASP P 244 -17.24 31.67 13.00
C ASP P 244 -17.55 31.54 14.49
N HIS P 245 -16.52 31.46 15.33
CA HIS P 245 -16.65 31.53 16.78
C HIS P 245 -16.22 32.91 17.27
N TRP P 246 -16.84 33.35 18.35
CA TRP P 246 -16.25 34.38 19.17
C TRP P 246 -15.17 33.78 20.06
N GLY P 247 -14.19 34.58 20.39
CA GLY P 247 -13.26 34.20 21.43
C GLY P 247 -13.76 34.56 22.81
N LEU P 248 -13.11 33.98 23.82
CA LEU P 248 -13.34 34.30 25.22
C LEU P 248 -12.07 34.91 25.79
N LEU P 249 -12.20 36.10 26.36
CA LEU P 249 -11.13 36.72 27.14
C LEU P 249 -11.51 36.60 28.61
N CYS P 250 -10.57 36.11 29.41
CA CYS P 250 -10.82 35.85 30.82
C CYS P 250 -9.65 36.36 31.64
N THR P 251 -9.96 37.06 32.73
CA THR P 251 -8.96 37.45 33.71
C THR P 251 -9.31 36.77 35.03
N LEU P 252 -8.30 36.14 35.67
CA LEU P 252 -8.46 35.44 36.93
C LEU P 252 -7.50 35.99 37.96
N ASN P 253 -7.96 36.05 39.22
CA ASN P 253 -7.08 36.30 40.35
C ASN P 253 -6.67 34.98 40.96
N VAL P 254 -5.40 34.88 41.31
CA VAL P 254 -4.82 33.65 41.84
C VAL P 254 -4.56 33.88 43.33
N VAL P 255 -5.21 33.06 44.17
CA VAL P 255 -5.07 33.12 45.62
C VAL P 255 -4.47 31.80 46.09
N LEU P 256 -3.20 31.80 46.47
CA LEU P 256 -2.54 30.58 46.96
C LEU P 256 -1.53 30.89 48.07
P PO4 R . 3.12 -49.21 -11.65
O1 PO4 R . 3.57 -48.52 -10.38
O2 PO4 R . 1.64 -48.98 -11.85
O3 PO4 R . 3.40 -50.69 -11.58
O4 PO4 R . 3.90 -48.64 -12.83
C1 EDO S . 2.40 -68.71 1.50
O1 EDO S . 2.49 -68.71 2.93
C2 EDO S . 1.10 -69.39 1.08
O2 EDO S . 1.38 -70.77 0.79
C1 EDO T . 9.30 -63.24 4.38
O1 EDO T . 9.06 -62.98 2.99
C2 EDO T . 8.05 -63.88 4.99
O2 EDO T . 8.41 -64.73 6.09
P PO4 U . -8.34 24.72 -12.03
O1 PO4 U . -7.40 24.40 -10.89
O2 PO4 U . -8.91 26.12 -11.80
O3 PO4 U . -9.48 23.73 -12.09
O4 PO4 U . -7.59 24.68 -13.33
C1 EDO V . -0.19 45.82 -20.90
O1 EDO V . 0.40 44.99 -21.91
C2 EDO V . -1.15 46.80 -21.56
O2 EDO V . -2.26 46.04 -22.04
C1 EDO W . 12.96 30.70 -30.62
O1 EDO W . 12.97 29.55 -31.47
C2 EDO W . 14.21 31.54 -30.88
O2 EDO W . 14.13 32.10 -32.19
C1 EDO X . 0.67 42.68 -5.40
O1 EDO X . 1.34 41.46 -5.79
C2 EDO X . 0.23 42.61 -3.95
O2 EDO X . 1.37 42.78 -3.10
P PO4 Y . -27.92 -25.88 -18.70
O1 PO4 Y . -26.70 -26.41 -17.98
O2 PO4 Y . -27.61 -25.78 -20.17
O3 PO4 Y . -28.22 -24.50 -18.13
O4 PO4 Y . -29.11 -26.80 -18.50
CL CL Z . -36.83 -14.74 0.85
P PO4 AA . -29.93 -24.33 -22.53
O1 PO4 AA . -30.68 -23.66 -21.40
O2 PO4 AA . -28.70 -23.51 -22.86
O3 PO4 AA . -29.50 -25.73 -22.11
O4 PO4 AA . -30.87 -24.41 -23.71
P PO4 BA . -22.11 -2.87 -27.87
O1 PO4 BA . -21.33 -1.89 -27.03
O2 PO4 BA . -23.33 -3.33 -27.10
O3 PO4 BA . -21.22 -4.07 -28.19
O4 PO4 BA . -22.56 -2.20 -29.15
C1 EDO CA . -11.34 -15.38 -46.26
O1 EDO CA . -12.32 -14.79 -45.42
C2 EDO CA . -10.15 -15.75 -45.39
O2 EDO CA . -10.53 -16.89 -44.61
C1 EDO DA . -37.11 4.64 -54.51
O1 EDO DA . -38.17 4.79 -53.54
C2 EDO DA . -36.83 5.97 -55.20
O2 EDO DA . -35.75 5.83 -56.13
C1 EDO EA . -41.48 1.41 -55.87
O1 EDO EA . -40.99 2.70 -55.48
C2 EDO EA . -42.91 1.55 -56.39
O2 EDO EA . -43.56 2.62 -55.70
C1 EDO FA . -39.08 4.74 -25.40
O1 EDO FA . -38.42 3.66 -24.73
C2 EDO FA . -40.22 4.19 -26.25
O2 EDO FA . -40.78 5.24 -27.06
P PO4 GA . 43.31 0.68 19.72
O1 PO4 GA . 42.64 0.45 21.06
O2 PO4 GA . 42.22 0.86 18.68
O3 PO4 GA . 44.20 -0.50 19.39
O4 PO4 GA . 44.14 1.94 19.76
C1 EDO HA . 47.38 8.39 -9.87
O1 EDO HA . 48.37 8.64 -10.88
C2 EDO HA . 47.99 8.59 -8.49
O2 EDO HA . 46.97 8.85 -7.51
CL CL IA . 54.06 -10.07 0.78
P PO4 JA . 58.78 30.54 35.43
O1 PO4 JA . 58.18 30.04 36.73
O2 PO4 JA . 57.96 30.02 34.28
O3 PO4 JA . 60.22 30.04 35.28
O4 PO4 JA . 58.79 32.05 35.44
C1 EDO KA . 67.13 50.12 25.03
O1 EDO KA . 68.38 50.82 24.99
C2 EDO KA . 66.04 51.14 25.34
O2 EDO KA . 66.01 52.13 24.29
P PO4 LA . -37.56 -3.89 12.84
O1 PO4 LA . -38.09 -4.14 14.24
O2 PO4 LA . -36.34 -2.98 12.93
O3 PO4 LA . -37.14 -5.21 12.20
O4 PO4 LA . -38.63 -3.22 11.99
C1 EDO MA . -34.12 -16.19 -7.47
O1 EDO MA . -33.34 -16.58 -8.62
C2 EDO MA . -34.90 -14.94 -7.81
O2 EDO MA . -35.47 -15.13 -9.11
C1 EDO NA . -41.41 4.92 -14.63
O1 EDO NA . -41.42 6.12 -15.41
C2 EDO NA . -42.42 3.94 -15.20
O2 EDO NA . -42.39 4.02 -16.63
P PO4 OA . -24.88 24.59 24.59
O1 PO4 OA . -25.10 23.84 25.88
O2 PO4 OA . -25.22 26.06 24.81
O3 PO4 OA . -25.76 24.04 23.49
O4 PO4 OA . -23.41 24.46 24.21
CL CL PA . -19.29 45.28 14.01
#